data_4CQX
#
_entry.id   4CQX
#
_cell.length_a   87.824
_cell.length_b   117.104
_cell.length_c   101.275
_cell.angle_alpha   90.00
_cell.angle_beta   92.58
_cell.angle_gamma   90.00
#
_symmetry.space_group_name_H-M   'P 1 21 1'
#
loop_
_entity.id
_entity.type
_entity.pdbx_description
1 polymer 'HAEMAGGLUTININ HA1'
2 polymer 'HAEMAGGLUTININ HA2'
3 branched 'N-acetyl-alpha-neuraminic acid-(2-6)-beta-D-galactopyranose-(1-4)-2-acetamido-2-deoxy-beta-D-glucopyranose'
4 non-polymer 2-acetamido-2-deoxy-beta-D-glucopyranose
5 non-polymer 'PHOSPHATE ION'
6 water water
#
loop_
_entity_poly.entity_id
_entity_poly.type
_entity_poly.pdbx_seq_one_letter_code
_entity_poly.pdbx_strand_id
1 'polypeptide(L)'
;DPDQICIGYHANNSTEQVDTIMEKNVTVTHAQDILEKTHNGKLCDLDGVKPLILRDCSVAGWLLGNPMCDEFLNVPEWSY
IVEKINPANDLCYPGNFNDYEELKHLLSRINHFEKIQIIPKSSWSDHEASGVSSACPYQGRSSFFRNVVWLTKKDNAYPT
IKRSYNNTNQEDLLVLWGIHHPNDAAEQTRLYQNPTTYISVGTSTLNQRLVPKIATRSKVNGQSGRMEFFWTILKPNDAI
NFESNGNFIAPENAYKIVKKGDSTIMKSELEYGNCNTKCQTPIGAINSSMPFHNIHPLTIGECPKYVKSSRLVLATGLRN
SPQRETR
;
A,C,E
2 'polypeptide(L)'
;GLFGAIAGFIEGGWQGMVDGWYGYHHSNEQGSGYAADKESTQKAIDGVTNKVNSIIDKMNTQFEAVGREFNNLERRIENL
NKKMEDGFLDVWTYNAELLVLMENERTLDFHDSNVKNLYDKVRLQLRDNAKELGNGCFEFYHRCDNECMESVRNGTYDYP
QYSEEA
;
B,D,F
#
loop_
_chem_comp.id
_chem_comp.type
_chem_comp.name
_chem_comp.formula
GAL D-saccharide, beta linking beta-D-galactopyranose 'C6 H12 O6'
NAG D-saccharide, beta linking 2-acetamido-2-deoxy-beta-D-glucopyranose 'C8 H15 N O6'
PO4 non-polymer 'PHOSPHATE ION' 'O4 P -3'
SIA D-saccharide, alpha linking 'N-acetyl-alpha-neuraminic acid' 'C11 H19 N O9'
#
# COMPACT_ATOMS: atom_id res chain seq x y z
N ASP A 1 36.05 54.12 21.37
CA ASP A 1 36.78 54.98 20.38
C ASP A 1 37.54 54.23 19.25
N PRO A 2 38.28 53.14 19.58
CA PRO A 2 38.90 52.40 18.47
C PRO A 2 37.88 51.82 17.48
N ASP A 3 38.31 51.69 16.23
CA ASP A 3 37.45 51.16 15.17
C ASP A 3 37.12 49.69 15.43
N GLN A 4 35.96 49.25 14.97
CA GLN A 4 35.63 47.83 15.04
C GLN A 4 34.67 47.36 13.95
N ILE A 5 34.73 46.07 13.68
CA ILE A 5 33.84 45.45 12.71
C ILE A 5 33.20 44.24 13.35
N CYS A 6 31.91 44.08 13.09
CA CYS A 6 31.14 43.01 13.70
C CYS A 6 30.47 42.15 12.67
N ILE A 7 30.37 40.87 13.00
CA ILE A 7 29.66 39.89 12.19
C ILE A 7 28.33 39.60 12.86
N GLY A 8 27.27 39.60 12.07
CA GLY A 8 25.95 39.30 12.59
C GLY A 8 24.96 38.81 11.56
N TYR A 9 23.71 38.73 11.98
CA TYR A 9 22.66 38.13 11.17
C TYR A 9 21.35 38.89 11.29
N HIS A 10 20.44 38.60 10.37
CA HIS A 10 19.19 39.35 10.21
C HIS A 10 18.17 38.97 11.28
N ALA A 11 17.51 40.01 11.82
CA ALA A 11 16.33 39.83 12.66
C ALA A 11 15.22 40.75 12.12
N ASN A 12 13.97 40.43 12.43
CA ASN A 12 12.84 41.26 12.00
C ASN A 12 11.70 41.14 13.01
N ASN A 13 10.51 41.62 12.66
CA ASN A 13 9.35 41.50 13.56
C ASN A 13 8.49 40.26 13.29
N SER A 14 9.02 39.29 12.57
CA SER A 14 8.25 38.09 12.23
C SER A 14 7.86 37.31 13.49
N THR A 15 6.61 36.85 13.51
CA THR A 15 6.17 35.91 14.53
C THR A 15 5.88 34.55 13.94
N GLU A 16 6.21 34.34 12.67
CA GLU A 16 6.02 33.02 12.03
C GLU A 16 6.77 31.95 12.79
N GLN A 17 6.11 30.80 12.95
CA GLN A 17 6.64 29.66 13.66
C GLN A 17 6.70 28.40 12.79
N VAL A 18 7.74 27.60 13.02
CA VAL A 18 7.87 26.29 12.41
C VAL A 18 8.24 25.29 13.47
N ASP A 19 8.16 24.01 13.10
CA ASP A 19 8.53 22.91 13.96
C ASP A 19 9.76 22.17 13.43
N THR A 20 10.47 21.55 14.37
CA THR A 20 11.56 20.63 14.11
C THR A 20 11.39 19.41 15.00
N ILE A 21 12.26 18.42 14.86
CA ILE A 21 12.18 17.21 15.69
C ILE A 21 12.40 17.57 17.16
N MET A 22 13.44 18.35 17.43
CA MET A 22 13.81 18.66 18.81
C MET A 22 13.09 19.84 19.44
N GLU A 23 12.32 20.59 18.66
CA GLU A 23 11.76 21.84 19.15
C GLU A 23 10.53 22.23 18.33
N LYS A 24 9.48 22.68 19.02
CA LYS A 24 8.25 23.13 18.38
C LYS A 24 8.12 24.64 18.51
N ASN A 25 7.32 25.24 17.62
CA ASN A 25 6.98 26.66 17.72
C ASN A 25 8.25 27.53 17.77
N VAL A 26 9.14 27.32 16.80
CA VAL A 26 10.38 28.09 16.70
C VAL A 26 10.12 29.31 15.84
N THR A 27 10.37 30.49 16.39
CA THR A 27 10.13 31.71 15.64
C THR A 27 11.27 31.91 14.64
N VAL A 28 10.89 32.21 13.40
CA VAL A 28 11.85 32.37 12.31
C VAL A 28 11.58 33.65 11.53
N THR A 29 12.61 34.17 10.86
CA THR A 29 12.47 35.44 10.15
C THR A 29 11.57 35.28 8.93
N HIS A 30 11.67 34.12 8.29
CA HIS A 30 10.86 33.80 7.10
C HIS A 30 10.44 32.33 7.11
N ALA A 31 9.24 32.05 6.63
CA ALA A 31 8.76 30.69 6.51
C ALA A 31 7.86 30.57 5.29
N GLN A 32 7.69 29.36 4.78
CA GLN A 32 6.87 29.14 3.60
C GLN A 32 5.82 28.06 3.86
N ASP A 33 4.57 28.49 3.86
CA ASP A 33 3.45 27.59 4.01
C ASP A 33 3.32 26.86 2.69
N ILE A 34 3.21 25.53 2.77
CA ILE A 34 3.05 24.71 1.56
C ILE A 34 1.77 23.86 1.57
N LEU A 35 0.81 24.23 2.41
CA LEU A 35 -0.43 23.48 2.55
C LEU A 35 -1.66 24.33 2.28
N GLU A 36 -2.34 24.06 1.17
CA GLU A 36 -3.61 24.70 0.88
C GLU A 36 -4.70 24.13 1.76
N LYS A 37 -5.40 25.01 2.46
CA LYS A 37 -6.38 24.62 3.46
C LYS A 37 -7.79 25.12 3.16
N THR A 38 -7.98 25.80 2.03
CA THR A 38 -9.28 26.39 1.72
C THR A 38 -9.85 25.94 0.38
N HIS A 39 -11.17 26.02 0.27
CA HIS A 39 -11.89 25.65 -0.94
C HIS A 39 -13.13 26.52 -1.05
N ASN A 40 -13.69 26.62 -2.25
CA ASN A 40 -14.78 27.54 -2.51
C ASN A 40 -16.17 26.96 -2.23
N GLY A 41 -16.23 25.72 -1.79
CA GLY A 41 -17.48 25.12 -1.33
C GLY A 41 -18.48 24.86 -2.44
N LYS A 42 -18.01 24.82 -3.68
CA LYS A 42 -18.87 24.70 -4.85
C LYS A 42 -18.42 23.61 -5.82
N LEU A 43 -19.35 23.13 -6.65
CA LEU A 43 -19.03 22.26 -7.76
C LEU A 43 -18.99 23.08 -9.05
N CYS A 44 -17.89 22.99 -9.79
CA CYS A 44 -17.64 23.85 -10.93
C CYS A 44 -17.37 23.09 -12.22
N ASP A 45 -17.27 23.84 -13.32
CA ASP A 45 -16.78 23.30 -14.59
C ASP A 45 -15.32 22.96 -14.39
N LEU A 46 -14.84 21.94 -15.08
CA LEU A 46 -13.45 21.53 -14.96
C LEU A 46 -12.73 21.90 -16.25
N ASP A 47 -11.94 22.97 -16.16
CA ASP A 47 -11.22 23.49 -17.32
C ASP A 47 -12.20 23.75 -18.48
N GLY A 48 -13.30 24.43 -18.15
CA GLY A 48 -14.30 24.83 -19.14
C GLY A 48 -15.42 23.84 -19.43
N VAL A 49 -15.31 22.60 -18.93
CA VAL A 49 -16.30 21.56 -19.20
C VAL A 49 -17.22 21.32 -18.00
N LYS A 50 -18.52 21.50 -18.20
CA LYS A 50 -19.47 21.33 -17.11
C LYS A 50 -19.59 19.85 -16.72
N PRO A 51 -19.83 19.58 -15.43
CA PRO A 51 -20.08 18.22 -15.04
C PRO A 51 -21.52 17.78 -15.34
N LEU A 52 -21.79 16.51 -15.11
CA LEU A 52 -23.14 15.98 -15.14
C LEU A 52 -23.60 15.87 -13.69
N ILE A 53 -24.54 16.74 -13.31
CA ILE A 53 -25.09 16.77 -11.97
C ILE A 53 -26.42 16.04 -11.99
N LEU A 54 -26.46 14.85 -11.40
CA LEU A 54 -27.62 13.97 -11.56
C LEU A 54 -28.80 14.36 -10.67
N ARG A 55 -28.57 15.32 -9.76
CA ARG A 55 -29.60 15.83 -8.87
C ARG A 55 -30.18 14.71 -8.01
N ASP A 56 -31.47 14.41 -8.15
CA ASP A 56 -32.08 13.34 -7.36
C ASP A 56 -32.03 11.98 -8.05
N CYS A 57 -31.45 11.91 -9.25
CA CYS A 57 -31.42 10.67 -10.03
C CYS A 57 -30.12 9.89 -9.85
N SER A 58 -30.24 8.57 -9.90
CA SER A 58 -29.07 7.69 -9.87
C SER A 58 -28.61 7.42 -11.29
N VAL A 59 -27.41 6.86 -11.43
CA VAL A 59 -26.91 6.40 -12.72
C VAL A 59 -27.92 5.43 -13.35
N ALA A 60 -28.37 4.42 -12.60
CA ALA A 60 -29.39 3.51 -13.10
C ALA A 60 -30.62 4.27 -13.59
N GLY A 61 -31.12 5.19 -12.77
CA GLY A 61 -32.31 5.97 -13.10
C GLY A 61 -32.12 6.74 -14.40
N TRP A 62 -30.92 7.29 -14.58
CA TRP A 62 -30.58 8.02 -15.80
C TRP A 62 -30.55 7.11 -17.03
N LEU A 63 -29.81 6.01 -16.93
CA LEU A 63 -29.54 5.17 -18.09
C LEU A 63 -30.76 4.40 -18.57
N LEU A 64 -31.56 3.92 -17.62
CA LEU A 64 -32.77 3.18 -17.97
C LEU A 64 -33.88 4.11 -18.44
N GLY A 65 -33.81 5.36 -18.00
CA GLY A 65 -34.81 6.35 -18.34
C GLY A 65 -36.01 6.38 -17.42
N ASN A 66 -35.77 6.29 -16.11
CA ASN A 66 -36.80 6.59 -15.13
C ASN A 66 -37.48 7.89 -15.54
N PRO A 67 -38.83 7.91 -15.62
CA PRO A 67 -39.51 9.13 -16.08
C PRO A 67 -39.16 10.38 -15.28
N MET A 68 -38.89 10.21 -13.98
CA MET A 68 -38.49 11.33 -13.12
C MET A 68 -37.15 11.95 -13.53
N CYS A 69 -36.41 11.29 -14.41
CA CYS A 69 -35.09 11.73 -14.82
C CYS A 69 -35.02 12.26 -16.26
N ASP A 70 -36.16 12.61 -16.85
CA ASP A 70 -36.19 13.09 -18.24
C ASP A 70 -35.22 14.24 -18.53
N GLU A 71 -34.83 14.96 -17.49
CA GLU A 71 -33.76 15.96 -17.56
C GLU A 71 -32.51 15.42 -18.28
N PHE A 72 -32.22 14.13 -18.09
CA PHE A 72 -30.98 13.53 -18.59
C PHE A 72 -31.18 12.55 -19.76
N LEU A 73 -32.12 12.85 -20.65
CA LEU A 73 -32.42 11.94 -21.77
C LEU A 73 -31.35 11.93 -22.87
N ASN A 74 -30.69 13.07 -23.06
CA ASN A 74 -29.59 13.19 -24.01
C ASN A 74 -28.61 14.23 -23.53
N VAL A 75 -27.85 13.86 -22.52
CA VAL A 75 -26.97 14.82 -21.85
C VAL A 75 -25.80 15.17 -22.73
N PRO A 76 -25.35 16.43 -22.65
CA PRO A 76 -24.13 16.78 -23.34
C PRO A 76 -22.90 16.24 -22.63
N GLU A 77 -21.76 16.42 -23.29
CA GLU A 77 -20.46 16.03 -22.78
C GLU A 77 -20.23 16.53 -21.35
N TRP A 78 -19.63 15.68 -20.52
CA TRP A 78 -19.35 16.03 -19.14
C TRP A 78 -17.87 15.85 -18.78
N SER A 79 -17.45 16.53 -17.72
CA SER A 79 -16.09 16.44 -17.21
C SER A 79 -16.02 15.45 -16.07
N TYR A 80 -17.08 15.43 -15.26
CA TYR A 80 -17.24 14.41 -14.24
C TYR A 80 -18.72 14.27 -13.88
N ILE A 81 -19.02 13.26 -13.08
CA ILE A 81 -20.39 12.95 -12.72
C ILE A 81 -20.55 13.09 -11.22
N VAL A 82 -21.63 13.78 -10.82
CA VAL A 82 -21.97 13.93 -9.42
C VAL A 82 -23.26 13.20 -9.11
N GLU A 83 -23.23 12.41 -8.04
CA GLU A 83 -24.37 11.63 -7.61
C GLU A 83 -24.52 11.80 -6.11
N LYS A 84 -25.76 11.96 -5.64
CA LYS A 84 -26.02 12.05 -4.19
C LYS A 84 -25.78 10.70 -3.52
N ILE A 85 -25.70 10.68 -2.20
CA ILE A 85 -25.39 9.43 -1.51
C ILE A 85 -26.51 8.41 -1.73
N ASN A 86 -27.76 8.81 -1.54
CA ASN A 86 -28.91 7.94 -1.83
C ASN A 86 -29.92 8.69 -2.68
N PRO A 87 -29.77 8.64 -4.01
CA PRO A 87 -30.70 9.32 -4.91
C PRO A 87 -32.11 8.76 -4.78
N ALA A 88 -33.11 9.64 -4.85
CA ALA A 88 -34.51 9.26 -4.70
C ALA A 88 -35.01 8.49 -5.92
N ASN A 89 -34.52 8.88 -7.09
CA ASN A 89 -35.01 8.38 -8.36
C ASN A 89 -34.05 7.37 -8.96
N ASP A 90 -34.29 6.11 -8.64
CA ASP A 90 -33.42 5.02 -9.05
C ASP A 90 -34.27 4.05 -9.88
N LEU A 91 -34.49 2.84 -9.39
CA LEU A 91 -35.34 1.88 -10.07
C LEU A 91 -36.76 2.12 -9.58
N CYS A 92 -37.54 2.84 -10.40
CA CYS A 92 -38.89 3.19 -10.01
C CYS A 92 -39.70 1.91 -9.83
N TYR A 93 -39.63 1.03 -10.83
CA TYR A 93 -40.10 -0.33 -10.67
C TYR A 93 -39.01 -1.12 -9.95
N PRO A 94 -39.32 -1.70 -8.79
CA PRO A 94 -38.26 -2.25 -7.96
C PRO A 94 -37.53 -3.43 -8.59
N GLY A 95 -36.33 -3.69 -8.11
CA GLY A 95 -35.55 -4.84 -8.54
C GLY A 95 -34.06 -4.57 -8.36
N ASN A 96 -33.27 -4.89 -9.38
CA ASN A 96 -31.83 -4.64 -9.32
C ASN A 96 -31.20 -4.56 -10.70
N PHE A 97 -29.99 -4.01 -10.71
CA PHE A 97 -29.24 -3.78 -11.91
C PHE A 97 -28.03 -4.68 -11.78
N ASN A 98 -27.91 -5.63 -12.68
CA ASN A 98 -26.85 -6.63 -12.60
C ASN A 98 -25.47 -6.03 -12.93
N ASP A 99 -24.46 -6.39 -12.13
CA ASP A 99 -23.11 -5.85 -12.30
C ASP A 99 -23.12 -4.31 -12.37
N TYR A 100 -23.84 -3.68 -11.46
CA TYR A 100 -24.07 -2.24 -11.49
C TYR A 100 -22.78 -1.44 -11.26
N GLU A 101 -21.99 -1.90 -10.30
CA GLU A 101 -20.77 -1.27 -9.92
C GLU A 101 -19.74 -1.37 -11.03
N GLU A 102 -19.71 -2.49 -11.76
CA GLU A 102 -18.81 -2.63 -12.90
C GLU A 102 -19.22 -1.70 -14.03
N LEU A 103 -20.51 -1.45 -14.19
CA LEU A 103 -20.98 -0.49 -15.19
C LEU A 103 -20.58 0.93 -14.80
N LYS A 104 -20.75 1.25 -13.52
CA LYS A 104 -20.33 2.55 -13.04
C LYS A 104 -18.85 2.76 -13.27
N HIS A 105 -18.06 1.70 -13.08
CA HIS A 105 -16.64 1.79 -13.31
C HIS A 105 -16.30 2.16 -14.75
N LEU A 106 -17.05 1.63 -15.72
CA LEU A 106 -16.93 2.04 -17.12
C LEU A 106 -17.14 3.53 -17.32
N LEU A 107 -18.15 4.09 -16.67
CA LEU A 107 -18.45 5.52 -16.81
C LEU A 107 -17.27 6.36 -16.45
N SER A 108 -16.55 5.95 -15.42
CA SER A 108 -15.35 6.67 -15.01
C SER A 108 -14.33 6.86 -16.13
N ARG A 109 -14.48 6.14 -17.25
CA ARG A 109 -13.64 6.34 -18.43
C ARG A 109 -14.41 6.87 -19.64
N ILE A 110 -15.62 7.39 -19.40
CA ILE A 110 -16.48 7.91 -20.47
C ILE A 110 -16.91 9.35 -20.18
N ASN A 111 -16.90 10.19 -21.22
CA ASN A 111 -17.34 11.58 -21.13
C ASN A 111 -18.59 11.92 -21.93
N HIS A 112 -19.00 11.04 -22.85
CA HIS A 112 -20.19 11.34 -23.64
C HIS A 112 -20.84 10.14 -24.30
N PHE A 113 -22.18 10.13 -24.30
CA PHE A 113 -22.98 9.17 -25.06
C PHE A 113 -23.76 9.91 -26.12
N GLU A 114 -24.06 9.21 -27.21
CA GLU A 114 -25.13 9.60 -28.13
C GLU A 114 -26.15 8.48 -28.04
N LYS A 115 -27.28 8.77 -27.42
CA LYS A 115 -28.31 7.76 -27.23
C LYS A 115 -29.03 7.59 -28.55
N ILE A 116 -29.22 6.34 -29.00
CA ILE A 116 -29.94 6.07 -30.24
C ILE A 116 -31.05 5.04 -30.06
N GLN A 117 -32.10 5.18 -30.88
CA GLN A 117 -33.16 4.18 -30.95
C GLN A 117 -32.68 2.98 -31.75
N ILE A 118 -32.65 1.80 -31.13
CA ILE A 118 -32.23 0.58 -31.84
C ILE A 118 -33.38 -0.39 -32.14
N ILE A 119 -34.41 -0.42 -31.29
CA ILE A 119 -35.62 -1.21 -31.54
C ILE A 119 -36.87 -0.38 -31.25
N PRO A 120 -37.55 0.13 -32.27
CA PRO A 120 -38.66 1.04 -31.99
C PRO A 120 -39.89 0.34 -31.44
N LYS A 121 -40.54 0.98 -30.46
CA LYS A 121 -41.83 0.52 -29.90
C LYS A 121 -42.84 0.12 -30.96
N SER A 122 -42.95 0.92 -32.02
CA SER A 122 -43.90 0.66 -33.10
C SER A 122 -43.63 -0.65 -33.86
N SER A 123 -42.48 -1.29 -33.64
CA SER A 123 -42.10 -2.47 -34.40
C SER A 123 -42.55 -3.79 -33.78
N TRP A 124 -43.35 -3.73 -32.71
CA TRP A 124 -43.84 -4.93 -32.03
C TRP A 124 -45.30 -5.20 -32.42
N SER A 125 -45.50 -5.99 -33.45
CA SER A 125 -46.83 -6.24 -34.01
C SER A 125 -47.66 -7.28 -33.26
N ASP A 126 -47.03 -8.33 -32.76
CA ASP A 126 -47.73 -9.44 -32.13
C ASP A 126 -47.68 -9.40 -30.60
N HIS A 127 -47.17 -8.30 -30.06
CA HIS A 127 -47.09 -8.11 -28.62
C HIS A 127 -47.55 -6.71 -28.28
N GLU A 128 -47.99 -6.53 -27.05
CA GLU A 128 -48.27 -5.19 -26.53
C GLU A 128 -46.97 -4.62 -25.97
N ALA A 129 -46.66 -3.39 -26.36
CA ALA A 129 -45.43 -2.74 -25.93
C ALA A 129 -45.71 -1.57 -24.98
N SER A 130 -46.97 -1.40 -24.60
CA SER A 130 -47.40 -0.21 -23.87
C SER A 130 -47.50 -0.41 -22.35
N GLY A 131 -46.78 -1.39 -21.81
CA GLY A 131 -46.88 -1.70 -20.38
C GLY A 131 -46.38 -0.58 -19.48
N VAL A 132 -47.15 -0.27 -18.44
CA VAL A 132 -46.80 0.76 -17.47
C VAL A 132 -47.03 0.26 -16.04
N SER A 133 -46.58 1.06 -15.08
CA SER A 133 -46.77 0.78 -13.66
C SER A 133 -46.94 2.05 -12.87
N SER A 134 -47.78 1.97 -11.83
CA SER A 134 -47.91 3.06 -10.87
C SER A 134 -46.60 3.31 -10.10
N ALA A 135 -45.68 2.36 -10.16
CA ALA A 135 -44.36 2.53 -9.53
C ALA A 135 -43.49 3.55 -10.27
N CYS A 136 -43.82 3.84 -11.53
CA CYS A 136 -43.08 4.79 -12.35
C CYS A 136 -44.03 5.87 -12.87
N PRO A 137 -44.54 6.72 -11.97
CA PRO A 137 -45.44 7.77 -12.43
C PRO A 137 -44.73 8.79 -13.30
N TYR A 138 -45.48 9.44 -14.20
CA TYR A 138 -45.02 10.63 -14.91
C TYR A 138 -46.20 11.55 -15.14
N GLN A 139 -46.09 12.77 -14.63
CA GLN A 139 -47.21 13.71 -14.58
C GLN A 139 -48.47 13.05 -14.01
N GLY A 140 -48.29 12.28 -12.94
CA GLY A 140 -49.41 11.65 -12.23
C GLY A 140 -50.10 10.47 -12.88
N ARG A 141 -49.65 10.06 -14.08
CA ARG A 141 -50.18 8.87 -14.77
C ARG A 141 -49.13 7.78 -14.73
N SER A 142 -49.58 6.53 -14.63
CA SER A 142 -48.65 5.41 -14.66
C SER A 142 -47.84 5.46 -15.95
N SER A 143 -46.56 5.16 -15.84
CA SER A 143 -45.66 5.21 -16.97
C SER A 143 -44.64 4.08 -16.83
N PHE A 144 -43.51 4.22 -17.52
CA PHE A 144 -42.46 3.20 -17.49
C PHE A 144 -41.16 3.84 -17.92
N PHE A 145 -40.06 3.13 -17.68
CA PHE A 145 -38.74 3.55 -18.15
C PHE A 145 -38.77 3.93 -19.63
N ARG A 146 -38.02 4.95 -19.99
CA ARG A 146 -38.08 5.46 -21.36
C ARG A 146 -37.24 4.67 -22.37
N ASN A 147 -36.17 4.03 -21.91
CA ASN A 147 -35.22 3.41 -22.85
C ASN A 147 -35.41 1.92 -23.04
N VAL A 148 -36.35 1.35 -22.30
CA VAL A 148 -36.74 -0.03 -22.46
C VAL A 148 -38.26 -0.13 -22.54
N VAL A 149 -38.74 -1.31 -22.92
CA VAL A 149 -40.15 -1.51 -23.23
C VAL A 149 -40.68 -2.80 -22.57
N TRP A 150 -41.78 -2.65 -21.84
CA TRP A 150 -42.43 -3.78 -21.17
C TRP A 150 -43.36 -4.47 -22.16
N LEU A 151 -42.95 -5.63 -22.65
CA LEU A 151 -43.77 -6.39 -23.60
C LEU A 151 -44.75 -7.31 -22.87
N THR A 152 -45.99 -7.35 -23.34
CA THR A 152 -46.96 -8.29 -22.79
C THR A 152 -47.75 -9.00 -23.89
N LYS A 153 -48.49 -10.03 -23.49
CA LYS A 153 -49.26 -10.83 -24.44
C LYS A 153 -50.28 -9.96 -25.19
N LYS A 154 -50.64 -10.41 -26.38
CA LYS A 154 -51.65 -9.73 -27.19
C LYS A 154 -52.63 -10.79 -27.69
N ASP A 155 -53.91 -10.56 -27.40
CA ASP A 155 -54.98 -11.52 -27.69
C ASP A 155 -54.66 -12.91 -27.11
N ASN A 156 -54.37 -12.94 -25.81
CA ASN A 156 -54.06 -14.17 -25.08
C ASN A 156 -52.99 -15.02 -25.75
N ALA A 157 -51.99 -14.37 -26.34
CA ALA A 157 -50.89 -15.07 -27.01
C ALA A 157 -49.62 -14.25 -26.95
N TYR A 158 -48.52 -14.92 -26.58
CA TYR A 158 -47.20 -14.32 -26.59
C TYR A 158 -46.31 -15.18 -27.49
N PRO A 159 -46.33 -14.90 -28.81
CA PRO A 159 -45.53 -15.72 -29.71
C PRO A 159 -44.04 -15.51 -29.44
N THR A 160 -43.24 -16.53 -29.71
CA THR A 160 -41.80 -16.44 -29.45
C THR A 160 -41.21 -15.26 -30.22
N ILE A 161 -40.46 -14.42 -29.51
CA ILE A 161 -39.80 -13.27 -30.10
C ILE A 161 -38.44 -13.68 -30.63
N LYS A 162 -38.07 -13.13 -31.79
CA LYS A 162 -36.72 -13.26 -32.33
C LYS A 162 -36.32 -11.94 -32.97
N ARG A 163 -35.47 -11.18 -32.29
CA ARG A 163 -34.97 -9.91 -32.83
C ARG A 163 -33.46 -9.81 -32.71
N SER A 164 -32.85 -9.23 -33.74
CA SER A 164 -31.43 -8.97 -33.75
C SER A 164 -31.21 -7.50 -33.96
N TYR A 165 -30.11 -7.00 -33.40
CA TYR A 165 -29.59 -5.70 -33.80
C TYR A 165 -28.11 -5.85 -34.12
N ASN A 166 -27.70 -5.37 -35.30
CA ASN A 166 -26.30 -5.32 -35.70
C ASN A 166 -25.79 -3.90 -35.48
N ASN A 167 -24.70 -3.78 -34.72
CA ASN A 167 -24.08 -2.47 -34.47
C ASN A 167 -23.31 -2.01 -35.70
N THR A 168 -24.02 -1.34 -36.60
CA THR A 168 -23.44 -0.77 -37.81
C THR A 168 -22.71 0.54 -37.56
N ASN A 169 -22.69 1.02 -36.32
CA ASN A 169 -21.95 2.22 -35.99
C ASN A 169 -20.47 1.88 -35.79
N GLN A 170 -19.67 2.93 -35.65
CA GLN A 170 -18.22 2.78 -35.48
C GLN A 170 -17.81 2.76 -34.01
N GLU A 171 -18.72 3.21 -33.13
CA GLU A 171 -18.47 3.26 -31.68
C GLU A 171 -19.00 2.02 -30.94
N ASP A 172 -18.43 1.73 -29.78
CA ASP A 172 -18.99 0.71 -28.90
C ASP A 172 -20.38 1.14 -28.44
N LEU A 173 -21.28 0.18 -28.28
CA LEU A 173 -22.66 0.46 -27.93
C LEU A 173 -23.02 -0.19 -26.61
N LEU A 174 -23.55 0.59 -25.67
CA LEU A 174 -24.01 0.05 -24.40
C LEU A 174 -25.48 -0.27 -24.59
N VAL A 175 -25.83 -1.54 -24.35
CA VAL A 175 -27.20 -2.01 -24.56
C VAL A 175 -27.75 -2.52 -23.23
N LEU A 176 -29.02 -2.17 -22.98
CA LEU A 176 -29.72 -2.54 -21.75
C LEU A 176 -31.02 -3.30 -22.06
N TRP A 177 -31.29 -4.31 -21.25
CA TRP A 177 -32.55 -5.05 -21.32
C TRP A 177 -32.80 -5.57 -19.93
N GLY A 178 -33.93 -6.23 -19.74
CA GLY A 178 -34.31 -6.73 -18.43
C GLY A 178 -35.30 -7.87 -18.45
N ILE A 179 -35.52 -8.43 -17.27
CA ILE A 179 -36.52 -9.47 -17.07
C ILE A 179 -37.47 -9.07 -15.93
N HIS A 180 -38.76 -9.37 -16.11
CA HIS A 180 -39.76 -9.17 -15.07
C HIS A 180 -39.99 -10.46 -14.27
N HIS A 181 -39.84 -10.36 -12.96
CA HIS A 181 -40.13 -11.46 -12.05
C HIS A 181 -41.51 -11.23 -11.43
N PRO A 182 -42.52 -12.02 -11.84
CA PRO A 182 -43.88 -11.81 -11.32
C PRO A 182 -44.10 -12.33 -9.89
N ASN A 183 -45.28 -12.01 -9.34
CA ASN A 183 -45.63 -12.36 -7.97
C ASN A 183 -46.13 -13.80 -7.83
N ASP A 184 -46.90 -14.26 -8.82
CA ASP A 184 -47.48 -15.62 -8.81
C ASP A 184 -47.81 -16.14 -10.23
N ALA A 185 -48.24 -17.40 -10.29
CA ALA A 185 -48.59 -18.08 -11.55
C ALA A 185 -49.76 -17.43 -12.30
N ALA A 186 -50.73 -16.94 -11.55
CA ALA A 186 -51.87 -16.22 -12.13
C ALA A 186 -51.41 -14.94 -12.84
N GLU A 187 -50.46 -14.23 -12.24
CA GLU A 187 -49.92 -13.02 -12.83
C GLU A 187 -49.12 -13.36 -14.08
N GLN A 188 -48.34 -14.42 -14.01
CA GLN A 188 -47.55 -14.90 -15.14
C GLN A 188 -48.44 -15.02 -16.37
N THR A 189 -49.52 -15.80 -16.26
CA THR A 189 -50.37 -16.07 -17.42
C THR A 189 -51.13 -14.81 -17.86
N ARG A 190 -51.55 -14.00 -16.91
CA ARG A 190 -52.26 -12.76 -17.22
C ARG A 190 -51.42 -11.79 -18.07
N LEU A 191 -50.14 -11.66 -17.76
CA LEU A 191 -49.26 -10.75 -18.51
C LEU A 191 -48.70 -11.37 -19.77
N TYR A 192 -48.26 -12.62 -19.67
CA TYR A 192 -47.44 -13.26 -20.69
C TYR A 192 -48.01 -14.55 -21.29
N GLN A 193 -49.17 -14.98 -20.80
CA GLN A 193 -49.84 -16.22 -21.25
C GLN A 193 -49.09 -17.51 -20.90
N ASN A 194 -47.88 -17.66 -21.45
CA ASN A 194 -47.10 -18.88 -21.28
C ASN A 194 -46.62 -19.02 -19.84
N PRO A 195 -46.81 -20.20 -19.25
CA PRO A 195 -46.44 -20.41 -17.84
C PRO A 195 -44.94 -20.58 -17.61
N THR A 196 -44.26 -21.30 -18.51
CA THR A 196 -42.82 -21.49 -18.40
C THR A 196 -42.13 -20.68 -19.50
N THR A 197 -41.26 -19.73 -19.13
CA THR A 197 -40.64 -18.83 -20.10
C THR A 197 -39.13 -18.69 -19.94
N TYR A 198 -38.54 -17.94 -20.85
CA TYR A 198 -37.13 -17.67 -20.80
C TYR A 198 -36.84 -16.46 -21.66
N ILE A 199 -35.65 -15.90 -21.45
CA ILE A 199 -35.06 -14.94 -22.35
C ILE A 199 -33.63 -15.40 -22.63
N SER A 200 -33.27 -15.51 -23.90
CA SER A 200 -31.92 -15.85 -24.27
C SER A 200 -31.32 -14.69 -25.02
N VAL A 201 -30.08 -14.35 -24.66
CA VAL A 201 -29.34 -13.27 -25.31
C VAL A 201 -27.97 -13.74 -25.74
N GLY A 202 -27.62 -13.45 -26.98
CA GLY A 202 -26.33 -13.82 -27.51
C GLY A 202 -25.69 -12.71 -28.33
N THR A 203 -24.38 -12.56 -28.15
CA THR A 203 -23.54 -11.73 -29.02
C THR A 203 -22.34 -12.61 -29.39
N SER A 204 -21.22 -12.01 -29.79
CA SER A 204 -20.02 -12.78 -30.08
C SER A 204 -19.39 -13.31 -28.79
N THR A 205 -19.74 -12.69 -27.66
CA THR A 205 -19.18 -13.05 -26.35
C THR A 205 -20.23 -13.35 -25.28
N LEU A 206 -21.43 -12.80 -25.43
CA LEU A 206 -22.47 -12.98 -24.43
C LEU A 206 -23.26 -14.25 -24.75
N ASN A 207 -23.49 -15.07 -23.72
CA ASN A 207 -24.30 -16.28 -23.84
C ASN A 207 -25.23 -16.43 -22.63
N GLN A 208 -26.39 -15.78 -22.69
CA GLN A 208 -27.25 -15.64 -21.53
C GLN A 208 -28.57 -16.37 -21.73
N ARG A 209 -29.02 -17.09 -20.70
CA ARG A 209 -30.39 -17.63 -20.68
C ARG A 209 -31.03 -17.38 -19.32
N LEU A 210 -32.05 -16.54 -19.28
CA LEU A 210 -32.69 -16.12 -18.05
C LEU A 210 -34.06 -16.76 -17.91
N VAL A 211 -34.37 -17.21 -16.71
CA VAL A 211 -35.69 -17.75 -16.42
C VAL A 211 -36.28 -16.97 -15.23
N PRO A 212 -37.53 -16.49 -15.36
CA PRO A 212 -38.15 -15.70 -14.29
C PRO A 212 -38.26 -16.43 -12.98
N LYS A 213 -38.36 -15.67 -11.90
CA LYS A 213 -38.52 -16.23 -10.57
C LYS A 213 -39.85 -15.74 -10.01
N ILE A 214 -40.85 -16.61 -10.03
CA ILE A 214 -42.10 -16.33 -9.37
C ILE A 214 -41.87 -16.50 -7.87
N ALA A 215 -42.24 -15.47 -7.11
CA ALA A 215 -42.18 -15.53 -5.65
C ALA A 215 -42.95 -14.36 -5.06
N THR A 216 -43.56 -14.60 -3.92
CA THR A 216 -44.29 -13.56 -3.19
C THR A 216 -43.26 -12.77 -2.38
N ARG A 217 -43.19 -11.47 -2.64
CA ARG A 217 -42.18 -10.61 -2.06
C ARG A 217 -42.85 -9.40 -1.41
N SER A 218 -42.11 -8.69 -0.56
CA SER A 218 -42.64 -7.47 0.09
C SER A 218 -42.83 -6.34 -0.93
N LYS A 219 -43.83 -5.50 -0.73
CA LYS A 219 -44.04 -4.37 -1.64
C LYS A 219 -42.91 -3.35 -1.56
N VAL A 220 -42.44 -2.90 -2.72
CA VAL A 220 -41.56 -1.74 -2.83
C VAL A 220 -42.15 -0.84 -3.92
N ASN A 221 -42.35 0.44 -3.58
CA ASN A 221 -43.10 1.37 -4.43
C ASN A 221 -44.42 0.79 -4.93
N GLY A 222 -45.09 0.06 -4.04
CA GLY A 222 -46.38 -0.52 -4.35
C GLY A 222 -46.32 -1.86 -5.04
N GLN A 223 -45.14 -2.30 -5.47
CA GLN A 223 -45.02 -3.53 -6.26
C GLN A 223 -44.32 -4.63 -5.50
N SER A 224 -44.87 -5.83 -5.59
CA SER A 224 -44.22 -7.06 -5.15
C SER A 224 -43.41 -7.69 -6.29
N GLY A 225 -43.80 -7.41 -7.53
CA GLY A 225 -43.00 -7.78 -8.69
C GLY A 225 -41.65 -7.10 -8.68
N ARG A 226 -40.67 -7.70 -9.35
CA ARG A 226 -39.34 -7.14 -9.49
C ARG A 226 -38.96 -7.11 -10.96
N MET A 227 -38.08 -6.19 -11.33
CA MET A 227 -37.44 -6.22 -12.65
C MET A 227 -35.93 -6.18 -12.48
N GLU A 228 -35.25 -7.07 -13.20
CA GLU A 228 -33.81 -7.26 -13.06
C GLU A 228 -33.19 -6.87 -14.36
N PHE A 229 -32.25 -5.94 -14.33
CA PHE A 229 -31.69 -5.41 -15.56
C PHE A 229 -30.27 -5.87 -15.84
N PHE A 230 -29.93 -5.93 -17.13
CA PHE A 230 -28.65 -6.44 -17.58
C PHE A 230 -28.09 -5.51 -18.65
N TRP A 231 -26.78 -5.56 -18.83
CA TRP A 231 -26.13 -4.70 -19.81
C TRP A 231 -24.99 -5.44 -20.49
N THR A 232 -24.70 -5.06 -21.74
CA THR A 232 -23.45 -5.46 -22.38
C THR A 232 -22.93 -4.36 -23.28
N ILE A 233 -21.67 -4.51 -23.68
CA ILE A 233 -21.05 -3.62 -24.65
C ILE A 233 -20.97 -4.32 -25.98
N LEU A 234 -21.76 -3.84 -26.94
CA LEU A 234 -21.79 -4.41 -28.26
C LEU A 234 -20.78 -3.72 -29.17
N LYS A 235 -19.78 -4.47 -29.62
CA LYS A 235 -18.73 -3.95 -30.48
C LYS A 235 -19.26 -3.52 -31.85
N PRO A 236 -18.54 -2.62 -32.52
CA PRO A 236 -18.85 -2.34 -33.92
C PRO A 236 -18.89 -3.63 -34.74
N ASN A 237 -19.96 -3.79 -35.52
CA ASN A 237 -20.17 -4.94 -36.39
C ASN A 237 -20.48 -6.29 -35.73
N ASP A 238 -20.65 -6.30 -34.41
CA ASP A 238 -21.20 -7.46 -33.75
C ASP A 238 -22.70 -7.24 -33.67
N ALA A 239 -23.45 -8.32 -33.44
CA ALA A 239 -24.90 -8.25 -33.34
C ALA A 239 -25.39 -8.87 -32.04
N ILE A 240 -26.51 -8.36 -31.55
CA ILE A 240 -27.14 -8.88 -30.33
C ILE A 240 -28.44 -9.57 -30.74
N ASN A 241 -28.67 -10.76 -30.18
CA ASN A 241 -29.81 -11.57 -30.56
C ASN A 241 -30.64 -11.90 -29.34
N PHE A 242 -31.90 -11.49 -29.37
CA PHE A 242 -32.83 -11.73 -28.28
C PHE A 242 -33.82 -12.79 -28.74
N GLU A 243 -34.08 -13.76 -27.86
CA GLU A 243 -35.20 -14.69 -28.08
C GLU A 243 -35.93 -14.85 -26.78
N SER A 244 -37.26 -14.79 -26.81
CA SER A 244 -38.05 -14.95 -25.58
C SER A 244 -39.50 -15.30 -25.84
N ASN A 245 -40.10 -16.01 -24.88
CA ASN A 245 -41.52 -16.31 -24.91
C ASN A 245 -42.20 -15.74 -23.66
N GLY A 246 -41.56 -14.75 -23.05
CA GLY A 246 -42.16 -14.04 -21.93
C GLY A 246 -41.18 -13.36 -21.02
N ASN A 247 -41.70 -12.37 -20.30
CA ASN A 247 -41.02 -11.72 -19.18
C ASN A 247 -39.90 -10.77 -19.61
N PHE A 248 -39.90 -10.47 -20.90
CA PHE A 248 -38.79 -9.77 -21.53
C PHE A 248 -39.10 -8.28 -21.48
N ILE A 249 -38.19 -7.53 -20.88
CA ILE A 249 -38.22 -6.08 -20.92
C ILE A 249 -37.17 -5.74 -21.95
N ALA A 250 -37.61 -5.31 -23.13
CA ALA A 250 -36.74 -5.18 -24.29
C ALA A 250 -36.13 -3.80 -24.42
N PRO A 251 -34.95 -3.72 -25.05
CA PRO A 251 -34.36 -2.43 -25.34
C PRO A 251 -35.23 -1.58 -26.26
N GLU A 252 -35.15 -0.27 -26.14
CA GLU A 252 -35.66 0.62 -27.17
C GLU A 252 -34.51 1.48 -27.67
N ASN A 253 -33.86 2.16 -26.73
CA ASN A 253 -32.71 3.00 -27.00
C ASN A 253 -31.45 2.39 -26.41
N ALA A 254 -30.32 2.63 -27.05
CA ALA A 254 -29.01 2.25 -26.54
C ALA A 254 -28.06 3.45 -26.68
N TYR A 255 -26.89 3.35 -26.07
CA TYR A 255 -25.96 4.48 -25.95
C TYR A 255 -24.65 4.26 -26.72
N LYS A 256 -24.38 5.08 -27.72
CA LYS A 256 -23.07 5.06 -28.36
C LYS A 256 -22.06 5.77 -27.47
N ILE A 257 -20.95 5.09 -27.22
CA ILE A 257 -19.85 5.67 -26.47
C ILE A 257 -18.99 6.47 -27.44
N VAL A 258 -19.21 7.78 -27.46
CA VAL A 258 -18.59 8.64 -28.47
C VAL A 258 -17.34 9.36 -27.96
N LYS A 259 -17.23 9.55 -26.64
CA LYS A 259 -16.03 10.17 -26.09
C LYS A 259 -15.53 9.46 -24.83
N LYS A 260 -14.38 8.81 -24.96
CA LYS A 260 -13.69 8.20 -23.84
C LYS A 260 -12.65 9.19 -23.31
N GLY A 261 -12.48 9.22 -22.00
CA GLY A 261 -11.46 10.06 -21.38
C GLY A 261 -11.44 9.89 -19.87
N ASP A 262 -10.80 10.80 -19.16
CA ASP A 262 -10.77 10.76 -17.71
C ASP A 262 -12.03 11.40 -17.13
N SER A 263 -12.66 10.68 -16.21
CA SER A 263 -13.87 11.15 -15.54
C SER A 263 -13.95 10.41 -14.21
N THR A 264 -15.01 10.67 -13.45
CA THR A 264 -15.19 10.03 -12.17
C THR A 264 -16.60 10.29 -11.69
N ILE A 265 -17.06 9.47 -10.76
CA ILE A 265 -18.33 9.70 -10.11
C ILE A 265 -18.06 10.16 -8.69
N MET A 266 -18.36 11.43 -8.41
CA MET A 266 -18.27 11.95 -7.06
C MET A 266 -19.60 11.82 -6.36
N LYS A 267 -19.55 11.37 -5.11
CA LYS A 267 -20.70 11.44 -4.25
C LYS A 267 -20.66 12.79 -3.56
N SER A 268 -21.68 13.60 -3.78
CA SER A 268 -21.78 14.89 -3.13
C SER A 268 -23.24 15.33 -3.04
N GLU A 269 -23.57 16.02 -1.95
CA GLU A 269 -24.91 16.57 -1.80
C GLU A 269 -25.02 17.98 -2.39
N LEU A 270 -23.89 18.56 -2.79
CA LEU A 270 -23.85 19.90 -3.35
C LEU A 270 -24.51 20.02 -4.73
N GLU A 271 -24.89 21.24 -5.07
CA GLU A 271 -25.51 21.58 -6.35
C GLU A 271 -24.47 22.24 -7.27
N TYR A 272 -24.86 22.57 -8.49
CA TYR A 272 -23.93 23.23 -9.44
C TYR A 272 -23.62 24.65 -9.03
N GLY A 273 -22.36 25.07 -9.18
CA GLY A 273 -21.88 26.36 -8.65
C GLY A 273 -21.67 27.50 -9.64
N ASN A 274 -22.06 27.34 -10.90
CA ASN A 274 -21.90 28.40 -11.93
C ASN A 274 -20.51 29.01 -11.90
N CYS A 275 -19.53 28.19 -12.23
CA CYS A 275 -18.16 28.49 -11.89
C CYS A 275 -17.20 27.52 -12.60
N ASN A 276 -15.93 27.91 -12.71
CA ASN A 276 -14.92 27.10 -13.39
C ASN A 276 -13.69 26.87 -12.51
N THR A 277 -13.01 25.74 -12.69
CA THR A 277 -11.85 25.39 -11.86
C THR A 277 -10.95 24.41 -12.58
N LYS A 278 -9.73 24.27 -12.09
CA LYS A 278 -8.80 23.25 -12.57
C LYS A 278 -8.71 22.05 -11.63
N CYS A 279 -9.20 22.20 -10.41
CA CYS A 279 -9.13 21.14 -9.40
C CYS A 279 -10.40 21.08 -8.56
N GLN A 280 -11.12 19.97 -8.66
CA GLN A 280 -12.42 19.82 -8.02
C GLN A 280 -12.44 18.68 -7.02
N THR A 281 -13.05 18.92 -5.86
CA THR A 281 -13.31 17.87 -4.89
C THR A 281 -14.80 17.81 -4.61
N PRO A 282 -15.26 16.73 -3.94
CA PRO A 282 -16.69 16.56 -3.70
C PRO A 282 -17.30 17.64 -2.80
N ILE A 283 -16.46 18.34 -2.04
CA ILE A 283 -16.96 19.40 -1.14
C ILE A 283 -16.64 20.81 -1.59
N GLY A 284 -15.81 20.95 -2.64
CA GLY A 284 -15.45 22.26 -3.16
C GLY A 284 -14.28 22.23 -4.13
N ALA A 285 -14.16 23.28 -4.92
CA ALA A 285 -13.04 23.46 -5.84
C ALA A 285 -11.82 24.06 -5.13
N ILE A 286 -10.65 23.89 -5.73
CA ILE A 286 -9.39 24.39 -5.20
C ILE A 286 -8.71 25.24 -6.27
N ASN A 287 -8.29 26.45 -5.88
CA ASN A 287 -7.49 27.33 -6.73
C ASN A 287 -6.26 27.72 -5.92
N SER A 288 -5.16 27.04 -6.18
CA SER A 288 -3.98 27.13 -5.33
C SER A 288 -2.69 26.84 -6.09
N SER A 289 -1.61 27.48 -5.70
CA SER A 289 -0.28 27.14 -6.23
C SER A 289 0.53 26.36 -5.18
N MET A 290 -0.10 26.02 -4.07
CA MET A 290 0.51 25.19 -3.04
C MET A 290 0.73 23.77 -3.57
N PRO A 291 1.80 23.10 -3.12
CA PRO A 291 2.06 21.72 -3.55
C PRO A 291 1.22 20.67 -2.83
N PHE A 292 0.77 20.96 -1.60
CA PHE A 292 -0.14 20.09 -0.86
C PHE A 292 -1.48 20.75 -0.53
N HIS A 293 -2.49 19.92 -0.30
CA HIS A 293 -3.76 20.39 0.27
C HIS A 293 -4.30 19.36 1.23
N ASN A 294 -5.30 19.74 2.03
CA ASN A 294 -5.93 18.79 2.96
C ASN A 294 -7.46 18.79 2.89
N ILE A 295 -7.99 19.21 1.76
CA ILE A 295 -9.42 19.42 1.57
C ILE A 295 -10.23 18.13 1.58
N HIS A 296 -9.80 17.17 0.76
CA HIS A 296 -10.52 15.93 0.54
C HIS A 296 -9.63 15.04 -0.31
N PRO A 297 -9.57 13.74 0.01
CA PRO A 297 -8.64 12.87 -0.71
C PRO A 297 -9.05 12.55 -2.15
N LEU A 298 -10.32 12.73 -2.49
CA LEU A 298 -10.80 12.43 -3.83
C LEU A 298 -10.92 13.70 -4.63
N THR A 299 -10.03 13.87 -5.61
CA THR A 299 -10.04 15.05 -6.44
C THR A 299 -9.92 14.65 -7.89
N ILE A 300 -10.26 15.58 -8.78
CA ILE A 300 -10.00 15.42 -10.21
C ILE A 300 -9.53 16.74 -10.80
N GLY A 301 -8.54 16.65 -11.71
CA GLY A 301 -7.97 17.82 -12.37
C GLY A 301 -6.49 17.98 -12.04
N GLU A 302 -5.93 19.16 -12.31
CA GLU A 302 -4.56 19.48 -11.90
C GLU A 302 -4.62 19.92 -10.45
N CYS A 303 -4.20 19.05 -9.55
CA CYS A 303 -4.41 19.25 -8.13
C CYS A 303 -3.12 19.14 -7.35
N PRO A 304 -3.06 19.78 -6.17
CA PRO A 304 -1.98 19.54 -5.22
C PRO A 304 -2.10 18.15 -4.65
N LYS A 305 -1.04 17.62 -4.04
CA LYS A 305 -1.10 16.28 -3.45
C LYS A 305 -1.84 16.38 -2.13
N TYR A 306 -2.72 15.43 -1.87
CA TYR A 306 -3.51 15.43 -0.65
C TYR A 306 -2.72 14.85 0.52
N VAL A 307 -2.77 15.51 1.67
CA VAL A 307 -2.18 14.97 2.91
C VAL A 307 -3.18 15.19 4.04
N LYS A 308 -3.05 14.44 5.14
CA LYS A 308 -3.99 14.59 6.27
C LYS A 308 -3.52 15.66 7.27
N SER A 309 -2.41 16.32 6.98
CA SER A 309 -1.84 17.29 7.89
C SER A 309 -2.78 18.46 8.14
N SER A 310 -2.80 18.92 9.39
CA SER A 310 -3.49 20.15 9.73
C SER A 310 -2.58 21.37 9.42
N ARG A 311 -1.29 21.13 9.21
CA ARG A 311 -0.29 22.20 9.07
C ARG A 311 1.03 21.69 8.47
N LEU A 312 1.52 22.35 7.42
CA LEU A 312 2.86 22.07 6.87
C LEU A 312 3.57 23.38 6.54
N VAL A 313 4.66 23.67 7.22
CA VAL A 313 5.35 24.96 7.06
C VAL A 313 6.87 24.78 7.11
N LEU A 314 7.52 25.21 6.04
CA LEU A 314 8.98 25.06 5.92
C LEU A 314 9.65 26.34 6.39
N ALA A 315 10.71 26.19 7.19
CA ALA A 315 11.59 27.30 7.53
C ALA A 315 12.36 27.66 6.27
N THR A 316 12.44 28.94 5.99
CA THR A 316 13.34 29.43 4.96
C THR A 316 14.37 30.35 5.58
N GLY A 317 13.90 31.24 6.45
CA GLY A 317 14.76 32.17 7.16
C GLY A 317 15.37 31.50 8.37
N LEU A 318 15.91 32.32 9.26
CA LEU A 318 16.62 31.79 10.41
C LEU A 318 15.85 32.07 11.70
N ARG A 319 16.35 31.51 12.78
CA ARG A 319 15.76 31.70 14.07
C ARG A 319 15.76 33.20 14.37
N ASN A 320 14.58 33.73 14.70
CA ASN A 320 14.41 35.17 14.90
C ASN A 320 14.54 35.55 16.37
N SER A 321 15.50 36.41 16.68
CA SER A 321 15.75 36.87 18.06
C SER A 321 14.67 37.87 18.56
N PRO A 322 14.02 37.58 19.71
CA PRO A 322 13.02 38.49 20.28
C PRO A 322 13.66 39.72 20.94
N GLY B 1 22.02 26.43 18.86
CA GLY B 1 22.27 25.85 17.50
C GLY B 1 23.52 25.00 17.46
N LEU B 2 23.55 24.04 16.53
CA LEU B 2 24.67 23.10 16.44
C LEU B 2 26.03 23.78 16.30
N PHE B 3 26.06 24.95 15.66
CA PHE B 3 27.30 25.65 15.36
C PHE B 3 27.58 26.86 16.26
N GLY B 4 26.69 27.09 17.23
CA GLY B 4 26.97 27.98 18.37
C GLY B 4 27.03 29.47 18.14
N ALA B 5 26.60 29.94 16.97
CA ALA B 5 26.72 31.35 16.62
C ALA B 5 25.40 32.09 16.76
N ILE B 6 24.38 31.61 16.07
CA ILE B 6 23.06 32.22 16.14
C ILE B 6 22.51 31.96 17.54
N ALA B 7 22.12 33.02 18.24
CA ALA B 7 21.70 32.94 19.64
C ALA B 7 22.74 32.24 20.51
N GLY B 8 24.02 32.44 20.16
CA GLY B 8 25.14 31.81 20.85
C GLY B 8 26.13 32.89 21.22
N PHE B 9 27.32 32.86 20.63
CA PHE B 9 28.34 33.85 20.96
C PHE B 9 27.97 35.21 20.34
N ILE B 10 27.17 35.18 19.28
CA ILE B 10 26.53 36.39 18.78
C ILE B 10 25.12 36.39 19.35
N GLU B 11 24.93 37.20 20.38
CA GLU B 11 23.79 37.09 21.28
C GLU B 11 22.43 37.22 20.57
N GLY B 12 22.34 38.11 19.59
CA GLY B 12 21.08 38.34 18.88
C GLY B 12 21.29 38.85 17.46
N GLY B 13 20.20 38.90 16.69
CA GLY B 13 20.25 39.36 15.31
C GLY B 13 20.12 40.86 15.21
N TRP B 14 20.30 41.39 14.00
CA TRP B 14 20.23 42.82 13.73
C TRP B 14 19.00 43.17 12.91
N GLN B 15 18.12 43.99 13.46
CA GLN B 15 16.99 44.51 12.71
C GLN B 15 17.45 45.56 11.70
N GLY B 16 18.59 46.19 11.99
CA GLY B 16 19.16 47.20 11.13
C GLY B 16 19.69 46.68 9.80
N MET B 17 19.97 45.38 9.72
CA MET B 17 20.46 44.80 8.48
C MET B 17 19.35 44.19 7.66
N VAL B 18 18.77 45.00 6.77
CA VAL B 18 17.56 44.65 6.02
C VAL B 18 17.93 44.15 4.63
N ASP B 19 19.19 43.77 4.50
CA ASP B 19 19.90 43.72 3.25
C ASP B 19 20.20 42.30 2.78
N GLY B 20 20.38 41.41 3.74
CA GLY B 20 20.69 40.01 3.51
C GLY B 20 20.63 39.30 4.84
N TRP B 21 20.88 38.00 4.84
CA TRP B 21 20.75 37.20 6.05
C TRP B 21 21.94 37.31 6.99
N TYR B 22 23.15 37.46 6.46
CA TYR B 22 24.34 37.57 7.29
C TYR B 22 25.12 38.76 6.82
N GLY B 23 25.89 39.39 7.70
CA GLY B 23 26.68 40.51 7.28
C GLY B 23 27.48 41.21 8.36
N TYR B 24 27.76 42.49 8.13
CA TYR B 24 28.72 43.20 8.94
C TYR B 24 28.15 44.49 9.48
N HIS B 25 28.50 44.81 10.71
CA HIS B 25 28.41 46.18 11.19
C HIS B 25 29.81 46.76 11.42
N HIS B 26 30.06 47.95 10.88
CA HIS B 26 31.35 48.62 11.11
C HIS B 26 31.15 49.99 11.75
N SER B 27 32.11 50.40 12.57
CA SER B 27 32.20 51.79 13.03
C SER B 27 33.65 52.25 12.98
N ASN B 28 33.86 53.40 12.36
CA ASN B 28 35.17 54.03 12.29
C ASN B 28 35.01 55.55 12.32
N GLU B 29 36.06 56.31 12.03
CA GLU B 29 35.97 57.77 12.08
C GLU B 29 34.93 58.35 11.13
N GLN B 30 34.84 57.78 9.93
CA GLN B 30 33.93 58.29 8.90
C GLN B 30 32.46 58.00 9.21
N GLY B 31 32.20 57.03 10.06
CA GLY B 31 30.84 56.71 10.46
C GLY B 31 30.67 55.25 10.77
N SER B 32 29.42 54.79 10.69
CA SER B 32 29.08 53.42 10.99
C SER B 32 27.91 52.95 10.15
N GLY B 33 27.73 51.63 10.08
CA GLY B 33 26.63 51.05 9.32
C GLY B 33 26.68 49.54 9.12
N TYR B 34 25.57 49.03 8.59
CA TYR B 34 25.38 47.63 8.26
C TYR B 34 25.65 47.36 6.79
N ALA B 35 26.12 46.16 6.49
CA ALA B 35 26.24 45.71 5.11
C ALA B 35 26.16 44.19 5.07
N ALA B 36 25.26 43.68 4.24
CA ALA B 36 25.12 42.25 4.06
C ALA B 36 26.37 41.69 3.39
N ASP B 37 26.81 40.51 3.80
CA ASP B 37 27.77 39.76 3.01
C ASP B 37 27.01 39.07 1.89
N LYS B 38 27.32 39.43 0.64
CA LYS B 38 26.49 39.03 -0.48
C LYS B 38 26.71 37.60 -0.93
N GLU B 39 27.94 37.11 -0.79
CA GLU B 39 28.29 35.79 -1.27
C GLU B 39 27.57 34.75 -0.42
N SER B 40 27.83 34.77 0.89
CA SER B 40 27.24 33.82 1.82
C SER B 40 25.71 33.89 1.83
N THR B 41 25.17 35.10 1.72
CA THR B 41 23.75 35.30 1.64
C THR B 41 23.19 34.64 0.37
N GLN B 42 23.84 34.89 -0.77
CA GLN B 42 23.40 34.32 -2.05
C GLN B 42 23.55 32.79 -2.06
N LYS B 43 24.65 32.30 -1.48
CA LYS B 43 24.83 30.86 -1.29
C LYS B 43 23.64 30.26 -0.55
N ALA B 44 23.26 30.90 0.55
CA ALA B 44 22.18 30.40 1.39
C ALA B 44 20.83 30.45 0.69
N ILE B 45 20.58 31.52 -0.06
CA ILE B 45 19.34 31.64 -0.80
C ILE B 45 19.19 30.48 -1.80
N ASP B 46 20.26 30.22 -2.54
CA ASP B 46 20.26 29.18 -3.57
C ASP B 46 19.99 27.80 -2.95
N GLY B 47 20.74 27.47 -1.91
CA GLY B 47 20.58 26.20 -1.20
C GLY B 47 19.18 26.04 -0.63
N VAL B 48 18.64 27.10 -0.03
CA VAL B 48 17.32 27.00 0.59
C VAL B 48 16.26 26.90 -0.48
N THR B 49 16.41 27.64 -1.58
CA THR B 49 15.47 27.56 -2.70
C THR B 49 15.49 26.17 -3.34
N ASN B 50 16.69 25.62 -3.53
CA ASN B 50 16.86 24.26 -4.03
C ASN B 50 16.19 23.24 -3.08
N LYS B 51 16.41 23.39 -1.78
CA LYS B 51 15.79 22.48 -0.82
C LYS B 51 14.25 22.49 -0.95
N VAL B 52 13.66 23.68 -0.98
CA VAL B 52 12.21 23.81 -1.07
C VAL B 52 11.69 23.12 -2.32
N ASN B 53 12.39 23.32 -3.44
CA ASN B 53 12.00 22.69 -4.71
C ASN B 53 12.22 21.18 -4.72
N SER B 54 13.30 20.74 -4.10
CA SER B 54 13.58 19.31 -3.98
C SER B 54 12.43 18.59 -3.27
N ILE B 55 11.98 19.19 -2.17
CA ILE B 55 10.94 18.61 -1.33
C ILE B 55 9.62 18.52 -2.09
N ILE B 56 9.29 19.56 -2.81
CA ILE B 56 8.09 19.54 -3.62
C ILE B 56 8.21 18.46 -4.72
N ASP B 57 9.34 18.43 -5.43
CA ASP B 57 9.51 17.53 -6.59
C ASP B 57 9.58 16.04 -6.20
N LYS B 58 10.10 15.74 -5.03
CA LYS B 58 10.23 14.34 -4.58
C LYS B 58 8.88 13.70 -4.28
N MET B 59 7.90 14.52 -3.90
CA MET B 59 6.57 14.03 -3.56
C MET B 59 5.69 13.93 -4.81
N ASN B 60 6.19 14.42 -5.95
CA ASN B 60 5.36 14.65 -7.13
C ASN B 60 4.59 13.42 -7.64
N THR B 61 5.19 12.25 -7.49
CA THR B 61 4.52 10.99 -7.82
C THR B 61 3.97 10.40 -6.53
N GLN B 62 2.89 11.02 -6.04
CA GLN B 62 2.26 10.60 -4.80
C GLN B 62 1.10 9.64 -5.09
N PHE B 63 0.55 9.03 -4.04
CA PHE B 63 -0.66 8.23 -4.20
C PHE B 63 -1.86 9.14 -4.41
N GLU B 64 -2.78 8.71 -5.28
CA GLU B 64 -3.98 9.47 -5.58
C GLU B 64 -5.19 8.56 -5.47
N ALA B 65 -6.02 8.82 -4.47
CA ALA B 65 -7.18 7.99 -4.20
C ALA B 65 -8.20 8.08 -5.31
N VAL B 66 -8.95 7.00 -5.52
CA VAL B 66 -9.96 6.94 -6.55
C VAL B 66 -11.23 6.39 -5.92
N GLY B 67 -12.37 6.95 -6.31
CA GLY B 67 -13.65 6.44 -5.84
C GLY B 67 -13.98 5.11 -6.50
N ARG B 68 -14.18 4.09 -5.67
CA ARG B 68 -14.61 2.78 -6.14
C ARG B 68 -15.85 2.35 -5.38
N GLU B 69 -16.80 1.72 -6.06
CA GLU B 69 -18.02 1.28 -5.37
C GLU B 69 -18.18 -0.22 -5.30
N PHE B 70 -18.79 -0.66 -4.20
CA PHE B 70 -18.99 -2.07 -3.91
C PHE B 70 -20.39 -2.31 -3.42
N ASN B 71 -20.94 -3.47 -3.74
CA ASN B 71 -22.28 -3.79 -3.30
C ASN B 71 -22.27 -4.47 -1.94
N ASN B 72 -23.45 -4.80 -1.45
CA ASN B 72 -23.66 -5.29 -0.10
C ASN B 72 -23.00 -6.62 0.22
N LEU B 73 -22.69 -7.44 -0.78
CA LEU B 73 -21.96 -8.70 -0.53
C LEU B 73 -20.50 -8.65 -1.00
N GLU B 74 -19.94 -7.44 -1.08
CA GLU B 74 -18.53 -7.24 -1.38
C GLU B 74 -17.89 -6.45 -0.27
N ARG B 75 -18.28 -6.73 0.96
CA ARG B 75 -17.77 -5.97 2.08
C ARG B 75 -16.31 -6.21 2.34
N ARG B 76 -15.84 -7.42 2.08
CA ARG B 76 -14.45 -7.72 2.35
C ARG B 76 -13.53 -6.90 1.42
N ILE B 77 -13.88 -6.81 0.14
CA ILE B 77 -13.02 -6.10 -0.77
C ILE B 77 -13.23 -4.60 -0.65
N GLU B 78 -14.40 -4.19 -0.16
CA GLU B 78 -14.63 -2.77 0.15
C GLU B 78 -13.75 -2.33 1.32
N ASN B 79 -13.68 -3.15 2.34
CA ASN B 79 -12.84 -2.88 3.47
C ASN B 79 -11.38 -2.87 3.06
N LEU B 80 -11.00 -3.81 2.18
CA LEU B 80 -9.62 -3.92 1.68
C LEU B 80 -9.26 -2.65 0.92
N ASN B 81 -10.15 -2.26 0.02
CA ASN B 81 -9.97 -1.05 -0.73
C ASN B 81 -9.79 0.20 0.14
N LYS B 82 -10.61 0.30 1.18
CA LYS B 82 -10.57 1.43 2.09
C LYS B 82 -9.28 1.48 2.90
N LYS B 83 -8.87 0.34 3.46
CA LYS B 83 -7.63 0.32 4.25
C LYS B 83 -6.37 0.50 3.39
N MET B 84 -6.47 0.16 2.12
CA MET B 84 -5.36 0.33 1.22
C MET B 84 -5.16 1.82 0.93
N GLU B 85 -6.25 2.50 0.59
CA GLU B 85 -6.22 3.92 0.27
C GLU B 85 -5.82 4.76 1.47
N ASP B 86 -6.43 4.50 2.61
CA ASP B 86 -6.00 5.13 3.84
C ASP B 86 -4.55 4.83 4.19
N GLY B 87 -4.13 3.59 3.94
CA GLY B 87 -2.76 3.14 4.19
C GLY B 87 -1.76 4.04 3.49
N PHE B 88 -1.99 4.30 2.20
CA PHE B 88 -1.08 5.12 1.42
C PHE B 88 -1.16 6.58 1.84
N LEU B 89 -2.38 7.10 2.03
CA LEU B 89 -2.58 8.45 2.54
C LEU B 89 -1.84 8.65 3.85
N ASP B 90 -1.84 7.66 4.72
CA ASP B 90 -1.08 7.75 5.96
C ASP B 90 0.43 7.73 5.72
N VAL B 91 0.89 6.93 4.75
CA VAL B 91 2.31 6.86 4.43
C VAL B 91 2.78 8.22 3.91
N TRP B 92 2.04 8.80 2.98
CA TRP B 92 2.46 10.05 2.34
C TRP B 92 2.35 11.25 3.27
N THR B 93 1.30 11.27 4.08
CA THR B 93 1.17 12.25 5.13
C THR B 93 2.36 12.20 6.08
N TYR B 94 2.76 11.01 6.48
CA TYR B 94 3.93 10.88 7.35
C TYR B 94 5.21 11.37 6.65
N ASN B 95 5.40 11.00 5.38
CA ASN B 95 6.61 11.36 4.65
C ASN B 95 6.75 12.87 4.55
N ALA B 96 5.65 13.55 4.27
CA ALA B 96 5.65 15.00 4.14
C ALA B 96 5.94 15.69 5.48
N GLU B 97 5.30 15.23 6.54
CA GLU B 97 5.48 15.86 7.84
C GLU B 97 6.89 15.65 8.37
N LEU B 98 7.41 14.44 8.25
CA LEU B 98 8.74 14.13 8.79
C LEU B 98 9.83 14.84 7.98
N LEU B 99 9.68 14.85 6.66
CA LEU B 99 10.65 15.50 5.80
C LEU B 99 10.73 16.98 6.15
N VAL B 100 9.57 17.61 6.32
CA VAL B 100 9.53 19.01 6.66
C VAL B 100 10.21 19.28 8.00
N LEU B 101 9.90 18.46 9.01
CA LEU B 101 10.53 18.61 10.33
C LEU B 101 12.04 18.46 10.23
N MET B 102 12.49 17.36 9.62
CA MET B 102 13.91 17.06 9.50
C MET B 102 14.67 18.17 8.76
N GLU B 103 14.08 18.69 7.69
CA GLU B 103 14.73 19.73 6.91
C GLU B 103 14.63 21.11 7.55
N ASN B 104 13.55 21.38 8.28
CA ASN B 104 13.49 22.60 9.08
C ASN B 104 14.70 22.67 10.02
N GLU B 105 14.99 21.55 10.66
CA GLU B 105 16.13 21.49 11.57
C GLU B 105 17.45 21.74 10.84
N ARG B 106 17.60 21.16 9.66
CA ARG B 106 18.84 21.34 8.90
C ARG B 106 18.98 22.78 8.41
N THR B 107 17.87 23.38 7.99
CA THR B 107 17.89 24.75 7.50
C THR B 107 18.35 25.74 8.58
N LEU B 108 17.86 25.58 9.81
CA LEU B 108 18.27 26.46 10.89
C LEU B 108 19.74 26.26 11.25
N ASP B 109 20.21 25.03 11.20
CA ASP B 109 21.63 24.74 11.45
C ASP B 109 22.54 25.22 10.30
N PHE B 110 22.01 25.20 9.09
CA PHE B 110 22.70 25.71 7.92
C PHE B 110 22.99 27.22 8.10
N HIS B 111 21.97 27.97 8.49
CA HIS B 111 22.13 29.39 8.81
C HIS B 111 23.17 29.60 9.92
N ASP B 112 23.08 28.80 10.96
CA ASP B 112 24.04 28.88 12.06
C ASP B 112 25.44 28.65 11.50
N SER B 113 25.60 27.58 10.72
CA SER B 113 26.88 27.29 10.07
C SER B 113 27.40 28.49 9.26
N ASN B 114 26.54 29.06 8.43
CA ASN B 114 26.96 30.14 7.57
C ASN B 114 27.47 31.34 8.37
N VAL B 115 26.81 31.63 9.49
CA VAL B 115 27.22 32.73 10.35
C VAL B 115 28.58 32.45 10.99
N LYS B 116 28.76 31.25 11.53
CA LYS B 116 30.07 30.88 12.08
C LYS B 116 31.19 30.97 11.02
N ASN B 117 30.92 30.48 9.82
CA ASN B 117 31.93 30.49 8.75
C ASN B 117 32.27 31.91 8.29
N LEU B 118 31.28 32.81 8.35
CA LEU B 118 31.49 34.22 8.06
C LEU B 118 32.32 34.88 9.15
N TYR B 119 32.05 34.54 10.40
CA TYR B 119 32.89 35.00 11.51
C TYR B 119 34.33 34.55 11.34
N ASP B 120 34.54 33.29 10.97
CA ASP B 120 35.88 32.74 10.80
C ASP B 120 36.60 33.33 9.57
N LYS B 121 35.84 33.65 8.52
CA LYS B 121 36.41 34.33 7.36
C LYS B 121 37.11 35.62 7.82
N VAL B 122 36.40 36.43 8.59
CA VAL B 122 36.93 37.67 9.10
C VAL B 122 38.08 37.45 10.08
N ARG B 123 37.90 36.54 11.04
CA ARG B 123 38.95 36.28 12.03
C ARG B 123 40.30 35.93 11.40
N LEU B 124 40.29 35.03 10.42
CA LEU B 124 41.52 34.51 9.82
C LEU B 124 42.24 35.56 9.00
N GLN B 125 41.49 36.52 8.48
CA GLN B 125 42.09 37.66 7.77
C GLN B 125 42.81 38.61 8.72
N LEU B 126 42.12 39.00 9.78
CA LEU B 126 42.62 40.03 10.71
C LEU B 126 43.75 39.52 11.63
N ARG B 127 43.62 38.30 12.13
CA ARG B 127 44.63 37.71 13.01
C ARG B 127 45.03 38.61 14.20
N ASP B 128 46.29 39.09 14.23
CA ASP B 128 46.81 39.89 15.35
C ASP B 128 46.47 41.38 15.25
N ASN B 129 45.94 41.83 14.12
CA ASN B 129 45.67 43.26 13.91
C ASN B 129 44.36 43.75 14.55
N ALA B 130 43.54 42.81 15.02
CA ALA B 130 42.33 43.14 15.76
C ALA B 130 42.18 42.26 17.00
N LYS B 131 41.52 42.79 18.02
CA LYS B 131 41.22 42.04 19.22
C LYS B 131 39.84 41.39 19.05
N GLU B 132 39.79 40.09 19.27
CA GLU B 132 38.55 39.33 19.15
C GLU B 132 37.74 39.50 20.43
N LEU B 133 36.70 40.33 20.41
CA LEU B 133 35.96 40.67 21.64
C LEU B 133 35.22 39.50 22.27
N GLY B 134 34.78 38.54 21.46
CA GLY B 134 34.06 37.35 21.93
C GLY B 134 32.55 37.44 21.81
N ASN B 135 32.08 38.49 21.15
CA ASN B 135 30.65 38.75 20.95
C ASN B 135 30.30 38.93 19.48
N GLY B 136 31.22 38.54 18.60
CA GLY B 136 31.04 38.71 17.17
C GLY B 136 31.76 39.91 16.61
N CYS B 137 32.36 40.72 17.49
CA CYS B 137 33.04 41.94 17.06
C CYS B 137 34.55 41.83 17.15
N PHE B 138 35.24 42.58 16.30
CA PHE B 138 36.69 42.67 16.32
C PHE B 138 37.08 44.12 16.54
N GLU B 139 37.96 44.36 17.51
CA GLU B 139 38.44 45.70 17.82
C GLU B 139 39.83 45.94 17.22
N PHE B 140 39.91 46.80 16.22
CA PHE B 140 41.16 47.02 15.49
C PHE B 140 42.25 47.69 16.34
N TYR B 141 43.50 47.28 16.11
CA TYR B 141 44.63 47.94 16.73
C TYR B 141 44.98 49.19 15.93
N HIS B 142 44.95 49.08 14.62
CA HIS B 142 45.14 50.24 13.73
C HIS B 142 43.78 50.87 13.34
N ARG B 143 43.85 52.02 12.67
CA ARG B 143 42.65 52.71 12.18
C ARG B 143 42.25 52.11 10.83
N CYS B 144 41.02 51.60 10.75
CA CYS B 144 40.51 50.97 9.52
C CYS B 144 39.46 51.87 8.89
N ASP B 145 39.82 52.52 7.79
CA ASP B 145 38.90 53.41 7.08
C ASP B 145 37.94 52.62 6.22
N ASN B 146 37.04 53.32 5.52
CA ASN B 146 36.01 52.65 4.72
C ASN B 146 36.57 51.70 3.67
N GLU B 147 37.68 52.08 3.04
CA GLU B 147 38.34 51.24 2.04
C GLU B 147 38.89 49.98 2.72
N CYS B 148 39.50 50.18 3.88
CA CYS B 148 40.00 49.09 4.71
C CYS B 148 38.87 48.16 5.20
N MET B 149 37.72 48.75 5.55
CA MET B 149 36.55 47.98 5.93
C MET B 149 36.01 47.18 4.75
N GLU B 150 35.94 47.79 3.58
CA GLU B 150 35.47 47.11 2.37
C GLU B 150 36.36 45.91 2.03
N SER B 151 37.66 46.06 2.23
CA SER B 151 38.60 44.98 1.95
C SER B 151 38.36 43.77 2.85
N VAL B 152 37.97 44.02 4.10
CA VAL B 152 37.63 42.92 5.01
C VAL B 152 36.41 42.15 4.52
N ARG B 153 35.44 42.84 3.94
CA ARG B 153 34.24 42.17 3.36
C ARG B 153 34.55 41.51 2.01
N ASN B 154 35.34 42.19 1.17
CA ASN B 154 35.92 41.62 -0.06
C ASN B 154 36.65 40.30 0.16
N GLY B 155 37.20 40.12 1.35
CA GLY B 155 38.16 39.05 1.59
C GLY B 155 39.52 39.43 1.03
N THR B 156 39.83 40.73 1.04
CA THR B 156 41.08 41.27 0.47
C THR B 156 41.88 42.08 1.49
N TYR B 157 41.71 41.79 2.78
CA TYR B 157 42.42 42.53 3.81
C TYR B 157 43.90 42.18 3.81
N ASP B 158 44.75 43.20 3.75
CA ASP B 158 46.21 43.02 3.63
C ASP B 158 46.86 43.08 5.01
N TYR B 159 47.10 41.90 5.58
CA TYR B 159 47.63 41.79 6.95
C TYR B 159 49.03 42.42 7.10
N PRO B 160 49.98 42.08 6.19
CA PRO B 160 51.32 42.68 6.28
C PRO B 160 51.30 44.20 6.39
N GLN B 161 50.40 44.86 5.68
CA GLN B 161 50.31 46.32 5.67
C GLN B 161 50.13 46.98 7.04
N TYR B 162 49.54 46.28 8.00
CA TYR B 162 49.18 46.89 9.28
C TYR B 162 49.86 46.30 10.53
N SER B 163 50.55 45.15 10.41
CA SER B 163 51.14 44.49 11.60
C SER B 163 52.58 44.93 11.85
N ASP C 3 43.42 28.21 39.23
CA ASP C 3 44.67 27.72 38.59
C ASP C 3 44.36 26.95 37.29
N GLN C 4 43.35 26.08 37.32
CA GLN C 4 42.98 25.27 36.13
C GLN C 4 41.52 24.82 36.13
N ILE C 5 40.78 25.24 35.10
CA ILE C 5 39.38 24.83 34.90
C ILE C 5 39.26 23.99 33.62
N CYS C 6 38.72 22.79 33.76
CA CYS C 6 38.59 21.83 32.65
C CYS C 6 37.14 21.70 32.21
N ILE C 7 36.95 21.39 30.92
CA ILE C 7 35.63 21.10 30.36
C ILE C 7 35.54 19.64 29.95
N GLY C 8 34.39 19.03 30.21
CA GLY C 8 34.22 17.62 29.97
C GLY C 8 32.79 17.18 30.02
N TYR C 9 32.60 15.86 30.01
CA TYR C 9 31.27 15.28 29.85
C TYR C 9 31.11 13.99 30.63
N HIS C 10 29.86 13.56 30.78
CA HIS C 10 29.51 12.38 31.57
C HIS C 10 30.00 11.10 30.89
N ALA C 11 30.70 10.30 31.68
CA ALA C 11 30.94 8.90 31.36
C ALA C 11 30.36 8.08 32.52
N ASN C 12 29.92 6.86 32.22
CA ASN C 12 29.45 5.94 33.25
C ASN C 12 29.85 4.49 32.94
N ASN C 13 29.28 3.55 33.69
CA ASN C 13 29.61 2.12 33.56
C ASN C 13 28.68 1.38 32.59
N SER C 14 27.99 2.11 31.70
CA SER C 14 26.98 1.52 30.81
C SER C 14 27.57 0.71 29.66
N THR C 15 26.91 -0.40 29.34
CA THR C 15 27.24 -1.20 28.16
C THR C 15 26.09 -1.23 27.14
N GLU C 16 25.10 -0.34 27.31
CA GLU C 16 23.98 -0.26 26.36
C GLU C 16 24.47 0.25 25.01
N GLN C 17 24.03 -0.41 23.94
CA GLN C 17 24.56 -0.15 22.60
C GLN C 17 23.45 0.29 21.66
N VAL C 18 23.81 1.18 20.74
CA VAL C 18 22.87 1.64 19.74
C VAL C 18 23.55 1.66 18.39
N ASP C 19 22.74 1.76 17.33
CA ASP C 19 23.23 1.77 15.97
C ASP C 19 22.94 3.10 15.30
N THR C 20 23.79 3.46 14.36
CA THR C 20 23.60 4.62 13.51
C THR C 20 23.85 4.16 12.11
N ILE C 21 23.64 5.04 11.14
CA ILE C 21 23.93 4.71 9.75
C ILE C 21 25.39 4.27 9.58
N MET C 22 26.31 5.08 10.10
CA MET C 22 27.73 4.87 9.87
C MET C 22 28.41 3.89 10.82
N GLU C 23 27.75 3.57 11.92
CA GLU C 23 28.41 2.79 12.96
C GLU C 23 27.41 1.89 13.68
N LYS C 24 27.81 0.64 13.93
CA LYS C 24 26.97 -0.33 14.65
C LYS C 24 27.56 -0.55 16.02
N ASN C 25 26.71 -0.94 16.97
CA ASN C 25 27.13 -1.31 18.33
C ASN C 25 27.85 -0.19 19.07
N VAL C 26 27.31 1.04 19.01
CA VAL C 26 27.92 2.19 19.69
C VAL C 26 27.49 2.22 21.16
N THR C 27 28.45 2.11 22.07
CA THR C 27 28.16 2.16 23.50
C THR C 27 27.84 3.59 23.91
N VAL C 28 26.73 3.76 24.62
CA VAL C 28 26.28 5.08 25.09
C VAL C 28 25.96 5.03 26.58
N THR C 29 25.95 6.21 27.20
CA THR C 29 25.74 6.33 28.65
C THR C 29 24.29 6.02 29.01
N HIS C 30 23.37 6.38 28.10
CA HIS C 30 21.94 6.14 28.30
C HIS C 30 21.24 5.85 26.98
N ALA C 31 20.39 4.83 27.01
CA ALA C 31 19.55 4.51 25.86
C ALA C 31 18.15 4.14 26.35
N GLN C 32 17.26 3.98 25.38
CA GLN C 32 15.86 3.68 25.63
C GLN C 32 15.38 2.71 24.56
N ASP C 33 15.10 1.49 25.00
CA ASP C 33 14.43 0.50 24.18
C ASP C 33 12.98 0.99 23.97
N ILE C 34 12.52 1.02 22.73
CA ILE C 34 11.12 1.35 22.44
C ILE C 34 10.35 0.19 21.80
N LEU C 35 10.86 -1.03 21.96
CA LEU C 35 10.23 -2.20 21.34
C LEU C 35 9.82 -3.26 22.37
N GLU C 36 8.52 -3.50 22.48
CA GLU C 36 8.02 -4.60 23.30
C GLU C 36 8.27 -5.91 22.58
N LYS C 37 8.97 -6.82 23.24
CA LYS C 37 9.33 -8.11 22.65
C LYS C 37 8.70 -9.33 23.35
N THR C 38 7.97 -9.12 24.44
CA THR C 38 7.35 -10.23 25.17
C THR C 38 5.81 -10.15 25.27
N HIS C 39 5.19 -11.32 25.28
CA HIS C 39 3.75 -11.48 25.47
C HIS C 39 3.55 -12.58 26.50
N ASN C 40 2.34 -12.73 27.03
CA ASN C 40 2.08 -13.64 28.16
C ASN C 40 1.69 -15.05 27.75
N GLY C 41 1.52 -15.25 26.45
CA GLY C 41 1.24 -16.56 25.89
C GLY C 41 -0.20 -17.04 26.09
N LYS C 42 -1.09 -16.13 26.47
CA LYS C 42 -2.46 -16.49 26.82
C LYS C 42 -3.48 -15.72 26.01
N LEU C 43 -4.68 -16.30 25.90
CA LEU C 43 -5.86 -15.59 25.41
C LEU C 43 -6.64 -15.10 26.61
N CYS C 44 -6.78 -13.78 26.71
CA CYS C 44 -7.34 -13.16 27.90
C CYS C 44 -8.64 -12.44 27.60
N ASP C 45 -9.32 -12.04 28.67
CA ASP C 45 -10.42 -11.10 28.57
C ASP C 45 -9.80 -9.82 28.02
N LEU C 46 -10.54 -9.15 27.17
CA LEU C 46 -10.15 -7.85 26.68
C LEU C 46 -10.86 -6.78 27.49
N ASP C 47 -10.14 -6.20 28.45
CA ASP C 47 -10.65 -5.13 29.29
C ASP C 47 -11.94 -5.54 30.01
N GLY C 48 -11.90 -6.68 30.68
CA GLY C 48 -13.05 -7.19 31.43
C GLY C 48 -14.02 -8.07 30.65
N VAL C 49 -13.98 -8.00 29.31
CA VAL C 49 -14.92 -8.75 28.48
C VAL C 49 -14.30 -10.02 27.89
N LYS C 50 -14.85 -11.17 28.26
CA LYS C 50 -14.31 -12.47 27.85
C LYS C 50 -14.53 -12.71 26.35
N PRO C 51 -13.58 -13.41 25.71
CA PRO C 51 -13.80 -13.77 24.33
C PRO C 51 -14.68 -14.99 24.19
N LEU C 52 -15.26 -15.15 23.00
CA LEU C 52 -15.96 -16.38 22.65
C LEU C 52 -14.92 -17.35 22.09
N ILE C 53 -14.55 -18.34 22.89
CA ILE C 53 -13.63 -19.38 22.47
C ILE C 53 -14.45 -20.55 21.89
N LEU C 54 -14.47 -20.67 20.57
CA LEU C 54 -15.25 -21.70 19.92
C LEU C 54 -14.68 -23.11 20.02
N ARG C 55 -13.51 -23.27 20.62
CA ARG C 55 -12.91 -24.59 20.84
C ARG C 55 -12.89 -25.40 19.54
N ASP C 56 -13.58 -26.55 19.47
CA ASP C 56 -13.54 -27.39 18.28
C ASP C 56 -14.67 -27.11 17.30
N CYS C 57 -15.41 -26.01 17.51
CA CYS C 57 -16.51 -25.66 16.62
C CYS C 57 -16.14 -24.50 15.69
N SER C 58 -16.69 -24.52 14.49
CA SER C 58 -16.53 -23.45 13.56
C SER C 58 -17.67 -22.47 13.74
N VAL C 59 -17.51 -21.27 13.21
CA VAL C 59 -18.61 -20.33 13.18
C VAL C 59 -19.86 -21.00 12.62
N ALA C 60 -19.71 -21.71 11.50
CA ALA C 60 -20.86 -22.36 10.86
C ALA C 60 -21.53 -23.36 11.81
N GLY C 61 -20.74 -24.19 12.47
CA GLY C 61 -21.28 -25.17 13.40
C GLY C 61 -21.99 -24.51 14.56
N TRP C 62 -21.40 -23.43 15.05
CA TRP C 62 -22.02 -22.61 16.08
C TRP C 62 -23.38 -22.09 15.63
N LEU C 63 -23.42 -21.41 14.49
CA LEU C 63 -24.62 -20.67 14.11
C LEU C 63 -25.77 -21.58 13.70
N LEU C 64 -25.49 -22.58 12.87
CA LEU C 64 -26.52 -23.55 12.48
C LEU C 64 -26.95 -24.47 13.63
N GLY C 65 -26.09 -24.68 14.62
CA GLY C 65 -26.41 -25.53 15.76
C GLY C 65 -26.05 -26.99 15.55
N ASN C 66 -24.83 -27.24 15.09
CA ASN C 66 -24.28 -28.58 15.08
C ASN C 66 -24.37 -29.11 16.50
N PRO C 67 -25.00 -30.29 16.69
CA PRO C 67 -25.23 -30.86 18.04
C PRO C 67 -23.98 -31.04 18.91
N MET C 68 -22.81 -31.20 18.28
CA MET C 68 -21.56 -31.24 19.02
C MET C 68 -21.16 -29.85 19.54
N CYS C 69 -21.86 -28.81 19.08
CA CYS C 69 -21.60 -27.43 19.51
C CYS C 69 -22.65 -26.88 20.49
N ASP C 70 -23.35 -27.75 21.21
CA ASP C 70 -24.41 -27.30 22.12
C ASP C 70 -23.94 -26.32 23.22
N GLU C 71 -22.66 -26.38 23.57
CA GLU C 71 -22.02 -25.38 24.46
C GLU C 71 -22.31 -23.92 24.07
N PHE C 72 -22.53 -23.69 22.77
CA PHE C 72 -22.67 -22.36 22.22
C PHE C 72 -24.10 -22.06 21.76
N LEU C 73 -25.09 -22.65 22.44
CA LEU C 73 -26.48 -22.45 22.06
C LEU C 73 -26.96 -21.02 22.33
N ASN C 74 -26.45 -20.42 23.40
CA ASN C 74 -26.80 -19.06 23.74
C ASN C 74 -25.61 -18.40 24.44
N VAL C 75 -24.61 -18.00 23.67
CA VAL C 75 -23.38 -17.49 24.24
C VAL C 75 -23.59 -16.07 24.72
N PRO C 76 -22.91 -15.71 25.82
CA PRO C 76 -22.92 -14.31 26.26
C PRO C 76 -22.17 -13.35 25.33
N GLU C 77 -22.35 -12.07 25.58
CA GLU C 77 -21.58 -11.00 24.93
C GLU C 77 -20.08 -11.30 24.91
N TRP C 78 -19.44 -11.04 23.78
CA TRP C 78 -18.02 -11.29 23.66
C TRP C 78 -17.24 -10.05 23.21
N SER C 79 -15.93 -10.09 23.45
CA SER C 79 -14.99 -9.05 23.02
C SER C 79 -14.36 -9.43 21.69
N TYR C 80 -13.94 -10.68 21.56
CA TYR C 80 -13.42 -11.21 20.30
C TYR C 80 -13.73 -12.70 20.19
N ILE C 81 -13.55 -13.23 19.00
CA ILE C 81 -13.87 -14.61 18.71
C ILE C 81 -12.61 -15.37 18.32
N VAL C 82 -12.48 -16.59 18.86
CA VAL C 82 -11.33 -17.43 18.60
C VAL C 82 -11.76 -18.77 17.99
N GLU C 83 -11.28 -19.02 16.78
CA GLU C 83 -11.60 -20.22 16.01
C GLU C 83 -10.28 -20.90 15.65
N LYS C 84 -10.26 -22.22 15.67
CA LYS C 84 -9.09 -22.97 15.25
C LYS C 84 -8.96 -22.98 13.73
N ILE C 85 -7.80 -23.38 13.24
CA ILE C 85 -7.53 -23.41 11.81
C ILE C 85 -8.45 -24.41 11.10
N ASN C 86 -8.56 -25.63 11.63
CA ASN C 86 -9.46 -26.65 11.08
C ASN C 86 -10.30 -27.26 12.20
N PRO C 87 -11.41 -26.59 12.55
CA PRO C 87 -12.29 -27.11 13.60
C PRO C 87 -13.00 -28.38 13.17
N ALA C 88 -12.97 -29.40 14.03
CA ALA C 88 -13.62 -30.67 13.73
C ALA C 88 -15.14 -30.57 13.53
N ASN C 89 -15.79 -29.72 14.31
CA ASN C 89 -17.24 -29.61 14.31
C ASN C 89 -17.69 -28.42 13.50
N ASP C 90 -18.08 -28.69 12.26
CA ASP C 90 -18.36 -27.65 11.29
C ASP C 90 -19.75 -27.95 10.74
N LEU C 91 -19.88 -28.25 9.45
CA LEU C 91 -21.11 -28.80 8.92
C LEU C 91 -21.07 -30.31 9.15
N CYS C 92 -21.82 -30.79 10.14
CA CYS C 92 -21.91 -32.23 10.39
C CYS C 92 -22.45 -32.93 9.16
N TYR C 93 -23.64 -32.50 8.72
CA TYR C 93 -24.12 -32.93 7.42
C TYR C 93 -23.33 -32.15 6.38
N PRO C 94 -22.67 -32.85 5.46
CA PRO C 94 -21.74 -32.19 4.56
C PRO C 94 -22.41 -31.23 3.58
N GLY C 95 -21.65 -30.26 3.09
CA GLY C 95 -22.16 -29.27 2.16
C GLY C 95 -21.35 -27.99 2.26
N ASN C 96 -22.01 -26.85 2.09
CA ASN C 96 -21.33 -25.56 2.14
C ASN C 96 -22.23 -24.43 2.60
N PHE C 97 -21.60 -23.36 3.05
CA PHE C 97 -22.28 -22.21 3.56
C PHE C 97 -22.05 -21.15 2.53
N ASN C 98 -23.12 -20.69 1.89
CA ASN C 98 -23.04 -19.62 0.90
C ASN C 98 -22.65 -18.26 1.48
N ASP C 99 -21.74 -17.59 0.78
CA ASP C 99 -21.13 -16.32 1.21
C ASP C 99 -20.63 -16.37 2.63
N TYR C 100 -19.96 -17.46 2.96
CA TYR C 100 -19.52 -17.70 4.33
C TYR C 100 -18.55 -16.62 4.81
N GLU C 101 -17.61 -16.22 3.97
CA GLU C 101 -16.57 -15.28 4.37
C GLU C 101 -17.18 -13.90 4.58
N GLU C 102 -18.16 -13.55 3.75
CA GLU C 102 -18.88 -12.29 3.93
C GLU C 102 -19.65 -12.29 5.25
N LEU C 103 -20.16 -13.45 5.65
CA LEU C 103 -20.87 -13.55 6.91
C LEU C 103 -19.89 -13.32 8.04
N LYS C 104 -18.69 -13.88 7.91
CA LYS C 104 -17.72 -13.81 9.01
C LYS C 104 -17.17 -12.40 9.12
N HIS C 105 -17.23 -11.66 8.02
CA HIS C 105 -16.84 -10.27 8.02
C HIS C 105 -17.82 -9.42 8.84
N LEU C 106 -19.12 -9.70 8.70
CA LEU C 106 -20.13 -9.06 9.55
C LEU C 106 -19.89 -9.36 11.02
N LEU C 107 -19.52 -10.59 11.32
CA LEU C 107 -19.25 -11.00 12.70
C LEU C 107 -18.19 -10.15 13.34
N SER C 108 -17.23 -9.73 12.56
CA SER C 108 -16.15 -8.90 13.08
C SER C 108 -16.62 -7.54 13.57
N ARG C 109 -17.90 -7.21 13.37
CA ARG C 109 -18.47 -5.97 13.90
C ARG C 109 -19.62 -6.23 14.86
N ILE C 110 -19.77 -7.47 15.32
CA ILE C 110 -20.84 -7.86 16.23
C ILE C 110 -20.25 -8.38 17.54
N ASN C 111 -20.83 -7.94 18.66
CA ASN C 111 -20.37 -8.38 19.99
C ASN C 111 -21.37 -9.31 20.67
N HIS C 112 -22.61 -9.31 20.19
CA HIS C 112 -23.63 -10.14 20.80
C HIS C 112 -24.85 -10.37 19.92
N PHE C 113 -25.28 -11.62 19.91
CA PHE C 113 -26.54 -12.05 19.35
C PHE C 113 -27.50 -12.41 20.49
N GLU C 114 -28.80 -12.29 20.24
CA GLU C 114 -29.81 -12.97 21.07
C GLU C 114 -30.62 -13.87 20.14
N LYS C 115 -30.43 -15.17 20.32
CA LYS C 115 -31.13 -16.14 19.50
C LYS C 115 -32.62 -16.24 19.85
N ILE C 116 -33.48 -16.17 18.85
CA ILE C 116 -34.91 -16.34 19.05
C ILE C 116 -35.49 -17.35 18.06
N GLN C 117 -36.60 -17.95 18.48
CA GLN C 117 -37.40 -18.77 17.59
C GLN C 117 -38.17 -17.90 16.63
N ILE C 118 -38.14 -18.20 15.35
CA ILE C 118 -38.98 -17.48 14.39
C ILE C 118 -39.99 -18.36 13.66
N ILE C 119 -39.70 -19.66 13.54
CA ILE C 119 -40.70 -20.61 13.05
C ILE C 119 -40.68 -21.85 13.95
N PRO C 120 -41.72 -22.02 14.79
CA PRO C 120 -41.72 -23.19 15.67
C PRO C 120 -41.96 -24.48 14.89
N LYS C 121 -41.41 -25.59 15.39
CA LYS C 121 -41.69 -26.92 14.83
C LYS C 121 -43.19 -27.19 14.74
N SER C 122 -43.93 -26.77 15.77
CA SER C 122 -45.37 -26.99 15.85
C SER C 122 -46.13 -26.50 14.64
N SER C 123 -45.55 -25.58 13.86
CA SER C 123 -46.30 -24.95 12.77
C SER C 123 -46.32 -25.80 11.51
N TRP C 124 -45.49 -26.83 11.47
CA TRP C 124 -45.48 -27.74 10.33
C TRP C 124 -46.58 -28.81 10.48
N SER C 125 -47.80 -28.42 10.13
CA SER C 125 -48.96 -29.32 10.22
C SER C 125 -48.88 -30.42 9.17
N ASP C 126 -48.56 -30.03 7.93
CA ASP C 126 -48.65 -30.94 6.77
C ASP C 126 -47.32 -31.53 6.30
N HIS C 127 -46.29 -31.43 7.13
CA HIS C 127 -44.98 -31.97 6.78
C HIS C 127 -44.36 -32.64 8.01
N GLU C 128 -43.49 -33.62 7.81
CA GLU C 128 -42.68 -34.11 8.93
C GLU C 128 -41.53 -33.13 9.16
N ALA C 129 -41.19 -32.93 10.41
CA ALA C 129 -40.26 -31.89 10.80
C ALA C 129 -39.23 -32.46 11.75
N SER C 130 -38.89 -33.74 11.59
CA SER C 130 -37.96 -34.39 12.50
C SER C 130 -36.85 -35.18 11.79
N GLY C 131 -36.49 -34.77 10.58
CA GLY C 131 -35.41 -35.43 9.86
C GLY C 131 -34.08 -35.32 10.61
N VAL C 132 -33.33 -36.42 10.59
CA VAL C 132 -32.04 -36.52 11.27
C VAL C 132 -31.06 -37.26 10.35
N SER C 133 -29.82 -37.40 10.78
CA SER C 133 -28.83 -38.11 10.02
C SER C 133 -27.73 -38.60 10.95
N SER C 134 -27.16 -39.76 10.62
CA SER C 134 -26.00 -40.29 11.33
C SER C 134 -24.80 -39.36 11.16
N ALA C 135 -24.86 -38.46 10.19
CA ALA C 135 -23.83 -37.43 10.01
C ALA C 135 -23.80 -36.41 11.13
N CYS C 136 -24.91 -36.21 11.83
CA CYS C 136 -24.97 -35.26 12.95
C CYS C 136 -25.28 -35.99 14.23
N PRO C 137 -24.30 -36.75 14.74
CA PRO C 137 -24.56 -37.44 15.98
C PRO C 137 -24.76 -36.48 17.14
N TYR C 138 -25.77 -36.76 17.95
CA TYR C 138 -25.87 -36.20 19.26
C TYR C 138 -25.85 -37.38 20.20
N GLN C 139 -24.87 -37.40 21.10
CA GLN C 139 -24.62 -38.54 21.99
C GLN C 139 -24.46 -39.85 21.21
N GLY C 140 -23.85 -39.74 20.03
CA GLY C 140 -23.61 -40.87 19.16
C GLY C 140 -24.84 -41.42 18.48
N ARG C 141 -25.96 -40.69 18.57
CA ARG C 141 -27.21 -41.06 17.91
C ARG C 141 -27.58 -40.01 16.87
N SER C 142 -28.29 -40.43 15.84
CA SER C 142 -28.66 -39.55 14.75
C SER C 142 -29.44 -38.34 15.23
N SER C 143 -29.10 -37.17 14.69
CA SER C 143 -29.73 -35.91 15.07
C SER C 143 -29.58 -34.92 13.91
N PHE C 144 -29.72 -33.62 14.21
CA PHE C 144 -29.62 -32.58 13.19
C PHE C 144 -29.24 -31.24 13.83
N PHE C 145 -28.88 -30.28 12.99
CA PHE C 145 -28.66 -28.90 13.43
C PHE C 145 -29.85 -28.40 14.30
N ARG C 146 -29.57 -27.67 15.37
CA ARG C 146 -30.63 -27.22 16.27
C ARG C 146 -31.51 -26.09 15.71
N ASN C 147 -30.99 -25.30 14.78
CA ASN C 147 -31.62 -24.00 14.48
C ASN C 147 -32.34 -23.93 13.15
N VAL C 148 -32.25 -25.02 12.41
CA VAL C 148 -32.98 -25.18 11.16
C VAL C 148 -33.62 -26.57 11.18
N VAL C 149 -34.62 -26.79 10.33
CA VAL C 149 -35.43 -28.01 10.38
C VAL C 149 -35.48 -28.70 9.04
N TRP C 150 -35.33 -30.03 9.06
CA TRP C 150 -35.36 -30.86 7.85
C TRP C 150 -36.78 -31.34 7.63
N LEU C 151 -37.48 -30.68 6.72
CA LEU C 151 -38.85 -31.05 6.42
C LEU C 151 -38.89 -32.17 5.38
N THR C 152 -39.72 -33.17 5.63
CA THR C 152 -39.91 -34.26 4.65
C THR C 152 -41.41 -34.50 4.43
N LYS C 153 -41.73 -35.25 3.39
CA LYS C 153 -43.12 -35.53 3.04
C LYS C 153 -43.91 -36.14 4.18
N LYS C 154 -45.21 -35.86 4.20
CA LYS C 154 -46.14 -36.45 5.18
C LYS C 154 -47.30 -37.11 4.48
N ASP C 155 -47.55 -38.38 4.83
CA ASP C 155 -48.61 -39.20 4.20
C ASP C 155 -48.40 -39.30 2.71
N ASN C 156 -47.15 -39.54 2.30
CA ASN C 156 -46.74 -39.54 0.90
C ASN C 156 -47.10 -38.26 0.15
N ALA C 157 -47.08 -37.14 0.86
CA ALA C 157 -47.40 -35.86 0.24
C ALA C 157 -46.49 -34.76 0.78
N TYR C 158 -46.11 -33.84 -0.10
CA TYR C 158 -45.39 -32.63 0.29
C TYR C 158 -46.10 -31.47 -0.38
N PRO C 159 -47.11 -30.91 0.29
CA PRO C 159 -47.78 -29.75 -0.28
C PRO C 159 -46.89 -28.52 -0.26
N THR C 160 -47.24 -27.55 -1.10
CA THR C 160 -46.45 -26.37 -1.31
C THR C 160 -46.47 -25.51 -0.03
N ILE C 161 -45.29 -25.28 0.52
CA ILE C 161 -45.11 -24.47 1.71
C ILE C 161 -45.17 -22.99 1.36
N LYS C 162 -45.83 -22.20 2.22
CA LYS C 162 -45.87 -20.76 2.06
C LYS C 162 -45.83 -20.11 3.43
N ARG C 163 -44.71 -19.48 3.77
CA ARG C 163 -44.51 -18.89 5.09
C ARG C 163 -43.85 -17.55 5.04
N SER C 164 -44.29 -16.67 5.95
CA SER C 164 -43.72 -15.35 6.11
C SER C 164 -43.32 -15.18 7.56
N TYR C 165 -42.24 -14.43 7.78
CA TYR C 165 -41.90 -13.96 9.10
C TYR C 165 -41.57 -12.47 8.98
N ASN C 166 -42.32 -11.65 9.72
CA ASN C 166 -42.10 -10.22 9.75
C ASN C 166 -41.18 -9.89 10.93
N ASN C 167 -40.07 -9.22 10.67
CA ASN C 167 -39.18 -8.81 11.74
C ASN C 167 -39.78 -7.66 12.55
N THR C 168 -40.56 -7.99 13.57
CA THR C 168 -41.17 -6.97 14.43
C THR C 168 -40.26 -6.56 15.58
N ASN C 169 -39.04 -7.09 15.61
CA ASN C 169 -38.05 -6.68 16.60
C ASN C 169 -37.46 -5.33 16.21
N GLN C 170 -36.70 -4.74 17.13
CA GLN C 170 -36.05 -3.48 16.85
C GLN C 170 -34.66 -3.65 16.24
N GLU C 171 -34.10 -4.86 16.33
CA GLU C 171 -32.76 -5.14 15.81
C GLU C 171 -32.80 -5.85 14.45
N ASP C 172 -31.71 -5.72 13.70
CA ASP C 172 -31.48 -6.55 12.53
C ASP C 172 -31.50 -8.01 12.94
N LEU C 173 -31.98 -8.86 12.05
CA LEU C 173 -32.08 -10.29 12.32
C LEU C 173 -31.29 -11.15 11.30
N LEU C 174 -30.41 -12.01 11.80
CA LEU C 174 -29.69 -12.94 10.95
C LEU C 174 -30.54 -14.22 10.78
N VAL C 175 -31.04 -14.44 9.57
CA VAL C 175 -31.88 -15.57 9.23
C VAL C 175 -31.08 -16.58 8.40
N LEU C 176 -31.22 -17.86 8.75
CA LEU C 176 -30.51 -18.94 8.09
C LEU C 176 -31.49 -19.97 7.58
N TRP C 177 -31.23 -20.49 6.39
CA TRP C 177 -31.99 -21.58 5.82
C TRP C 177 -31.11 -22.38 4.89
N GLY C 178 -31.66 -23.48 4.36
CA GLY C 178 -30.89 -24.38 3.55
C GLY C 178 -31.65 -25.14 2.51
N ILE C 179 -30.90 -25.82 1.65
CA ILE C 179 -31.47 -26.74 0.68
C ILE C 179 -30.68 -28.04 0.73
N HIS C 180 -31.39 -29.15 0.53
CA HIS C 180 -30.80 -30.47 0.50
C HIS C 180 -30.63 -30.97 -0.93
N HIS C 181 -29.43 -31.41 -1.25
CA HIS C 181 -29.10 -31.93 -2.56
C HIS C 181 -29.04 -33.45 -2.44
N PRO C 182 -30.08 -34.17 -2.91
CA PRO C 182 -30.11 -35.62 -2.75
C PRO C 182 -29.20 -36.37 -3.74
N ASN C 183 -29.03 -37.66 -3.48
CA ASN C 183 -28.15 -38.52 -4.29
C ASN C 183 -28.75 -38.98 -5.63
N ASP C 184 -30.06 -39.18 -5.69
CA ASP C 184 -30.71 -39.70 -6.89
C ASP C 184 -32.21 -39.43 -6.93
N ALA C 185 -32.84 -39.70 -8.07
CA ALA C 185 -34.26 -39.45 -8.26
C ALA C 185 -35.15 -40.23 -7.29
N ALA C 186 -34.72 -41.43 -6.93
CA ALA C 186 -35.46 -42.29 -6.00
C ALA C 186 -35.48 -41.70 -4.58
N GLU C 187 -34.35 -41.14 -4.16
CA GLU C 187 -34.25 -40.51 -2.84
C GLU C 187 -35.05 -39.20 -2.78
N GLN C 188 -35.11 -38.49 -3.89
CA GLN C 188 -35.96 -37.30 -4.03
C GLN C 188 -37.42 -37.65 -3.70
N THR C 189 -37.99 -38.61 -4.42
CA THR C 189 -39.38 -38.98 -4.19
C THR C 189 -39.59 -39.57 -2.80
N ARG C 190 -38.66 -40.41 -2.36
CA ARG C 190 -38.75 -40.99 -1.03
C ARG C 190 -38.84 -39.92 0.06
N LEU C 191 -38.03 -38.86 -0.05
CA LEU C 191 -38.00 -37.80 0.96
C LEU C 191 -39.06 -36.71 0.77
N TYR C 192 -39.25 -36.25 -0.47
CA TYR C 192 -40.10 -35.09 -0.72
C TYR C 192 -41.28 -35.34 -1.64
N GLN C 193 -41.38 -36.56 -2.18
CA GLN C 193 -42.47 -36.97 -3.08
C GLN C 193 -42.42 -36.35 -4.47
N ASN C 194 -42.44 -35.02 -4.54
CA ASN C 194 -42.37 -34.30 -5.81
C ASN C 194 -40.97 -34.42 -6.42
N PRO C 195 -40.89 -34.68 -7.73
CA PRO C 195 -39.58 -34.89 -8.37
C PRO C 195 -38.88 -33.62 -8.80
N THR C 196 -39.64 -32.55 -9.09
CA THR C 196 -39.05 -31.29 -9.55
C THR C 196 -39.43 -30.17 -8.58
N THR C 197 -38.44 -29.71 -7.83
CA THR C 197 -38.69 -28.87 -6.67
C THR C 197 -37.90 -27.58 -6.67
N TYR C 198 -38.34 -26.63 -5.85
CA TYR C 198 -37.74 -25.32 -5.78
C TYR C 198 -37.91 -24.74 -4.38
N ILE C 199 -37.15 -23.70 -4.10
CA ILE C 199 -37.26 -22.94 -2.89
C ILE C 199 -37.10 -21.50 -3.30
N SER C 200 -38.16 -20.71 -3.16
CA SER C 200 -38.05 -19.29 -3.43
C SER C 200 -38.01 -18.53 -2.12
N VAL C 201 -37.11 -17.55 -2.05
CA VAL C 201 -36.98 -16.71 -0.87
C VAL C 201 -36.95 -15.26 -1.30
N GLY C 202 -37.82 -14.45 -0.70
CA GLY C 202 -37.92 -13.05 -1.02
C GLY C 202 -37.95 -12.17 0.22
N THR C 203 -37.28 -11.03 0.14
CA THR C 203 -37.42 -9.96 1.13
C THR C 203 -37.65 -8.65 0.38
N SER C 204 -37.33 -7.51 1.00
CA SER C 204 -37.37 -6.25 0.26
C SER C 204 -36.23 -6.16 -0.75
N THR C 205 -35.13 -6.87 -0.46
CA THR C 205 -33.95 -6.89 -1.33
C THR C 205 -33.62 -8.27 -1.94
N LEU C 206 -34.01 -9.34 -1.27
CA LEU C 206 -33.71 -10.68 -1.74
C LEU C 206 -34.79 -11.17 -2.70
N ASN C 207 -34.34 -11.79 -3.79
CA ASN C 207 -35.21 -12.43 -4.77
C ASN C 207 -34.50 -13.67 -5.27
N GLN C 208 -34.62 -14.73 -4.50
CA GLN C 208 -33.87 -15.94 -4.70
C GLN C 208 -34.81 -17.06 -5.13
N ARG C 209 -34.33 -17.91 -6.04
CA ARG C 209 -35.01 -19.15 -6.37
C ARG C 209 -33.96 -20.22 -6.47
N LEU C 210 -34.00 -21.19 -5.55
CA LEU C 210 -33.03 -22.26 -5.49
C LEU C 210 -33.65 -23.54 -6.02
N VAL C 211 -32.84 -24.33 -6.71
CA VAL C 211 -33.27 -25.60 -7.28
C VAL C 211 -32.23 -26.65 -6.89
N PRO C 212 -32.68 -27.84 -6.45
CA PRO C 212 -31.73 -28.82 -5.95
C PRO C 212 -30.98 -29.49 -7.08
N LYS C 213 -29.87 -30.14 -6.73
CA LYS C 213 -28.92 -30.70 -7.70
C LYS C 213 -28.63 -32.15 -7.34
N ILE C 214 -29.35 -33.07 -7.96
CA ILE C 214 -28.97 -34.47 -7.89
C ILE C 214 -27.57 -34.65 -8.51
N ALA C 215 -26.73 -35.42 -7.83
CA ALA C 215 -25.39 -35.72 -8.32
C ALA C 215 -24.79 -36.87 -7.53
N THR C 216 -23.92 -37.63 -8.18
CA THR C 216 -23.25 -38.77 -7.57
C THR C 216 -22.01 -38.21 -6.92
N ARG C 217 -21.89 -38.36 -5.61
CA ARG C 217 -20.86 -37.65 -4.85
C ARG C 217 -20.13 -38.59 -3.90
N SER C 218 -18.90 -38.24 -3.59
CA SER C 218 -18.14 -38.97 -2.59
C SER C 218 -18.82 -38.83 -1.22
N LYS C 219 -18.67 -39.86 -0.39
CA LYS C 219 -19.19 -39.80 0.96
C LYS C 219 -18.30 -38.92 1.84
N VAL C 220 -18.93 -37.99 2.54
CA VAL C 220 -18.28 -37.20 3.58
C VAL C 220 -19.13 -37.36 4.82
N ASN C 221 -18.51 -37.64 5.96
CA ASN C 221 -19.23 -38.04 7.17
C ASN C 221 -20.32 -39.08 6.90
N GLY C 222 -20.02 -40.03 6.01
CA GLY C 222 -20.93 -41.12 5.67
C GLY C 222 -21.99 -40.80 4.63
N GLN C 223 -22.05 -39.55 4.16
CA GLN C 223 -23.16 -39.13 3.32
C GLN C 223 -22.70 -38.63 1.98
N SER C 224 -23.46 -38.98 0.94
CA SER C 224 -23.23 -38.48 -0.39
C SER C 224 -24.16 -37.32 -0.72
N GLY C 225 -25.25 -37.19 0.04
CA GLY C 225 -26.12 -36.02 -0.05
C GLY C 225 -25.39 -34.76 0.39
N ARG C 226 -25.91 -33.60 0.02
CA ARG C 226 -25.31 -32.34 0.44
C ARG C 226 -26.37 -31.40 0.96
N MET C 227 -25.99 -30.54 1.89
CA MET C 227 -26.84 -29.41 2.27
C MET C 227 -26.13 -28.06 2.07
N GLU C 228 -26.80 -27.18 1.34
CA GLU C 228 -26.28 -25.86 1.06
C GLU C 228 -27.06 -24.85 1.86
N PHE C 229 -26.36 -24.07 2.68
CA PHE C 229 -26.99 -23.11 3.56
C PHE C 229 -26.84 -21.68 3.06
N PHE C 230 -27.89 -20.89 3.30
CA PHE C 230 -27.93 -19.51 2.90
C PHE C 230 -28.32 -18.63 4.08
N TRP C 231 -27.98 -17.34 3.99
CA TRP C 231 -28.29 -16.38 5.03
C TRP C 231 -28.66 -15.03 4.46
N THR C 232 -29.36 -14.23 5.26
CA THR C 232 -29.60 -12.83 4.95
C THR C 232 -29.78 -12.07 6.24
N ILE C 233 -29.69 -10.74 6.17
CA ILE C 233 -30.00 -9.89 7.30
C ILE C 233 -31.37 -9.30 7.04
N LEU C 234 -32.29 -9.58 7.94
CA LEU C 234 -33.65 -9.09 7.85
C LEU C 234 -33.78 -7.81 8.68
N LYS C 235 -34.11 -6.71 8.01
CA LYS C 235 -34.23 -5.40 8.63
C LYS C 235 -35.47 -5.31 9.48
N PRO C 236 -35.44 -4.51 10.56
CA PRO C 236 -36.67 -4.23 11.29
C PRO C 236 -37.81 -3.86 10.35
N ASN C 237 -38.95 -4.52 10.53
CA ASN C 237 -40.15 -4.26 9.72
C ASN C 237 -40.17 -4.82 8.32
N ASP C 238 -39.08 -5.45 7.90
CA ASP C 238 -39.14 -6.21 6.67
C ASP C 238 -39.68 -7.60 6.99
N ALA C 239 -40.13 -8.29 5.95
CA ALA C 239 -40.59 -9.67 6.06
C ALA C 239 -39.86 -10.53 5.05
N ILE C 240 -39.68 -11.79 5.40
CA ILE C 240 -39.05 -12.78 4.56
C ILE C 240 -40.09 -13.81 4.16
N ASN C 241 -40.14 -14.15 2.89
CA ASN C 241 -41.16 -15.07 2.37
C ASN C 241 -40.56 -16.32 1.75
N PHE C 242 -40.88 -17.48 2.33
CA PHE C 242 -40.46 -18.76 1.80
C PHE C 242 -41.61 -19.46 1.09
N GLU C 243 -41.37 -19.91 -0.13
CA GLU C 243 -42.24 -20.88 -0.79
C GLU C 243 -41.41 -22.05 -1.30
N SER C 244 -41.90 -23.27 -1.09
CA SER C 244 -41.19 -24.47 -1.53
C SER C 244 -42.10 -25.67 -1.66
N ASN C 245 -41.75 -26.55 -2.58
CA ASN C 245 -42.44 -27.83 -2.74
C ASN C 245 -41.48 -29.01 -2.54
N GLY C 246 -40.36 -28.76 -1.90
CA GLY C 246 -39.42 -29.83 -1.57
C GLY C 246 -38.03 -29.32 -1.24
N ASN C 247 -37.30 -30.12 -0.46
CA ASN C 247 -35.84 -29.94 -0.25
C ASN C 247 -35.49 -28.76 0.64
N PHE C 248 -36.47 -28.25 1.36
CA PHE C 248 -36.31 -27.04 2.14
C PHE C 248 -35.82 -27.40 3.53
N ILE C 249 -34.69 -26.83 3.93
CA ILE C 249 -34.20 -26.95 5.30
C ILE C 249 -34.56 -25.61 5.91
N ALA C 250 -35.67 -25.59 6.63
CA ALA C 250 -36.31 -24.33 7.01
C ALA C 250 -35.73 -23.77 8.30
N PRO C 251 -35.83 -22.44 8.47
CA PRO C 251 -35.45 -21.82 9.75
C PRO C 251 -36.29 -22.34 10.92
N GLU C 252 -35.66 -22.48 12.08
CA GLU C 252 -36.37 -22.57 13.36
C GLU C 252 -35.98 -21.37 14.20
N ASN C 253 -34.68 -21.19 14.41
CA ASN C 253 -34.17 -20.07 15.16
C ASN C 253 -33.33 -19.12 14.32
N ALA C 254 -33.32 -17.87 14.74
CA ALA C 254 -32.55 -16.82 14.09
C ALA C 254 -31.95 -15.93 15.17
N TYR C 255 -31.05 -15.02 14.79
CA TYR C 255 -30.25 -14.23 15.73
C TYR C 255 -30.53 -12.73 15.62
N LYS C 256 -31.04 -12.13 16.69
CA LYS C 256 -31.10 -10.67 16.77
C LYS C 256 -29.69 -10.13 16.94
N ILE C 257 -29.35 -9.10 16.19
CA ILE C 257 -28.07 -8.46 16.36
C ILE C 257 -28.23 -7.34 17.35
N VAL C 258 -27.90 -7.61 18.61
CA VAL C 258 -28.21 -6.69 19.72
C VAL C 258 -27.02 -5.83 20.18
N LYS C 259 -25.80 -6.16 19.76
CA LYS C 259 -24.63 -5.34 20.07
C LYS C 259 -23.60 -5.34 18.95
N LYS C 260 -23.45 -4.19 18.29
CA LYS C 260 -22.39 -3.99 17.28
C LYS C 260 -21.25 -3.21 17.91
N GLY C 261 -20.04 -3.51 17.50
CA GLY C 261 -18.87 -2.79 17.98
C GLY C 261 -17.61 -3.39 17.37
N ASP C 262 -16.48 -3.13 17.98
CA ASP C 262 -15.23 -3.67 17.50
C ASP C 262 -15.03 -5.08 18.01
N SER C 263 -14.76 -5.97 17.07
CA SER C 263 -14.50 -7.37 17.34
C SER C 263 -13.62 -7.92 16.22
N THR C 264 -13.22 -9.18 16.37
CA THR C 264 -12.49 -9.85 15.32
C THR C 264 -12.62 -11.35 15.50
N ILE C 265 -12.32 -12.08 14.44
CA ILE C 265 -12.17 -13.52 14.52
C ILE C 265 -10.67 -13.87 14.41
N MET C 266 -10.08 -14.25 15.54
CA MET C 266 -8.71 -14.69 15.57
C MET C 266 -8.64 -16.16 15.29
N LYS C 267 -7.65 -16.55 14.49
CA LYS C 267 -7.32 -17.94 14.31
C LYS C 267 -6.20 -18.28 15.29
N SER C 268 -6.50 -19.18 16.22
CA SER C 268 -5.55 -19.58 17.25
C SER C 268 -5.88 -20.98 17.75
N GLU C 269 -4.87 -21.73 18.16
CA GLU C 269 -5.07 -23.05 18.77
C GLU C 269 -5.09 -22.95 20.28
N LEU C 270 -4.78 -21.77 20.81
CA LEU C 270 -4.82 -21.54 22.26
C LEU C 270 -6.24 -21.57 22.79
N GLU C 271 -6.39 -21.82 24.08
CA GLU C 271 -7.69 -21.71 24.74
C GLU C 271 -7.59 -20.77 25.93
N TYR C 272 -8.68 -20.64 26.69
CA TYR C 272 -8.82 -19.54 27.64
C TYR C 272 -7.70 -19.49 28.68
N GLY C 273 -7.17 -18.30 28.93
CA GLY C 273 -6.06 -18.12 29.86
C GLY C 273 -6.42 -17.63 31.25
N ASN C 274 -7.71 -17.41 31.50
CA ASN C 274 -8.20 -16.91 32.80
C ASN C 274 -7.47 -15.67 33.27
N CYS C 275 -7.34 -14.70 32.37
CA CYS C 275 -6.57 -13.50 32.60
C CYS C 275 -7.29 -12.32 31.98
N ASN C 276 -6.75 -11.13 32.21
CA ASN C 276 -7.29 -9.91 31.61
C ASN C 276 -6.15 -9.10 30.97
N THR C 277 -6.45 -8.43 29.86
CA THR C 277 -5.46 -7.62 29.16
C THR C 277 -6.14 -6.47 28.44
N LYS C 278 -5.36 -5.46 28.08
CA LYS C 278 -5.85 -4.38 27.24
C LYS C 278 -5.52 -4.60 25.77
N CYS C 279 -4.56 -5.49 25.50
CA CYS C 279 -4.13 -5.75 24.14
C CYS C 279 -3.89 -7.23 23.91
N GLN C 280 -4.59 -7.81 22.93
CA GLN C 280 -4.54 -9.25 22.67
C GLN C 280 -4.08 -9.62 21.24
N THR C 281 -3.20 -10.61 21.14
CA THR C 281 -2.80 -11.21 19.86
C THR C 281 -3.16 -12.70 19.84
N PRO C 282 -3.17 -13.33 18.65
CA PRO C 282 -3.53 -14.75 18.57
C PRO C 282 -2.52 -15.70 19.20
N ILE C 283 -1.30 -15.23 19.48
CA ILE C 283 -0.33 -16.07 20.19
C ILE C 283 -0.12 -15.65 21.65
N GLY C 284 -0.82 -14.59 22.08
CA GLY C 284 -0.75 -14.13 23.47
C GLY C 284 -0.94 -12.64 23.62
N ALA C 285 -1.01 -12.18 24.87
CA ALA C 285 -1.41 -10.83 25.19
C ALA C 285 -0.24 -9.96 25.62
N ILE C 286 -0.40 -8.65 25.47
CA ILE C 286 0.66 -7.68 25.67
C ILE C 286 0.30 -6.71 26.80
N ASN C 287 1.16 -6.62 27.80
CA ASN C 287 1.06 -5.61 28.84
C ASN C 287 2.33 -4.77 28.78
N SER C 288 2.26 -3.63 28.11
CA SER C 288 3.45 -2.82 27.85
C SER C 288 3.14 -1.36 27.62
N SER C 289 4.13 -0.52 27.91
CA SER C 289 4.05 0.90 27.66
C SER C 289 5.01 1.33 26.53
N MET C 290 5.58 0.36 25.81
CA MET C 290 6.41 0.63 24.65
C MET C 290 5.53 1.11 23.51
N PRO C 291 6.06 2.00 22.65
CA PRO C 291 5.28 2.43 21.49
C PRO C 291 5.24 1.42 20.34
N PHE C 292 6.17 0.46 20.34
CA PHE C 292 6.22 -0.56 19.29
C PHE C 292 6.31 -1.96 19.88
N HIS C 293 5.89 -2.94 19.08
CA HIS C 293 6.02 -4.36 19.43
C HIS C 293 6.21 -5.16 18.17
N ASN C 294 6.71 -6.38 18.32
CA ASN C 294 6.95 -7.29 17.19
C ASN C 294 6.35 -8.68 17.40
N ILE C 295 5.37 -8.77 18.29
CA ILE C 295 4.77 -10.05 18.68
C ILE C 295 4.00 -10.68 17.52
N HIS C 296 3.10 -9.90 16.92
CA HIS C 296 2.18 -10.42 15.91
C HIS C 296 1.42 -9.27 15.25
N PRO C 297 1.20 -9.33 13.93
CA PRO C 297 0.51 -8.22 13.24
C PRO C 297 -0.99 -8.02 13.52
N LEU C 298 -1.70 -9.08 13.91
CA LEU C 298 -3.13 -9.01 14.21
C LEU C 298 -3.37 -8.84 15.71
N THR C 299 -3.75 -7.64 16.12
CA THR C 299 -3.98 -7.34 17.52
C THR C 299 -5.36 -6.73 17.64
N ILE C 300 -5.92 -6.79 18.83
CA ILE C 300 -7.14 -6.05 19.14
C ILE C 300 -6.96 -5.44 20.52
N GLY C 301 -7.49 -4.23 20.68
CA GLY C 301 -7.42 -3.51 21.95
C GLY C 301 -6.60 -2.25 21.82
N GLU C 302 -6.00 -1.80 22.92
CA GLU C 302 -5.09 -0.65 22.88
C GLU C 302 -3.67 -1.17 22.86
N CYS C 303 -3.03 -1.14 21.68
CA CYS C 303 -1.78 -1.85 21.48
C CYS C 303 -0.66 -0.93 21.01
N PRO C 304 0.60 -1.34 21.25
CA PRO C 304 1.70 -0.67 20.58
C PRO C 304 1.59 -0.90 19.08
N LYS C 305 2.31 -0.12 18.28
CA LYS C 305 2.30 -0.32 16.85
C LYS C 305 3.21 -1.50 16.49
N TYR C 306 2.78 -2.34 15.57
CA TYR C 306 3.57 -3.51 15.18
C TYR C 306 4.62 -3.18 14.10
N VAL C 307 5.82 -3.74 14.27
CA VAL C 307 6.87 -3.69 13.26
C VAL C 307 7.58 -5.03 13.25
N LYS C 308 8.18 -5.39 12.12
CA LYS C 308 8.89 -6.68 12.02
C LYS C 308 10.27 -6.69 12.68
N SER C 309 10.72 -5.57 13.22
CA SER C 309 12.06 -5.44 13.77
C SER C 309 12.33 -6.41 14.92
N SER C 310 13.60 -6.76 15.10
CA SER C 310 14.05 -7.56 16.22
C SER C 310 14.62 -6.70 17.32
N ARG C 311 14.86 -5.43 17.02
CA ARG C 311 15.55 -4.54 17.94
C ARG C 311 15.29 -3.09 17.53
N LEU C 312 15.07 -2.23 18.53
CA LEU C 312 14.73 -0.84 18.29
C LEU C 312 15.07 -0.02 19.53
N VAL C 313 16.21 0.67 19.49
CA VAL C 313 16.76 1.36 20.65
C VAL C 313 17.28 2.74 20.26
N LEU C 314 16.70 3.77 20.87
CA LEU C 314 17.11 5.15 20.64
C LEU C 314 18.19 5.54 21.62
N ALA C 315 19.20 6.27 21.11
CA ALA C 315 20.21 6.87 21.96
C ALA C 315 19.60 8.06 22.64
N THR C 316 19.86 8.18 23.95
CA THR C 316 19.49 9.37 24.72
C THR C 316 20.74 10.06 25.25
N GLY C 317 21.61 9.29 25.91
CA GLY C 317 22.88 9.80 26.40
C GLY C 317 23.90 9.95 25.29
N LEU C 318 25.17 9.92 25.66
CA LEU C 318 26.25 10.16 24.72
C LEU C 318 27.22 8.99 24.63
N ARG C 319 28.03 9.01 23.59
CA ARG C 319 29.06 8.01 23.38
C ARG C 319 29.81 7.76 24.69
N ASN C 320 29.91 6.50 25.08
CA ASN C 320 30.53 6.15 26.35
C ASN C 320 31.95 5.64 26.12
N SER C 321 32.93 6.49 26.42
CA SER C 321 34.33 6.14 26.24
C SER C 321 34.74 5.10 27.30
N PRO C 322 35.58 4.12 26.90
CA PRO C 322 36.15 3.16 27.85
C PRO C 322 37.41 3.67 28.52
N GLY D 1 33.21 12.37 16.59
CA GLY D 1 31.93 12.93 16.08
C GLY D 1 32.16 14.11 15.14
N LEU D 2 31.07 14.66 14.63
CA LEU D 2 31.17 15.75 13.67
C LEU D 2 31.80 17.03 14.24
N PHE D 3 31.73 17.22 15.56
CA PHE D 3 32.20 18.47 16.17
C PHE D 3 33.53 18.36 16.91
N GLY D 4 34.11 17.16 16.95
CA GLY D 4 35.51 16.97 17.31
C GLY D 4 35.89 17.06 18.78
N ALA D 5 34.89 17.16 19.66
CA ALA D 5 35.12 17.35 21.09
C ALA D 5 35.06 16.03 21.85
N ILE D 6 33.89 15.40 21.88
CA ILE D 6 33.69 14.10 22.52
C ILE D 6 34.60 13.09 21.85
N ALA D 7 35.38 12.37 22.65
CA ALA D 7 36.37 11.45 22.12
C ALA D 7 37.13 12.14 20.97
N GLY D 8 37.60 13.35 21.26
CA GLY D 8 38.29 14.19 20.27
C GLY D 8 39.41 14.96 20.96
N PHE D 9 39.27 16.27 21.06
CA PHE D 9 40.26 17.06 21.81
C PHE D 9 40.08 16.87 23.33
N ILE D 10 38.86 16.52 23.73
CA ILE D 10 38.61 16.00 25.06
C ILE D 10 38.63 14.48 24.91
N GLU D 11 39.65 13.88 25.51
CA GLU D 11 40.04 12.51 25.20
C GLU D 11 38.97 11.49 25.63
N GLY D 12 38.40 11.69 26.82
CA GLY D 12 37.37 10.80 27.36
C GLY D 12 36.44 11.52 28.32
N GLY D 13 35.38 10.83 28.74
CA GLY D 13 34.38 11.38 29.66
C GLY D 13 34.79 11.20 31.11
N TRP D 14 34.00 11.77 32.02
CA TRP D 14 34.30 11.74 33.46
C TRP D 14 33.30 10.90 34.27
N GLN D 15 33.79 9.87 34.92
CA GLN D 15 32.99 9.10 35.87
C GLN D 15 32.56 9.96 37.05
N GLY D 16 33.40 10.93 37.43
CA GLY D 16 33.14 11.81 38.56
C GLY D 16 31.97 12.78 38.38
N MET D 17 31.60 13.03 37.13
CA MET D 17 30.48 13.93 36.84
C MET D 17 29.17 13.16 36.82
N VAL D 18 28.62 12.92 37.99
CA VAL D 18 27.37 12.20 38.14
C VAL D 18 26.18 13.14 37.99
N ASP D 19 26.35 14.38 38.45
CA ASP D 19 25.25 15.35 38.56
C ASP D 19 24.80 15.95 37.23
N GLY D 20 25.48 15.67 36.12
CA GLY D 20 25.06 16.19 34.81
C GLY D 20 25.69 15.52 33.60
N TRP D 21 25.32 15.97 32.40
CA TRP D 21 25.88 15.44 31.15
C TRP D 21 27.16 16.17 30.76
N TYR D 22 27.14 17.50 30.82
CA TYR D 22 28.34 18.30 30.56
C TYR D 22 28.64 19.14 31.78
N GLY D 23 29.91 19.52 31.96
CA GLY D 23 30.26 20.42 33.04
C GLY D 23 31.73 20.78 33.18
N TYR D 24 32.11 21.16 34.39
CA TYR D 24 33.45 21.70 34.65
C TYR D 24 34.20 20.85 35.69
N HIS D 25 35.53 20.98 35.67
CA HIS D 25 36.44 20.41 36.67
C HIS D 25 37.43 21.51 37.02
N HIS D 26 37.25 22.16 38.18
CA HIS D 26 38.18 23.22 38.60
C HIS D 26 39.28 22.70 39.53
N SER D 27 40.34 23.50 39.66
CA SER D 27 41.44 23.20 40.59
C SER D 27 42.19 24.50 40.91
N ASN D 28 42.11 24.91 42.18
CA ASN D 28 42.73 26.13 42.66
C ASN D 28 43.37 25.87 44.03
N GLU D 29 43.77 26.93 44.74
CA GLU D 29 44.32 26.78 46.09
C GLU D 29 43.34 26.20 47.11
N GLN D 30 42.06 26.50 46.95
CA GLN D 30 41.03 26.03 47.89
C GLN D 30 40.73 24.55 47.73
N GLY D 31 40.57 24.10 46.49
CA GLY D 31 40.31 22.69 46.22
C GLY D 31 39.96 22.39 44.79
N SER D 32 39.33 21.24 44.59
CA SER D 32 38.94 20.79 43.26
C SER D 32 37.64 19.99 43.31
N GLY D 33 36.86 20.08 42.24
CA GLY D 33 35.60 19.36 42.17
C GLY D 33 34.90 19.47 40.83
N TYR D 34 34.01 18.52 40.58
CA TYR D 34 33.19 18.50 39.40
C TYR D 34 31.94 19.33 39.61
N ALA D 35 31.54 20.08 38.58
CA ALA D 35 30.33 20.91 38.64
C ALA D 35 29.60 20.89 37.27
N ALA D 36 28.36 20.44 37.27
CA ALA D 36 27.59 20.28 36.03
C ALA D 36 27.00 21.62 35.56
N ASP D 37 27.23 21.95 34.29
CA ASP D 37 26.64 23.14 33.69
C ASP D 37 25.15 22.89 33.42
N LYS D 38 24.32 23.48 34.26
CA LYS D 38 22.88 23.22 34.21
C LYS D 38 22.24 23.71 32.91
N GLU D 39 22.64 24.87 32.41
CA GLU D 39 22.03 25.47 31.21
C GLU D 39 22.10 24.55 29.98
N SER D 40 23.27 23.96 29.75
CA SER D 40 23.50 23.10 28.60
C SER D 40 22.91 21.70 28.80
N THR D 41 23.06 21.18 30.02
CA THR D 41 22.47 19.89 30.38
C THR D 41 20.95 19.94 30.22
N GLN D 42 20.32 21.02 30.71
CA GLN D 42 18.87 21.17 30.62
C GLN D 42 18.41 21.24 29.18
N LYS D 43 19.06 22.12 28.40
CA LYS D 43 18.79 22.23 26.96
C LYS D 43 18.83 20.86 26.30
N ALA D 44 19.81 20.04 26.69
CA ALA D 44 20.00 18.70 26.12
C ALA D 44 18.83 17.76 26.40
N ILE D 45 18.39 17.76 27.65
CA ILE D 45 17.29 16.89 28.08
C ILE D 45 15.99 17.29 27.40
N ASP D 46 15.75 18.59 27.28
CA ASP D 46 14.56 19.08 26.59
C ASP D 46 14.58 18.64 25.14
N GLY D 47 15.70 18.92 24.47
CA GLY D 47 15.88 18.54 23.08
C GLY D 47 15.69 17.04 22.85
N VAL D 48 16.31 16.24 23.71
CA VAL D 48 16.25 14.78 23.56
C VAL D 48 14.86 14.25 23.89
N THR D 49 14.25 14.78 24.95
CA THR D 49 12.89 14.37 25.35
C THR D 49 11.90 14.65 24.21
N ASN D 50 12.00 15.84 23.62
CA ASN D 50 11.13 16.21 22.50
C ASN D 50 11.35 15.35 21.27
N LYS D 51 12.60 14.91 21.06
CA LYS D 51 12.93 14.09 19.90
C LYS D 51 12.22 12.74 20.03
N VAL D 52 12.36 12.12 21.19
CA VAL D 52 11.77 10.81 21.46
C VAL D 52 10.25 10.90 21.26
N ASN D 53 9.63 11.87 21.91
CA ASN D 53 8.18 12.06 21.83
C ASN D 53 7.67 12.30 20.42
N SER D 54 8.42 13.06 19.62
CA SER D 54 8.04 13.37 18.22
C SER D 54 8.07 12.12 17.36
N ILE D 55 9.11 11.32 17.57
CA ILE D 55 9.30 10.05 16.87
C ILE D 55 8.11 9.11 17.13
N ILE D 56 7.66 9.07 18.39
CA ILE D 56 6.50 8.27 18.77
C ILE D 56 5.19 8.81 18.16
N ASP D 57 5.01 10.12 18.17
CA ASP D 57 3.75 10.73 17.70
C ASP D 57 3.56 10.65 16.18
N LYS D 58 4.66 10.67 15.44
CA LYS D 58 4.60 10.53 13.97
C LYS D 58 4.16 9.13 13.55
N MET D 59 4.53 8.12 14.33
CA MET D 59 4.20 6.72 14.03
C MET D 59 2.86 6.31 14.63
N ASN D 60 2.17 7.26 15.24
CA ASN D 60 0.96 6.97 16.01
C ASN D 60 -0.27 6.71 15.13
N THR D 61 -0.21 7.12 13.86
CA THR D 61 -1.18 6.67 12.84
C THR D 61 -0.40 5.90 11.79
N GLN D 62 -0.36 4.59 11.97
CA GLN D 62 0.45 3.68 11.20
C GLN D 62 -0.50 2.58 10.77
N PHE D 63 -0.04 1.68 9.90
CA PHE D 63 -0.93 0.65 9.36
C PHE D 63 -1.28 -0.42 10.38
N GLU D 64 -2.54 -0.82 10.41
CA GLU D 64 -3.02 -1.85 11.30
C GLU D 64 -3.69 -2.98 10.50
N ALA D 65 -3.08 -4.16 10.56
CA ALA D 65 -3.57 -5.28 9.78
C ALA D 65 -4.87 -5.84 10.34
N VAL D 66 -5.68 -6.37 9.44
CA VAL D 66 -6.99 -6.89 9.77
C VAL D 66 -7.10 -8.29 9.17
N GLY D 67 -7.52 -9.26 9.96
CA GLY D 67 -7.81 -10.59 9.43
C GLY D 67 -8.98 -10.56 8.47
N ARG D 68 -8.75 -10.98 7.23
CA ARG D 68 -9.80 -11.15 6.24
C ARG D 68 -9.72 -12.59 5.77
N GLU D 69 -10.86 -13.23 5.51
CA GLU D 69 -10.87 -14.59 5.00
C GLU D 69 -11.38 -14.73 3.60
N PHE D 70 -10.82 -15.70 2.89
CA PHE D 70 -11.16 -15.95 1.50
C PHE D 70 -11.34 -17.43 1.28
N ASN D 71 -12.08 -17.79 0.24
CA ASN D 71 -12.30 -19.19 -0.08
C ASN D 71 -11.35 -19.70 -1.18
N ASN D 72 -11.53 -20.97 -1.55
CA ASN D 72 -10.63 -21.68 -2.45
C ASN D 72 -10.60 -21.13 -3.88
N LEU D 73 -11.64 -20.39 -4.28
CA LEU D 73 -11.66 -19.77 -5.59
C LEU D 73 -11.48 -18.25 -5.54
N GLU D 74 -10.89 -17.77 -4.43
CA GLU D 74 -10.63 -16.36 -4.24
C GLU D 74 -9.16 -16.18 -3.94
N ARG D 75 -8.32 -16.98 -4.60
CA ARG D 75 -6.91 -17.02 -4.30
C ARG D 75 -6.18 -15.76 -4.78
N ARG D 76 -6.65 -15.16 -5.87
CA ARG D 76 -6.00 -13.96 -6.38
C ARG D 76 -6.17 -12.79 -5.38
N ILE D 77 -7.40 -12.53 -4.96
CA ILE D 77 -7.64 -11.47 -3.97
C ILE D 77 -7.05 -11.82 -2.60
N GLU D 78 -7.04 -13.09 -2.25
CA GLU D 78 -6.39 -13.49 -1.00
C GLU D 78 -4.92 -13.10 -1.06
N ASN D 79 -4.27 -13.36 -2.20
CA ASN D 79 -2.87 -13.05 -2.39
C ASN D 79 -2.64 -11.53 -2.43
N LEU D 80 -3.48 -10.83 -3.19
CA LEU D 80 -3.50 -9.37 -3.21
C LEU D 80 -3.59 -8.77 -1.80
N ASN D 81 -4.50 -9.31 -1.01
CA ASN D 81 -4.67 -8.89 0.37
C ASN D 81 -3.42 -9.10 1.23
N LYS D 82 -2.82 -10.27 1.12
CA LYS D 82 -1.62 -10.59 1.84
C LYS D 82 -0.44 -9.67 1.46
N LYS D 83 -0.31 -9.35 0.17
CA LYS D 83 0.81 -8.54 -0.30
C LYS D 83 0.63 -7.08 0.09
N MET D 84 -0.62 -6.65 0.13
CA MET D 84 -0.94 -5.31 0.54
C MET D 84 -0.57 -5.13 2.00
N GLU D 85 -0.92 -6.10 2.84
CA GLU D 85 -0.68 -5.96 4.28
C GLU D 85 0.77 -6.12 4.64
N ASP D 86 1.44 -7.14 4.09
CA ASP D 86 2.90 -7.23 4.21
C ASP D 86 3.59 -5.97 3.67
N GLY D 87 3.03 -5.38 2.62
CA GLY D 87 3.59 -4.19 2.02
C GLY D 87 3.69 -3.07 3.02
N PHE D 88 2.58 -2.77 3.68
CA PHE D 88 2.54 -1.70 4.66
C PHE D 88 3.37 -2.07 5.90
N LEU D 89 3.38 -3.33 6.30
CA LEU D 89 4.20 -3.71 7.45
C LEU D 89 5.69 -3.43 7.15
N ASP D 90 6.13 -3.74 5.93
CA ASP D 90 7.51 -3.56 5.53
C ASP D 90 7.86 -2.05 5.45
N VAL D 91 6.97 -1.27 4.86
CA VAL D 91 7.13 0.16 4.78
C VAL D 91 7.25 0.81 6.14
N TRP D 92 6.38 0.44 7.08
CA TRP D 92 6.41 1.01 8.45
C TRP D 92 7.58 0.47 9.29
N THR D 93 8.02 -0.74 8.99
CA THR D 93 9.20 -1.27 9.66
C THR D 93 10.43 -0.53 9.19
N TYR D 94 10.48 -0.22 7.89
CA TYR D 94 11.58 0.54 7.32
C TYR D 94 11.60 1.95 7.94
N ASN D 95 10.45 2.61 7.95
CA ASN D 95 10.35 3.96 8.50
C ASN D 95 10.85 4.00 9.95
N ALA D 96 10.43 3.02 10.75
CA ALA D 96 10.77 3.01 12.16
C ALA D 96 12.26 2.83 12.32
N GLU D 97 12.80 1.76 11.74
CA GLU D 97 14.21 1.44 11.92
C GLU D 97 15.12 2.57 11.40
N LEU D 98 14.79 3.11 10.23
CA LEU D 98 15.58 4.16 9.60
C LEU D 98 15.57 5.44 10.42
N LEU D 99 14.41 5.82 10.91
CA LEU D 99 14.30 7.02 11.72
C LEU D 99 15.13 6.87 12.99
N VAL D 100 15.09 5.70 13.60
CA VAL D 100 15.92 5.45 14.77
C VAL D 100 17.41 5.58 14.42
N LEU D 101 17.82 5.04 13.26
CA LEU D 101 19.23 5.06 12.89
C LEU D 101 19.69 6.48 12.63
N MET D 102 18.90 7.22 11.86
CA MET D 102 19.24 8.61 11.52
C MET D 102 19.28 9.48 12.77
N GLU D 103 18.28 9.36 13.63
CA GLU D 103 18.21 10.22 14.81
C GLU D 103 19.21 9.86 15.92
N ASN D 104 19.65 8.61 15.95
CA ASN D 104 20.72 8.22 16.87
C ASN D 104 22.02 8.90 16.48
N GLU D 105 22.25 9.03 15.18
CA GLU D 105 23.41 9.72 14.69
C GLU D 105 23.34 11.19 15.09
N ARG D 106 22.21 11.83 14.81
CA ARG D 106 22.04 13.25 15.14
C ARG D 106 22.09 13.49 16.64
N THR D 107 21.62 12.54 17.44
CA THR D 107 21.68 12.66 18.90
C THR D 107 23.13 12.68 19.43
N LEU D 108 23.96 11.73 18.97
CA LEU D 108 25.35 11.69 19.42
C LEU D 108 26.08 12.97 18.98
N ASP D 109 25.83 13.41 17.76
CA ASP D 109 26.43 14.66 17.26
C ASP D 109 25.95 15.87 18.06
N PHE D 110 24.70 15.82 18.53
CA PHE D 110 24.10 16.89 19.32
C PHE D 110 24.88 17.09 20.60
N HIS D 111 25.16 15.99 21.29
CA HIS D 111 25.95 16.05 22.49
C HIS D 111 27.33 16.64 22.20
N ASP D 112 27.94 16.19 21.11
CA ASP D 112 29.28 16.63 20.72
C ASP D 112 29.28 18.15 20.56
N SER D 113 28.32 18.63 19.77
CA SER D 113 28.11 20.06 19.60
C SER D 113 27.95 20.81 20.91
N ASN D 114 27.16 20.26 21.82
CA ASN D 114 26.94 20.91 23.12
C ASN D 114 28.22 21.04 23.94
N VAL D 115 29.08 20.03 23.86
CA VAL D 115 30.34 20.06 24.58
C VAL D 115 31.29 21.07 23.92
N LYS D 116 31.36 21.05 22.59
CA LYS D 116 32.14 22.04 21.85
C LYS D 116 31.69 23.46 22.15
N ASN D 117 30.38 23.71 22.12
CA ASN D 117 29.82 25.04 22.39
C ASN D 117 30.14 25.53 23.81
N LEU D 118 30.07 24.63 24.78
CA LEU D 118 30.40 24.92 26.17
C LEU D 118 31.88 25.35 26.32
N TYR D 119 32.77 24.58 25.70
CA TYR D 119 34.21 24.88 25.69
C TYR D 119 34.48 26.28 25.13
N ASP D 120 33.86 26.60 24.00
CA ASP D 120 34.01 27.91 23.40
C ASP D 120 33.43 29.03 24.28
N LYS D 121 32.36 28.75 25.02
CA LYS D 121 31.73 29.75 25.89
C LYS D 121 32.73 30.19 26.96
N VAL D 122 33.47 29.21 27.48
CA VAL D 122 34.53 29.47 28.44
C VAL D 122 35.72 30.15 27.76
N ARG D 123 36.17 29.60 26.64
CA ARG D 123 37.29 30.18 25.88
C ARG D 123 37.08 31.65 25.56
N LEU D 124 35.93 31.97 24.96
CA LEU D 124 35.65 33.33 24.48
C LEU D 124 35.63 34.36 25.60
N GLN D 125 35.20 33.94 26.79
CA GLN D 125 35.22 34.81 27.97
C GLN D 125 36.64 35.13 28.45
N LEU D 126 37.50 34.12 28.45
CA LEU D 126 38.83 34.23 29.08
C LEU D 126 39.87 34.95 28.22
N ARG D 127 40.05 34.48 26.99
CA ARG D 127 41.01 35.07 26.04
C ARG D 127 42.47 35.00 26.52
N ASP D 128 43.06 36.15 26.83
CA ASP D 128 44.48 36.23 27.19
C ASP D 128 44.75 35.79 28.62
N ASN D 129 43.77 36.02 29.49
CA ASN D 129 43.90 35.70 30.92
C ASN D 129 44.12 34.23 31.25
N ALA D 130 43.81 33.33 30.31
CA ALA D 130 44.11 31.91 30.47
C ALA D 130 44.78 31.32 29.22
N LYS D 131 45.53 30.25 29.44
CA LYS D 131 46.27 29.57 28.37
C LYS D 131 45.50 28.32 27.90
N GLU D 132 45.28 28.22 26.59
CA GLU D 132 44.55 27.10 26.02
C GLU D 132 45.43 25.85 26.03
N LEU D 133 45.07 24.86 26.84
CA LEU D 133 45.88 23.63 26.97
C LEU D 133 45.77 22.75 25.73
N GLY D 134 44.55 22.55 25.25
CA GLY D 134 44.32 21.69 24.08
C GLY D 134 43.66 20.38 24.43
N ASN D 135 43.70 20.01 25.71
CA ASN D 135 43.04 18.78 26.19
C ASN D 135 41.61 19.02 26.68
N GLY D 136 41.11 20.23 26.46
CA GLY D 136 39.81 20.65 26.96
C GLY D 136 39.94 21.43 28.24
N CYS D 137 41.08 22.08 28.44
CA CYS D 137 41.38 22.72 29.70
C CYS D 137 42.05 24.08 29.54
N PHE D 138 41.97 24.89 30.59
CA PHE D 138 42.53 26.23 30.59
C PHE D 138 43.35 26.49 31.85
N GLU D 139 44.66 26.63 31.69
CA GLU D 139 45.55 27.00 32.78
C GLU D 139 45.48 28.51 32.95
N PHE D 140 45.05 28.96 34.12
CA PHE D 140 44.94 30.39 34.42
C PHE D 140 46.30 31.04 34.61
N TYR D 141 46.44 32.27 34.15
CA TYR D 141 47.64 33.07 34.42
C TYR D 141 47.51 33.75 35.79
N HIS D 142 46.37 34.39 36.03
CA HIS D 142 46.05 34.96 37.33
C HIS D 142 45.27 33.91 38.14
N ARG D 143 45.54 33.85 39.45
CA ARG D 143 44.86 32.87 40.32
C ARG D 143 43.35 33.11 40.32
N CYS D 144 42.58 32.03 40.27
CA CYS D 144 41.12 32.12 40.33
C CYS D 144 40.58 31.31 41.51
N ASP D 145 40.14 32.02 42.55
CA ASP D 145 39.50 31.41 43.71
C ASP D 145 38.11 30.87 43.37
N ASN D 146 37.46 30.22 44.34
CA ASN D 146 36.14 29.58 44.11
C ASN D 146 34.98 30.54 43.85
N GLU D 147 35.25 31.84 43.77
CA GLU D 147 34.22 32.83 43.46
C GLU D 147 34.17 33.12 41.97
N CYS D 148 35.34 33.30 41.35
CA CYS D 148 35.43 33.52 39.90
C CYS D 148 35.19 32.23 39.13
N MET D 149 35.48 31.09 39.74
CA MET D 149 35.11 29.80 39.17
C MET D 149 33.60 29.72 38.97
N GLU D 150 32.83 30.35 39.86
CA GLU D 150 31.38 30.41 39.72
C GLU D 150 30.94 31.46 38.69
N SER D 151 31.71 32.54 38.57
CA SER D 151 31.39 33.62 37.61
C SER D 151 31.56 33.14 36.17
N VAL D 152 32.60 32.36 35.91
CA VAL D 152 32.82 31.78 34.58
C VAL D 152 31.74 30.74 34.25
N ARG D 153 31.28 29.98 35.25
CA ARG D 153 30.16 29.05 35.06
C ARG D 153 28.84 29.81 34.91
N ASN D 154 28.64 30.82 35.76
CA ASN D 154 27.50 31.73 35.67
C ASN D 154 27.45 32.45 34.32
N GLY D 155 28.63 32.76 33.78
CA GLY D 155 28.77 33.52 32.54
C GLY D 155 28.96 35.00 32.80
N THR D 156 29.59 35.32 33.94
CA THR D 156 29.71 36.70 34.42
C THR D 156 31.16 37.01 34.80
N TYR D 157 32.09 36.59 33.95
CA TYR D 157 33.52 36.83 34.17
C TYR D 157 33.93 38.18 33.55
N ASP D 158 34.42 39.10 34.38
CA ASP D 158 34.82 40.42 33.92
C ASP D 158 36.28 40.41 33.46
N TYR D 159 36.48 40.24 32.15
CA TYR D 159 37.84 40.16 31.57
C TYR D 159 38.77 41.32 31.97
N PRO D 160 38.32 42.57 31.83
CA PRO D 160 39.19 43.73 32.11
C PRO D 160 39.98 43.67 33.44
N GLN D 161 39.35 43.17 34.51
CA GLN D 161 39.97 43.19 35.83
C GLN D 161 41.18 42.27 35.96
N TYR D 162 41.22 41.20 35.17
CA TYR D 162 42.27 40.18 35.29
C TYR D 162 43.47 40.40 34.36
N SER D 163 43.26 41.11 33.25
CA SER D 163 44.35 41.35 32.27
C SER D 163 45.16 42.59 32.61
N ASP E 1 61.62 31.27 2.92
CA ASP E 1 62.59 30.91 4.02
C ASP E 1 61.93 30.17 5.19
N PRO E 2 60.86 30.73 5.78
CA PRO E 2 60.24 30.06 6.95
C PRO E 2 59.48 28.79 6.58
N ASP E 3 59.66 27.73 7.38
CA ASP E 3 59.06 26.43 7.11
C ASP E 3 57.54 26.43 7.35
N GLN E 4 56.83 25.56 6.63
CA GLN E 4 55.37 25.48 6.68
C GLN E 4 54.87 24.05 6.66
N ILE E 5 53.74 23.81 7.34
CA ILE E 5 53.01 22.55 7.24
C ILE E 5 51.53 22.87 6.97
N CYS E 6 50.94 22.23 5.97
CA CYS E 6 49.57 22.53 5.58
C CYS E 6 48.69 21.31 5.74
N ILE E 7 47.43 21.58 6.07
CA ILE E 7 46.40 20.56 6.06
C ILE E 7 45.61 20.71 4.78
N GLY E 8 45.36 19.58 4.13
CA GLY E 8 44.60 19.60 2.88
C GLY E 8 43.89 18.29 2.68
N TYR E 9 43.25 18.19 1.52
CA TYR E 9 42.40 17.06 1.20
C TYR E 9 42.54 16.68 -0.25
N HIS E 10 42.14 15.45 -0.55
CA HIS E 10 42.34 14.84 -1.85
C HIS E 10 41.52 15.51 -2.95
N ALA E 11 42.15 15.62 -4.13
CA ALA E 11 41.44 15.94 -5.35
C ALA E 11 41.94 15.01 -6.44
N ASN E 12 41.20 14.90 -7.53
CA ASN E 12 41.60 14.05 -8.64
C ASN E 12 40.92 14.49 -9.95
N ASN E 13 40.92 13.61 -10.94
CA ASN E 13 40.37 13.90 -12.26
C ASN E 13 38.95 13.39 -12.42
N SER E 14 38.32 13.00 -11.30
CA SER E 14 36.97 12.47 -11.33
C SER E 14 36.02 13.54 -11.79
N THR E 15 35.15 13.16 -12.72
CA THR E 15 34.09 14.00 -13.22
C THR E 15 32.72 13.48 -12.76
N GLU E 16 32.70 12.57 -11.77
CA GLU E 16 31.45 11.93 -11.34
C GLU E 16 30.63 12.89 -10.46
N GLN E 17 29.34 13.00 -10.75
CA GLN E 17 28.45 13.94 -10.09
C GLN E 17 27.40 13.23 -9.26
N VAL E 18 27.03 13.84 -8.14
CA VAL E 18 25.92 13.37 -7.31
C VAL E 18 25.02 14.54 -6.93
N ASP E 19 23.82 14.22 -6.42
CA ASP E 19 22.89 15.23 -5.90
C ASP E 19 22.72 15.16 -4.40
N THR E 20 22.28 16.29 -3.86
CA THR E 20 21.88 16.43 -2.48
C THR E 20 20.59 17.23 -2.47
N ILE E 21 20.05 17.50 -1.30
CA ILE E 21 18.83 18.31 -1.19
C ILE E 21 19.08 19.75 -1.66
N MET E 22 20.17 20.35 -1.20
CA MET E 22 20.48 21.75 -1.50
C MET E 22 21.21 22.01 -2.81
N GLU E 23 21.71 20.96 -3.46
CA GLU E 23 22.63 21.15 -4.57
C GLU E 23 22.61 19.96 -5.50
N LYS E 24 22.45 20.22 -6.79
CA LYS E 24 22.51 19.18 -7.81
C LYS E 24 23.86 19.23 -8.52
N ASN E 25 24.19 18.12 -9.19
CA ASN E 25 25.40 18.03 -10.02
C ASN E 25 26.69 18.40 -9.27
N VAL E 26 26.84 17.89 -8.05
CA VAL E 26 28.07 18.11 -7.28
C VAL E 26 29.12 17.11 -7.68
N THR E 27 30.25 17.59 -8.21
CA THR E 27 31.36 16.74 -8.61
C THR E 27 32.13 16.21 -7.42
N VAL E 28 32.37 14.91 -7.40
CA VAL E 28 33.02 14.26 -6.28
C VAL E 28 34.17 13.39 -6.73
N THR E 29 35.10 13.16 -5.82
CA THR E 29 36.31 12.43 -6.13
C THR E 29 35.99 10.97 -6.36
N HIS E 30 35.03 10.44 -5.61
CA HIS E 30 34.59 9.05 -5.72
C HIS E 30 33.10 8.97 -5.51
N ALA E 31 32.47 8.08 -6.25
CA ALA E 31 31.04 7.87 -6.16
C ALA E 31 30.75 6.40 -6.42
N GLN E 32 29.54 5.96 -6.11
CA GLN E 32 29.13 4.58 -6.34
C GLN E 32 27.73 4.53 -6.88
N ASP E 33 27.63 4.13 -8.14
CA ASP E 33 26.34 3.85 -8.77
C ASP E 33 25.74 2.58 -8.15
N ILE E 34 24.47 2.64 -7.78
CA ILE E 34 23.79 1.49 -7.17
C ILE E 34 22.56 1.02 -7.95
N LEU E 35 22.40 1.50 -9.17
CA LEU E 35 21.24 1.21 -10.01
C LEU E 35 21.64 0.50 -11.31
N GLU E 36 21.15 -0.71 -11.51
CA GLU E 36 21.35 -1.41 -12.77
C GLU E 36 20.35 -0.89 -13.80
N LYS E 37 20.83 -0.53 -14.97
CA LYS E 37 19.99 0.05 -16.00
C LYS E 37 20.05 -0.73 -17.31
N THR E 38 20.74 -1.87 -17.32
CA THR E 38 20.87 -2.67 -18.55
C THR E 38 20.40 -4.11 -18.39
N HIS E 39 19.87 -4.66 -19.48
CA HIS E 39 19.45 -6.06 -19.56
C HIS E 39 19.86 -6.61 -20.92
N ASN E 40 19.76 -7.93 -21.11
CA ASN E 40 20.26 -8.57 -22.34
C ASN E 40 19.21 -8.73 -23.44
N GLY E 41 17.99 -8.28 -23.18
CA GLY E 41 16.92 -8.32 -24.19
C GLY E 41 16.37 -9.72 -24.51
N LYS E 42 16.73 -10.71 -23.68
CA LYS E 42 16.42 -12.09 -23.98
C LYS E 42 15.66 -12.82 -22.88
N LEU E 43 14.95 -13.86 -23.29
CA LEU E 43 14.35 -14.81 -22.34
C LEU E 43 15.30 -15.99 -22.21
N CYS E 44 15.72 -16.26 -20.98
CA CYS E 44 16.76 -17.23 -20.68
C CYS E 44 16.28 -18.30 -19.71
N ASP E 45 17.07 -19.37 -19.59
CA ASP E 45 16.84 -20.35 -18.56
C ASP E 45 17.02 -19.66 -17.22
N LEU E 46 16.31 -20.13 -16.21
CA LEU E 46 16.49 -19.60 -14.87
C LEU E 46 17.30 -20.60 -14.05
N ASP E 47 18.56 -20.25 -13.79
CA ASP E 47 19.47 -21.10 -13.03
C ASP E 47 19.48 -22.52 -13.57
N GLY E 48 19.54 -22.65 -14.90
CA GLY E 48 19.64 -23.93 -15.57
C GLY E 48 18.32 -24.62 -15.94
N VAL E 49 17.20 -24.05 -15.55
CA VAL E 49 15.89 -24.61 -15.88
C VAL E 49 15.24 -23.79 -16.97
N LYS E 50 14.94 -24.41 -18.10
CA LYS E 50 14.35 -23.69 -19.22
C LYS E 50 12.93 -23.27 -18.91
N PRO E 51 12.50 -22.11 -19.42
CA PRO E 51 11.09 -21.78 -19.26
C PRO E 51 10.20 -22.57 -20.20
N LEU E 52 8.90 -22.49 -19.98
CA LEU E 52 7.90 -22.97 -20.92
C LEU E 52 7.45 -21.79 -21.77
N ILE E 53 7.92 -21.77 -23.02
CA ILE E 53 7.55 -20.75 -23.98
C ILE E 53 6.38 -21.24 -24.84
N LEU E 54 5.18 -20.76 -24.54
CA LEU E 54 3.98 -21.24 -25.22
C LEU E 54 3.81 -20.73 -26.66
N ARG E 55 4.77 -19.93 -27.13
CA ARG E 55 4.78 -19.48 -28.53
C ARG E 55 3.45 -18.81 -28.88
N ASP E 56 2.64 -19.40 -29.75
CA ASP E 56 1.36 -18.78 -30.12
C ASP E 56 0.17 -19.39 -29.39
N CYS E 57 0.41 -20.23 -28.38
CA CYS E 57 -0.67 -20.89 -27.65
C CYS E 57 -0.97 -20.21 -26.30
N SER E 58 -2.22 -20.23 -25.87
CA SER E 58 -2.57 -19.76 -24.54
C SER E 58 -2.49 -20.92 -23.57
N VAL E 59 -2.65 -20.62 -22.28
CA VAL E 59 -2.68 -21.67 -21.27
C VAL E 59 -3.86 -22.61 -21.53
N ALA E 60 -5.01 -22.03 -21.88
CA ALA E 60 -6.20 -22.80 -22.23
C ALA E 60 -5.92 -23.74 -23.40
N GLY E 61 -5.33 -23.20 -24.47
CA GLY E 61 -4.99 -23.98 -25.66
C GLY E 61 -4.07 -25.15 -25.33
N TRP E 62 -3.07 -24.85 -24.50
CA TRP E 62 -2.16 -25.86 -23.99
C TRP E 62 -2.91 -26.98 -23.29
N LEU E 63 -3.61 -26.64 -22.21
CA LEU E 63 -4.14 -27.64 -21.29
C LEU E 63 -5.27 -28.49 -21.92
N LEU E 64 -6.15 -27.84 -22.66
CA LEU E 64 -7.24 -28.51 -23.34
C LEU E 64 -6.75 -29.29 -24.54
N GLY E 65 -5.62 -28.86 -25.09
CA GLY E 65 -5.01 -29.52 -26.25
C GLY E 65 -5.56 -29.04 -27.58
N ASN E 66 -5.68 -27.72 -27.75
CA ASN E 66 -5.97 -27.17 -29.07
C ASN E 66 -4.98 -27.83 -30.06
N PRO E 67 -5.49 -28.38 -31.19
CA PRO E 67 -4.66 -29.14 -32.12
C PRO E 67 -3.45 -28.39 -32.72
N MET E 68 -3.47 -27.06 -32.66
CA MET E 68 -2.34 -26.25 -33.09
C MET E 68 -1.27 -26.19 -32.04
N CYS E 69 -1.53 -26.77 -30.87
CA CYS E 69 -0.64 -26.68 -29.72
C CYS E 69 0.01 -28.01 -29.39
N ASP E 70 0.11 -28.90 -30.37
CA ASP E 70 0.65 -30.24 -30.14
C ASP E 70 2.11 -30.25 -29.66
N GLU E 71 2.87 -29.21 -30.00
CA GLU E 71 4.19 -28.97 -29.42
C GLU E 71 4.20 -29.19 -27.91
N PHE E 72 3.13 -28.80 -27.22
CA PHE E 72 3.09 -28.84 -25.76
C PHE E 72 2.30 -30.00 -25.15
N LEU E 73 2.23 -31.15 -25.83
CA LEU E 73 1.43 -32.30 -25.34
C LEU E 73 1.97 -32.90 -24.03
N ASN E 74 3.29 -32.91 -23.87
CA ASN E 74 3.91 -33.38 -22.64
C ASN E 74 5.18 -32.58 -22.38
N VAL E 75 5.03 -31.35 -21.88
CA VAL E 75 6.17 -30.47 -21.67
C VAL E 75 6.98 -30.88 -20.43
N PRO E 76 8.29 -30.63 -20.48
CA PRO E 76 9.07 -30.89 -19.29
C PRO E 76 8.91 -29.78 -18.25
N GLU E 77 9.45 -30.05 -17.07
CA GLU E 77 9.55 -29.14 -15.96
C GLU E 77 10.05 -27.76 -16.40
N TRP E 78 9.41 -26.70 -15.91
CA TRP E 78 9.76 -25.34 -16.30
C TRP E 78 10.10 -24.48 -15.11
N SER E 79 10.73 -23.34 -15.37
CA SER E 79 11.09 -22.33 -14.37
C SER E 79 10.10 -21.17 -14.38
N TYR E 80 9.61 -20.82 -15.56
CA TYR E 80 8.55 -19.86 -15.66
C TYR E 80 7.85 -20.06 -16.99
N ILE E 81 6.70 -19.45 -17.16
CA ILE E 81 5.88 -19.65 -18.34
C ILE E 81 5.77 -18.32 -19.06
N VAL E 82 5.92 -18.35 -20.38
CA VAL E 82 5.78 -17.17 -21.21
C VAL E 82 4.62 -17.31 -22.19
N GLU E 83 3.73 -16.34 -22.15
CA GLU E 83 2.56 -16.28 -22.99
C GLU E 83 2.59 -14.95 -23.73
N LYS E 84 2.18 -14.93 -24.99
CA LYS E 84 2.01 -13.66 -25.70
C LYS E 84 0.79 -12.90 -25.20
N ILE E 85 0.69 -11.63 -25.57
CA ILE E 85 -0.44 -10.80 -25.14
C ILE E 85 -1.75 -11.32 -25.74
N ASN E 86 -1.76 -11.61 -27.04
CA ASN E 86 -2.96 -12.17 -27.71
C ASN E 86 -2.65 -13.45 -28.49
N PRO E 87 -2.48 -14.57 -27.77
CA PRO E 87 -2.09 -15.80 -28.44
C PRO E 87 -3.14 -16.24 -29.45
N ALA E 88 -2.70 -16.62 -30.64
CA ALA E 88 -3.62 -16.98 -31.70
C ALA E 88 -4.39 -18.29 -31.43
N ASN E 89 -3.74 -19.23 -30.76
CA ASN E 89 -4.33 -20.54 -30.51
C ASN E 89 -4.76 -20.65 -29.07
N ASP E 90 -6.06 -20.51 -28.87
CA ASP E 90 -6.67 -20.45 -27.56
C ASP E 90 -7.85 -21.44 -27.60
N LEU E 91 -9.10 -20.96 -27.48
CA LEU E 91 -10.26 -21.82 -27.63
C LEU E 91 -10.66 -21.79 -29.11
N CYS E 92 -10.19 -22.77 -29.87
CA CYS E 92 -10.49 -22.84 -31.28
C CYS E 92 -12.01 -22.90 -31.45
N TYR E 93 -12.65 -23.87 -30.79
CA TYR E 93 -14.11 -23.86 -30.70
C TYR E 93 -14.43 -22.79 -29.67
N PRO E 94 -15.21 -21.77 -30.06
CA PRO E 94 -15.36 -20.63 -29.19
C PRO E 94 -16.15 -20.93 -27.93
N GLY E 95 -16.03 -20.04 -26.95
CA GLY E 95 -16.71 -20.20 -25.69
C GLY E 95 -15.89 -19.55 -24.62
N ASN E 96 -15.77 -20.19 -23.46
CA ASN E 96 -15.04 -19.62 -22.36
C ASN E 96 -14.57 -20.69 -21.39
N PHE E 97 -13.65 -20.29 -20.53
CA PHE E 97 -13.02 -21.17 -19.58
C PHE E 97 -13.38 -20.60 -18.22
N ASN E 98 -14.15 -21.36 -17.47
CA ASN E 98 -14.65 -20.92 -16.20
C ASN E 98 -13.55 -20.82 -15.17
N ASP E 99 -13.53 -19.69 -14.45
CA ASP E 99 -12.50 -19.41 -13.44
C ASP E 99 -11.08 -19.50 -14.01
N TYR E 100 -10.92 -18.96 -15.22
CA TYR E 100 -9.66 -19.06 -15.95
C TYR E 100 -8.54 -18.38 -15.17
N GLU E 101 -8.80 -17.18 -14.68
CA GLU E 101 -7.77 -16.43 -14.00
C GLU E 101 -7.34 -17.13 -12.71
N GLU E 102 -8.28 -17.72 -12.00
CA GLU E 102 -7.94 -18.48 -10.78
C GLU E 102 -7.09 -19.72 -11.10
N LEU E 103 -7.33 -20.33 -12.24
CA LEU E 103 -6.51 -21.48 -12.67
C LEU E 103 -5.09 -21.01 -12.97
N LYS E 104 -4.97 -19.96 -13.76
CA LYS E 104 -3.67 -19.39 -14.07
C LYS E 104 -2.94 -19.03 -12.81
N HIS E 105 -3.67 -18.59 -11.78
CA HIS E 105 -3.03 -18.29 -10.51
C HIS E 105 -2.40 -19.52 -9.86
N LEU E 106 -3.07 -20.66 -9.95
CA LEU E 106 -2.51 -21.93 -9.45
C LEU E 106 -1.25 -22.31 -10.23
N LEU E 107 -1.29 -22.15 -11.54
CA LEU E 107 -0.12 -22.37 -12.40
C LEU E 107 1.11 -21.64 -11.89
N SER E 108 0.93 -20.46 -11.32
CA SER E 108 2.04 -19.67 -10.79
C SER E 108 2.77 -20.38 -9.64
N ARG E 109 2.13 -21.39 -9.04
CA ARG E 109 2.76 -22.16 -7.97
C ARG E 109 3.23 -23.55 -8.41
N ILE E 110 3.13 -23.85 -9.70
CA ILE E 110 3.46 -25.17 -10.24
C ILE E 110 4.59 -25.08 -11.23
N ASN E 111 5.51 -26.05 -11.18
CA ASN E 111 6.63 -26.14 -12.12
C ASN E 111 6.53 -27.29 -13.11
N HIS E 112 5.73 -28.32 -12.77
CA HIS E 112 5.55 -29.47 -13.67
C HIS E 112 4.27 -30.28 -13.45
N PHE E 113 3.54 -30.53 -14.53
CA PHE E 113 2.49 -31.54 -14.56
C PHE E 113 3.02 -32.84 -15.19
N GLU E 114 2.43 -33.98 -14.84
CA GLU E 114 2.54 -35.18 -15.67
C GLU E 114 1.14 -35.51 -16.15
N LYS E 115 0.91 -35.40 -17.45
CA LYS E 115 -0.41 -35.69 -18.01
C LYS E 115 -0.67 -37.20 -18.05
N ILE E 116 -1.90 -37.59 -17.71
CA ILE E 116 -2.32 -38.99 -17.70
C ILE E 116 -3.75 -39.14 -18.17
N GLN E 117 -4.05 -40.33 -18.67
CA GLN E 117 -5.39 -40.72 -19.07
C GLN E 117 -6.24 -41.02 -17.83
N ILE E 118 -7.43 -40.45 -17.78
CA ILE E 118 -8.39 -40.81 -16.74
C ILE E 118 -9.65 -41.49 -17.29
N ILE E 119 -10.01 -41.21 -18.55
CA ILE E 119 -11.10 -41.90 -19.22
C ILE E 119 -10.71 -42.25 -20.65
N PRO E 120 -10.40 -43.54 -20.93
CA PRO E 120 -10.01 -43.92 -22.29
C PRO E 120 -11.17 -43.79 -23.26
N LYS E 121 -10.85 -43.59 -24.53
CA LYS E 121 -11.88 -43.55 -25.56
C LYS E 121 -12.59 -44.89 -25.68
N SER E 122 -11.93 -45.96 -25.26
CA SER E 122 -12.51 -47.30 -25.36
C SER E 122 -13.73 -47.50 -24.47
N SER E 123 -13.97 -46.61 -23.50
CA SER E 123 -15.12 -46.80 -22.62
C SER E 123 -16.42 -46.29 -23.24
N TRP E 124 -16.36 -45.62 -24.39
CA TRP E 124 -17.57 -45.10 -25.04
C TRP E 124 -18.19 -46.08 -26.06
N SER E 125 -18.80 -47.15 -25.55
CA SER E 125 -19.45 -48.19 -26.38
C SER E 125 -20.74 -47.71 -27.05
N ASP E 126 -21.52 -46.95 -26.30
CA ASP E 126 -22.86 -46.56 -26.71
C ASP E 126 -22.98 -45.10 -27.16
N HIS E 127 -21.85 -44.41 -27.32
CA HIS E 127 -21.83 -43.05 -27.87
C HIS E 127 -20.74 -42.92 -28.92
N GLU E 128 -20.93 -41.99 -29.85
CA GLU E 128 -19.86 -41.61 -30.77
C GLU E 128 -18.92 -40.67 -30.03
N ALA E 129 -17.63 -40.85 -30.26
CA ALA E 129 -16.60 -40.17 -29.47
C ALA E 129 -15.55 -39.53 -30.34
N SER E 130 -15.93 -39.14 -31.55
CA SER E 130 -14.99 -38.58 -32.52
C SER E 130 -15.48 -37.26 -33.12
N GLY E 131 -16.27 -36.49 -32.38
CA GLY E 131 -16.80 -35.25 -32.90
C GLY E 131 -15.69 -34.23 -33.10
N VAL E 132 -15.79 -33.50 -34.20
CA VAL E 132 -14.78 -32.52 -34.61
C VAL E 132 -15.45 -31.25 -35.12
N SER E 133 -14.67 -30.20 -35.34
CA SER E 133 -15.21 -28.95 -35.85
C SER E 133 -14.19 -28.27 -36.74
N SER E 134 -14.68 -27.57 -37.76
CA SER E 134 -13.84 -26.77 -38.63
C SER E 134 -13.29 -25.55 -37.90
N ALA E 135 -13.87 -25.22 -36.75
CA ALA E 135 -13.29 -24.21 -35.88
C ALA E 135 -11.99 -24.68 -35.23
N CYS E 136 -11.77 -26.00 -35.21
CA CYS E 136 -10.52 -26.56 -34.66
C CYS E 136 -9.75 -27.30 -35.75
N PRO E 137 -9.28 -26.56 -36.78
CA PRO E 137 -8.61 -27.23 -37.89
C PRO E 137 -7.26 -27.80 -37.47
N TYR E 138 -6.86 -28.86 -38.16
CA TYR E 138 -5.51 -29.39 -38.04
C TYR E 138 -5.16 -29.95 -39.39
N GLN E 139 -4.09 -29.45 -39.97
CA GLN E 139 -3.65 -29.83 -41.31
C GLN E 139 -4.78 -29.68 -42.32
N GLY E 140 -5.50 -28.56 -42.20
CA GLY E 140 -6.52 -28.20 -43.19
C GLY E 140 -7.85 -28.94 -43.08
N ARG E 141 -8.01 -29.76 -42.05
CA ARG E 141 -9.26 -30.50 -41.86
C ARG E 141 -9.79 -30.36 -40.43
N SER E 142 -11.08 -30.60 -40.27
CA SER E 142 -11.75 -30.45 -38.98
C SER E 142 -11.22 -31.42 -37.93
N SER E 143 -10.91 -30.90 -36.75
CA SER E 143 -10.36 -31.69 -35.65
C SER E 143 -10.98 -31.21 -34.33
N PHE E 144 -10.29 -31.48 -33.21
CA PHE E 144 -10.80 -31.14 -31.88
C PHE E 144 -9.70 -31.12 -30.83
N PHE E 145 -9.97 -30.56 -29.67
CA PHE E 145 -9.05 -30.62 -28.54
C PHE E 145 -8.58 -32.06 -28.26
N ARG E 146 -7.32 -32.24 -27.90
CA ARG E 146 -6.79 -33.59 -27.71
C ARG E 146 -7.15 -34.19 -26.35
N ASN E 147 -7.35 -33.37 -25.33
CA ASN E 147 -7.41 -33.90 -23.97
C ASN E 147 -8.81 -34.10 -23.43
N VAL E 148 -9.79 -33.70 -24.23
CA VAL E 148 -11.19 -33.88 -23.93
C VAL E 148 -11.88 -34.39 -25.17
N VAL E 149 -13.04 -35.02 -25.02
CA VAL E 149 -13.69 -35.67 -26.16
C VAL E 149 -15.17 -35.28 -26.32
N TRP E 150 -15.55 -34.97 -27.56
CA TRP E 150 -16.89 -34.53 -27.90
C TRP E 150 -17.80 -35.74 -28.17
N LEU E 151 -18.62 -36.10 -27.18
CA LEU E 151 -19.49 -37.26 -27.31
C LEU E 151 -20.79 -36.89 -28.02
N THR E 152 -21.28 -37.77 -28.88
CA THR E 152 -22.56 -37.56 -29.52
C THR E 152 -23.38 -38.86 -29.60
N LYS E 153 -24.61 -38.76 -30.07
CA LYS E 153 -25.49 -39.91 -30.09
C LYS E 153 -24.98 -41.01 -31.02
N LYS E 154 -25.38 -42.24 -30.73
CA LYS E 154 -25.08 -43.37 -31.57
C LYS E 154 -26.37 -44.16 -31.79
N ASP E 155 -26.63 -44.50 -33.05
CA ASP E 155 -27.85 -45.20 -33.45
C ASP E 155 -29.08 -44.46 -32.95
N ASN E 156 -29.08 -43.13 -33.10
CA ASN E 156 -30.20 -42.29 -32.69
C ASN E 156 -30.58 -42.44 -31.21
N ALA E 157 -29.58 -42.65 -30.36
CA ALA E 157 -29.79 -42.73 -28.92
C ALA E 157 -28.60 -42.16 -28.18
N TYR E 158 -28.87 -41.56 -27.02
CA TYR E 158 -27.82 -41.09 -26.12
C TYR E 158 -28.16 -41.56 -24.72
N PRO E 159 -27.73 -42.78 -24.38
CA PRO E 159 -27.97 -43.27 -23.03
C PRO E 159 -27.27 -42.43 -21.98
N THR E 160 -27.80 -42.45 -20.77
CA THR E 160 -27.21 -41.71 -19.68
C THR E 160 -25.83 -42.27 -19.38
N ILE E 161 -24.85 -41.37 -19.31
CA ILE E 161 -23.47 -41.71 -18.97
C ILE E 161 -23.28 -41.65 -17.48
N LYS E 162 -22.60 -42.65 -16.92
CA LYS E 162 -22.09 -42.57 -15.57
C LYS E 162 -20.64 -43.02 -15.58
N ARG E 163 -19.72 -42.11 -15.24
CA ARG E 163 -18.28 -42.43 -15.14
C ARG E 163 -17.68 -41.91 -13.85
N SER E 164 -16.78 -42.70 -13.28
CA SER E 164 -16.05 -42.30 -12.08
C SER E 164 -14.58 -42.45 -12.35
N TYR E 165 -13.77 -41.56 -11.77
CA TYR E 165 -12.34 -41.79 -11.68
C TYR E 165 -11.92 -41.55 -10.24
N ASN E 166 -11.23 -42.52 -9.66
CA ASN E 166 -10.66 -42.42 -8.32
C ASN E 166 -9.18 -42.03 -8.44
N ASN E 167 -8.78 -40.97 -7.77
CA ASN E 167 -7.38 -40.56 -7.83
C ASN E 167 -6.52 -41.45 -6.96
N THR E 168 -6.05 -42.54 -7.56
CA THR E 168 -5.13 -43.47 -6.90
C THR E 168 -3.69 -42.94 -6.86
N ASN E 169 -3.42 -41.85 -7.55
CA ASN E 169 -2.08 -41.24 -7.52
C ASN E 169 -1.81 -40.53 -6.20
N GLN E 170 -0.54 -40.25 -5.94
CA GLN E 170 -0.14 -39.53 -4.73
C GLN E 170 -0.27 -38.03 -4.87
N GLU E 171 -0.49 -37.55 -6.08
CA GLU E 171 -0.47 -36.13 -6.36
C GLU E 171 -1.89 -35.64 -6.63
N ASP E 172 -2.13 -34.36 -6.37
CA ASP E 172 -3.36 -33.69 -6.79
C ASP E 172 -3.43 -33.78 -8.31
N LEU E 173 -4.65 -33.72 -8.82
CA LEU E 173 -4.92 -33.94 -10.23
C LEU E 173 -5.83 -32.85 -10.76
N LEU E 174 -5.37 -32.13 -11.79
CA LEU E 174 -6.18 -31.13 -12.46
C LEU E 174 -7.05 -31.81 -13.48
N VAL E 175 -8.36 -31.75 -13.31
CA VAL E 175 -9.33 -32.33 -14.22
C VAL E 175 -10.12 -31.26 -14.94
N LEU E 176 -10.33 -31.49 -16.23
CA LEU E 176 -10.97 -30.55 -17.12
C LEU E 176 -12.11 -31.27 -17.83
N TRP E 177 -13.21 -30.55 -18.07
CA TRP E 177 -14.33 -31.06 -18.85
C TRP E 177 -15.09 -29.87 -19.36
N GLY E 178 -16.07 -30.11 -20.24
CA GLY E 178 -16.86 -29.01 -20.78
C GLY E 178 -18.30 -29.33 -21.12
N ILE E 179 -19.04 -28.29 -21.48
CA ILE E 179 -20.39 -28.43 -21.94
C ILE E 179 -20.51 -27.72 -23.28
N HIS E 180 -21.30 -28.31 -24.19
CA HIS E 180 -21.57 -27.68 -25.48
C HIS E 180 -22.93 -26.97 -25.45
N HIS E 181 -22.93 -25.69 -25.82
CA HIS E 181 -24.15 -24.89 -25.91
C HIS E 181 -24.55 -24.80 -27.37
N PRO E 182 -25.65 -25.46 -27.77
CA PRO E 182 -25.98 -25.51 -29.19
C PRO E 182 -26.75 -24.31 -29.68
N ASN E 183 -26.95 -24.25 -31.00
CA ASN E 183 -27.57 -23.10 -31.66
C ASN E 183 -29.08 -23.10 -31.57
N ASP E 184 -29.68 -24.28 -31.74
CA ASP E 184 -31.12 -24.43 -31.69
C ASP E 184 -31.51 -25.87 -31.32
N ALA E 185 -32.79 -26.09 -31.09
CA ALA E 185 -33.29 -27.39 -30.64
C ALA E 185 -33.08 -28.50 -31.68
N ALA E 186 -33.25 -28.15 -32.95
CA ALA E 186 -32.96 -29.08 -34.02
C ALA E 186 -31.54 -29.61 -33.89
N GLU E 187 -30.60 -28.71 -33.64
CA GLU E 187 -29.22 -29.13 -33.47
C GLU E 187 -29.04 -30.01 -32.23
N GLN E 188 -29.76 -29.68 -31.16
CA GLN E 188 -29.69 -30.43 -29.90
C GLN E 188 -30.06 -31.91 -30.10
N THR E 189 -31.14 -32.17 -30.81
CA THR E 189 -31.57 -33.56 -31.02
C THR E 189 -30.66 -34.22 -32.05
N ARG E 190 -30.29 -33.47 -33.09
CA ARG E 190 -29.37 -33.96 -34.12
C ARG E 190 -28.07 -34.49 -33.51
N LEU E 191 -27.54 -33.79 -32.51
CA LEU E 191 -26.27 -34.19 -31.89
C LEU E 191 -26.44 -35.18 -30.74
N TYR E 192 -27.46 -34.98 -29.92
CA TYR E 192 -27.57 -35.69 -28.63
C TYR E 192 -28.89 -36.44 -28.42
N GLN E 193 -29.83 -36.34 -29.35
CA GLN E 193 -31.16 -36.98 -29.25
C GLN E 193 -32.05 -36.40 -28.14
N ASN E 194 -31.64 -36.52 -26.88
CA ASN E 194 -32.38 -35.96 -25.76
C ASN E 194 -32.47 -34.43 -25.83
N PRO E 195 -33.69 -33.86 -25.78
CA PRO E 195 -33.86 -32.41 -25.88
C PRO E 195 -33.60 -31.62 -24.60
N THR E 196 -33.85 -32.23 -23.44
CA THR E 196 -33.57 -31.60 -22.15
C THR E 196 -32.46 -32.38 -21.46
N THR E 197 -31.33 -31.73 -21.24
CA THR E 197 -30.15 -32.45 -20.80
C THR E 197 -29.45 -31.76 -19.63
N TYR E 198 -28.47 -32.45 -19.07
CA TYR E 198 -27.69 -31.93 -17.97
C TYR E 198 -26.32 -32.62 -17.92
N ILE E 199 -25.43 -32.04 -17.13
CA ILE E 199 -24.19 -32.69 -16.76
C ILE E 199 -23.99 -32.47 -15.28
N SER E 200 -23.86 -33.55 -14.53
CA SER E 200 -23.68 -33.43 -13.10
C SER E 200 -22.30 -33.94 -12.77
N VAL E 201 -21.64 -33.24 -11.86
CA VAL E 201 -20.28 -33.56 -11.48
C VAL E 201 -20.13 -33.40 -9.99
N GLY E 202 -19.56 -34.42 -9.33
CA GLY E 202 -19.32 -34.33 -7.91
C GLY E 202 -18.02 -34.95 -7.45
N THR E 203 -17.49 -34.41 -6.35
CA THR E 203 -16.34 -34.99 -5.66
C THR E 203 -16.67 -34.93 -4.17
N SER E 204 -15.66 -34.86 -3.31
CA SER E 204 -15.91 -34.63 -1.90
C SER E 204 -16.34 -33.17 -1.67
N THR E 205 -15.87 -32.25 -2.51
CA THR E 205 -16.19 -30.81 -2.39
C THR E 205 -17.02 -30.25 -3.54
N LEU E 206 -16.90 -30.81 -4.73
CA LEU E 206 -17.59 -30.25 -5.88
C LEU E 206 -19.00 -30.79 -5.96
N ASN E 207 -19.95 -29.90 -6.26
CA ASN E 207 -21.33 -30.28 -6.47
C ASN E 207 -21.94 -29.45 -7.58
N GLN E 208 -21.81 -29.93 -8.80
CA GLN E 208 -22.16 -29.14 -9.98
C GLN E 208 -23.25 -29.83 -10.80
N ARG E 209 -24.11 -29.03 -11.42
CA ARG E 209 -25.10 -29.56 -12.34
C ARG E 209 -25.35 -28.54 -13.44
N LEU E 210 -24.71 -28.73 -14.58
CA LEU E 210 -24.75 -27.77 -15.68
C LEU E 210 -25.88 -28.15 -16.63
N VAL E 211 -26.43 -27.13 -17.28
CA VAL E 211 -27.52 -27.31 -18.24
C VAL E 211 -27.21 -26.41 -19.41
N PRO E 212 -27.36 -26.93 -20.63
CA PRO E 212 -26.88 -26.14 -21.74
C PRO E 212 -27.85 -25.04 -22.06
N LYS E 213 -27.40 -24.10 -22.88
CA LYS E 213 -28.11 -22.88 -23.19
C LYS E 213 -28.17 -22.74 -24.69
N ILE E 214 -29.36 -22.98 -25.24
CA ILE E 214 -29.65 -22.54 -26.59
C ILE E 214 -29.77 -21.01 -26.57
N ALA E 215 -29.12 -20.37 -27.53
CA ALA E 215 -29.24 -18.95 -27.75
C ALA E 215 -28.67 -18.68 -29.13
N THR E 216 -29.22 -17.68 -29.81
CA THR E 216 -28.80 -17.29 -31.14
C THR E 216 -27.60 -16.39 -30.97
N ARG E 217 -26.46 -16.82 -31.51
CA ARG E 217 -25.20 -16.14 -31.26
C ARG E 217 -24.41 -15.83 -32.53
N SER E 218 -23.54 -14.82 -32.47
CA SER E 218 -22.66 -14.48 -33.58
C SER E 218 -21.68 -15.61 -33.86
N LYS E 219 -21.36 -15.80 -35.14
CA LYS E 219 -20.31 -16.73 -35.53
C LYS E 219 -18.95 -16.23 -35.05
N VAL E 220 -18.23 -17.11 -34.37
CA VAL E 220 -16.83 -16.89 -34.05
C VAL E 220 -16.10 -18.15 -34.54
N ASN E 221 -15.04 -17.95 -35.32
CA ASN E 221 -14.35 -19.05 -36.02
C ASN E 221 -15.33 -19.95 -36.76
N GLY E 222 -16.34 -19.34 -37.38
CA GLY E 222 -17.37 -20.07 -38.13
C GLY E 222 -18.52 -20.66 -37.31
N GLN E 223 -18.41 -20.67 -35.98
CA GLN E 223 -19.41 -21.34 -35.13
C GLN E 223 -20.23 -20.38 -34.29
N SER E 224 -21.53 -20.62 -34.24
CA SER E 224 -22.42 -19.92 -33.33
C SER E 224 -22.63 -20.71 -32.03
N GLY E 225 -22.30 -22.00 -32.04
CA GLY E 225 -22.26 -22.78 -30.82
C GLY E 225 -21.14 -22.27 -29.94
N ARG E 226 -21.14 -22.71 -28.70
CA ARG E 226 -20.11 -22.32 -27.75
C ARG E 226 -19.78 -23.52 -26.90
N MET E 227 -18.58 -23.52 -26.34
CA MET E 227 -18.20 -24.53 -25.38
C MET E 227 -17.65 -23.87 -24.12
N GLU E 228 -18.15 -24.33 -22.99
CA GLU E 228 -17.79 -23.75 -21.72
C GLU E 228 -17.07 -24.84 -20.97
N PHE E 229 -15.87 -24.54 -20.52
CA PHE E 229 -15.03 -25.52 -19.85
C PHE E 229 -14.90 -25.21 -18.38
N PHE E 230 -14.71 -26.27 -17.62
CA PHE E 230 -14.62 -26.18 -16.18
C PHE E 230 -13.45 -27.02 -15.74
N TRP E 231 -13.05 -26.83 -14.50
CA TRP E 231 -11.95 -27.57 -13.93
C TRP E 231 -12.12 -27.71 -12.43
N THR E 232 -11.44 -28.69 -11.86
CA THR E 232 -11.35 -28.86 -10.41
C THR E 232 -10.03 -29.53 -10.10
N ILE E 233 -9.66 -29.50 -8.82
CA ILE E 233 -8.49 -30.21 -8.35
C ILE E 233 -8.97 -31.40 -7.56
N LEU E 234 -8.59 -32.59 -8.00
CA LEU E 234 -9.02 -33.83 -7.36
C LEU E 234 -7.92 -34.39 -6.46
N LYS E 235 -8.20 -34.42 -5.17
CA LYS E 235 -7.22 -34.81 -4.17
C LYS E 235 -6.96 -36.29 -4.27
N PRO E 236 -5.79 -36.76 -3.80
CA PRO E 236 -5.54 -38.20 -3.73
C PRO E 236 -6.63 -38.90 -2.93
N ASN E 237 -7.05 -40.07 -3.41
CA ASN E 237 -8.06 -40.90 -2.75
C ASN E 237 -9.47 -40.38 -2.82
N ASP E 238 -9.66 -39.22 -3.42
CA ASP E 238 -11.00 -38.76 -3.69
C ASP E 238 -11.32 -39.22 -5.11
N ALA E 239 -12.59 -39.11 -5.48
CA ALA E 239 -13.03 -39.55 -6.78
C ALA E 239 -13.99 -38.54 -7.35
N ILE E 240 -14.08 -38.51 -8.68
CA ILE E 240 -14.97 -37.61 -9.39
C ILE E 240 -16.00 -38.43 -10.15
N ASN E 241 -17.25 -37.99 -10.15
CA ASN E 241 -18.32 -38.74 -10.78
C ASN E 241 -19.05 -37.86 -11.78
N PHE E 242 -19.08 -38.26 -13.04
CA PHE E 242 -19.78 -37.51 -14.06
C PHE E 242 -21.05 -38.26 -14.38
N GLU E 243 -22.11 -37.52 -14.63
CA GLU E 243 -23.32 -38.09 -15.19
C GLU E 243 -23.92 -37.09 -16.16
N SER E 244 -24.39 -37.59 -17.29
CA SER E 244 -24.94 -36.71 -18.31
C SER E 244 -25.75 -37.51 -19.27
N ASN E 245 -26.73 -36.84 -19.86
CA ASN E 245 -27.53 -37.39 -20.93
C ASN E 245 -27.44 -36.50 -22.17
N GLY E 246 -26.36 -35.72 -22.28
CA GLY E 246 -26.15 -34.89 -23.47
C GLY E 246 -25.26 -33.71 -23.22
N ASN E 247 -24.63 -33.22 -24.30
CA ASN E 247 -23.87 -31.95 -24.31
C ASN E 247 -22.57 -32.01 -23.53
N PHE E 248 -22.14 -33.22 -23.20
CA PHE E 248 -20.97 -33.45 -22.37
C PHE E 248 -19.69 -33.49 -23.21
N ILE E 249 -18.72 -32.65 -22.85
CA ILE E 249 -17.38 -32.74 -23.41
C ILE E 249 -16.54 -33.42 -22.34
N ALA E 250 -16.25 -34.70 -22.55
CA ALA E 250 -15.73 -35.53 -21.50
C ALA E 250 -14.23 -35.41 -21.36
N PRO E 251 -13.73 -35.60 -20.12
CA PRO E 251 -12.28 -35.71 -19.97
C PRO E 251 -11.77 -36.95 -20.69
N GLU E 252 -10.57 -36.87 -21.24
CA GLU E 252 -9.82 -38.06 -21.63
C GLU E 252 -8.55 -38.09 -20.79
N ASN E 253 -7.81 -36.98 -20.81
CA ASN E 253 -6.58 -36.82 -20.03
C ASN E 253 -6.71 -35.74 -18.97
N ALA E 254 -6.04 -35.95 -17.84
CA ALA E 254 -5.95 -34.98 -16.77
C ALA E 254 -4.48 -34.77 -16.42
N TYR E 255 -4.17 -33.83 -15.51
CA TYR E 255 -2.78 -33.49 -15.20
C TYR E 255 -2.41 -33.74 -13.73
N LYS E 256 -1.51 -34.68 -13.48
CA LYS E 256 -0.96 -34.81 -12.14
C LYS E 256 -0.10 -33.59 -11.83
N ILE E 257 -0.27 -33.01 -10.66
CA ILE E 257 0.55 -31.88 -10.25
C ILE E 257 1.75 -32.42 -9.50
N VAL E 258 2.89 -32.38 -10.16
CA VAL E 258 4.03 -33.16 -9.75
C VAL E 258 5.13 -32.32 -9.09
N LYS E 259 5.27 -31.08 -9.49
CA LYS E 259 6.29 -30.22 -8.88
C LYS E 259 5.72 -28.83 -8.61
N LYS E 260 5.85 -28.40 -7.36
CA LYS E 260 5.32 -27.11 -6.92
C LYS E 260 6.47 -26.25 -6.49
N GLY E 261 6.42 -24.97 -6.83
CA GLY E 261 7.43 -24.02 -6.39
C GLY E 261 7.14 -22.65 -6.96
N ASP E 262 8.18 -21.80 -6.95
CA ASP E 262 8.09 -20.46 -7.52
C ASP E 262 8.08 -20.53 -9.04
N SER E 263 7.10 -19.86 -9.62
CA SER E 263 6.95 -19.80 -11.06
C SER E 263 6.19 -18.51 -11.33
N THR E 264 5.89 -18.25 -12.60
CA THR E 264 5.06 -17.11 -12.93
C THR E 264 4.69 -17.23 -14.37
N ILE E 265 3.69 -16.48 -14.79
CA ILE E 265 3.34 -16.38 -16.19
C ILE E 265 3.65 -14.97 -16.67
N MET E 266 4.69 -14.83 -17.49
CA MET E 266 5.08 -13.55 -18.06
C MET E 266 4.37 -13.33 -19.37
N LYS E 267 3.91 -12.11 -19.60
CA LYS E 267 3.44 -11.74 -20.94
C LYS E 267 4.63 -11.16 -21.68
N SER E 268 4.94 -11.73 -22.84
CA SER E 268 6.07 -11.24 -23.65
C SER E 268 5.96 -11.70 -25.10
N GLU E 269 6.44 -10.88 -26.02
CA GLU E 269 6.50 -11.26 -27.43
C GLU E 269 7.83 -11.90 -27.79
N LEU E 270 8.78 -11.90 -26.87
CA LEU E 270 10.10 -12.47 -27.11
C LEU E 270 10.07 -13.99 -27.19
N GLU E 271 10.98 -14.52 -28.00
CA GLU E 271 11.21 -15.95 -28.16
C GLU E 271 12.35 -16.38 -27.24
N TYR E 272 12.64 -17.67 -27.25
CA TYR E 272 13.70 -18.21 -26.39
C TYR E 272 15.06 -17.65 -26.76
N GLY E 273 15.89 -17.41 -25.75
CA GLY E 273 17.19 -16.78 -25.95
C GLY E 273 18.43 -17.66 -25.97
N ASN E 274 18.28 -18.96 -25.72
CA ASN E 274 19.43 -19.90 -25.71
C ASN E 274 20.51 -19.36 -24.80
N CYS E 275 20.13 -19.21 -23.55
CA CYS E 275 20.72 -18.25 -22.67
C CYS E 275 20.39 -18.65 -21.23
N ASN E 276 21.26 -18.34 -20.29
CA ASN E 276 20.99 -18.60 -18.87
C ASN E 276 21.19 -17.35 -17.98
N THR E 277 20.31 -17.18 -17.00
CA THR E 277 20.39 -16.04 -16.06
C THR E 277 19.93 -16.45 -14.67
N LYS E 278 20.20 -15.62 -13.69
CA LYS E 278 19.64 -15.80 -12.36
C LYS E 278 18.48 -14.83 -12.06
N CYS E 279 18.23 -13.89 -12.95
CA CYS E 279 17.11 -12.97 -12.77
C CYS E 279 16.52 -12.60 -14.11
N GLN E 280 15.24 -12.90 -14.26
CA GLN E 280 14.56 -12.75 -15.52
C GLN E 280 13.45 -11.70 -15.44
N THR E 281 13.16 -11.08 -16.57
CA THR E 281 12.20 -10.01 -16.73
C THR E 281 11.49 -10.29 -18.07
N PRO E 282 10.23 -9.86 -18.22
CA PRO E 282 9.54 -10.12 -19.50
C PRO E 282 10.17 -9.44 -20.71
N ILE E 283 11.11 -8.54 -20.45
CA ILE E 283 11.72 -7.69 -21.43
C ILE E 283 13.20 -8.05 -21.65
N GLY E 284 13.78 -8.85 -20.76
CA GLY E 284 15.18 -9.23 -20.84
C GLY E 284 15.69 -9.69 -19.48
N ALA E 285 16.83 -10.38 -19.49
CA ALA E 285 17.43 -10.88 -18.25
C ALA E 285 18.42 -9.89 -17.68
N ILE E 286 18.68 -10.03 -16.39
CA ILE E 286 19.51 -9.11 -15.63
C ILE E 286 20.65 -9.89 -15.02
N ASN E 287 21.86 -9.35 -15.17
CA ASN E 287 23.03 -9.93 -14.55
C ASN E 287 23.80 -8.77 -13.93
N SER E 288 23.75 -8.67 -12.60
CA SER E 288 24.18 -7.44 -11.95
C SER E 288 24.42 -7.59 -10.47
N SER E 289 25.43 -6.88 -9.98
CA SER E 289 25.72 -6.82 -8.55
C SER E 289 25.01 -5.62 -7.88
N MET E 290 24.45 -4.72 -8.69
CA MET E 290 23.72 -3.55 -8.18
C MET E 290 22.56 -4.00 -7.29
N PRO E 291 22.34 -3.29 -6.17
CA PRO E 291 21.22 -3.61 -5.29
C PRO E 291 19.86 -3.19 -5.85
N PHE E 292 19.84 -2.24 -6.78
CA PHE E 292 18.61 -1.76 -7.40
C PHE E 292 18.65 -1.91 -8.90
N HIS E 293 17.49 -1.90 -9.53
CA HIS E 293 17.42 -1.83 -10.98
C HIS E 293 16.13 -1.18 -11.38
N ASN E 294 16.02 -0.79 -12.65
CA ASN E 294 14.85 -0.11 -13.16
C ASN E 294 14.35 -0.71 -14.47
N ILE E 295 14.62 -1.98 -14.69
CA ILE E 295 14.32 -2.64 -15.97
C ILE E 295 12.83 -2.83 -16.13
N HIS E 296 12.20 -3.43 -15.13
CA HIS E 296 10.80 -3.83 -15.22
C HIS E 296 10.35 -4.26 -13.83
N PRO E 297 9.11 -3.97 -13.44
CA PRO E 297 8.70 -4.35 -12.08
C PRO E 297 8.48 -5.84 -11.83
N LEU E 298 8.20 -6.58 -12.89
CA LEU E 298 7.89 -8.00 -12.78
C LEU E 298 9.13 -8.82 -13.09
N THR E 299 9.73 -9.39 -12.06
CA THR E 299 10.88 -10.23 -12.23
C THR E 299 10.71 -11.51 -11.44
N ILE E 300 11.49 -12.52 -11.81
CA ILE E 300 11.58 -13.76 -11.06
C ILE E 300 13.05 -14.13 -10.97
N GLY E 301 13.45 -14.74 -9.84
CA GLY E 301 14.84 -15.17 -9.64
C GLY E 301 15.50 -14.40 -8.53
N GLU E 302 16.84 -14.39 -8.50
CA GLU E 302 17.57 -13.55 -7.55
C GLU E 302 17.85 -12.20 -8.19
N CYS E 303 17.09 -11.19 -7.77
CA CYS E 303 17.06 -9.91 -8.46
C CYS E 303 17.41 -8.74 -7.56
N PRO E 304 17.93 -7.67 -8.16
CA PRO E 304 17.96 -6.40 -7.45
C PRO E 304 16.55 -5.89 -7.18
N LYS E 305 16.43 -4.88 -6.34
CA LYS E 305 15.13 -4.30 -6.03
C LYS E 305 14.76 -3.32 -7.14
N TYR E 306 13.54 -3.43 -7.64
CA TYR E 306 13.09 -2.55 -8.69
C TYR E 306 12.70 -1.17 -8.14
N VAL E 307 13.16 -0.11 -8.81
CA VAL E 307 12.68 1.25 -8.58
C VAL E 307 12.43 1.91 -9.93
N LYS E 308 11.64 2.97 -9.94
CA LYS E 308 11.36 3.70 -11.17
C LYS E 308 12.39 4.81 -11.42
N SER E 309 13.43 4.90 -10.58
CA SER E 309 14.43 5.94 -10.72
C SER E 309 15.18 5.81 -12.04
N SER E 310 15.52 6.95 -12.63
CA SER E 310 16.42 6.97 -13.79
C SER E 310 17.88 6.96 -13.33
N ARG E 311 18.12 7.34 -12.08
CA ARG E 311 19.46 7.50 -11.58
C ARG E 311 19.52 7.39 -10.05
N LEU E 312 20.50 6.67 -9.54
CA LEU E 312 20.77 6.58 -8.11
C LEU E 312 22.27 6.43 -7.89
N VAL E 313 22.92 7.48 -7.37
CA VAL E 313 24.36 7.45 -7.14
C VAL E 313 24.70 8.01 -5.78
N LEU E 314 25.41 7.21 -5.00
CA LEU E 314 25.89 7.60 -3.67
C LEU E 314 27.24 8.26 -3.77
N ALA E 315 27.42 9.36 -3.04
CA ALA E 315 28.73 9.93 -2.87
C ALA E 315 29.49 9.06 -1.88
N THR E 316 30.74 8.76 -2.20
CA THR E 316 31.65 8.10 -1.27
C THR E 316 32.81 9.02 -0.96
N GLY E 317 33.35 9.68 -1.98
CA GLY E 317 34.46 10.60 -1.82
C GLY E 317 34.02 12.00 -1.46
N LEU E 318 34.93 12.95 -1.59
CA LEU E 318 34.65 14.32 -1.17
C LEU E 318 34.47 15.24 -2.35
N ARG E 319 34.01 16.45 -2.09
CA ARG E 319 33.79 17.44 -3.14
C ARG E 319 35.11 17.71 -3.90
N ASN E 320 35.10 17.46 -5.20
CA ASN E 320 36.31 17.55 -6.02
C ASN E 320 36.47 18.94 -6.61
N SER E 321 37.59 19.60 -6.30
CA SER E 321 37.85 20.94 -6.81
C SER E 321 38.35 20.87 -8.26
N PRO E 322 38.07 21.92 -9.07
CA PRO E 322 38.61 21.98 -10.43
C PRO E 322 40.13 22.21 -10.45
N GLY F 1 30.80 24.07 2.73
CA GLY F 1 30.16 23.03 3.56
C GLY F 1 29.94 23.46 5.00
N LEU F 2 29.19 22.66 5.74
CA LEU F 2 28.78 23.04 7.11
C LEU F 2 29.94 23.36 8.05
N PHE F 3 31.09 22.74 7.82
CA PHE F 3 32.22 22.84 8.75
C PHE F 3 33.32 23.79 8.29
N GLY F 4 33.13 24.41 7.12
CA GLY F 4 33.91 25.58 6.71
C GLY F 4 35.31 25.34 6.19
N ALA F 5 35.72 24.07 6.08
CA ALA F 5 37.10 23.72 5.73
C ALA F 5 37.27 23.42 4.22
N ILE F 6 36.56 22.40 3.74
CA ILE F 6 36.63 21.99 2.34
C ILE F 6 35.97 23.06 1.48
N ALA F 7 36.69 23.58 0.49
CA ALA F 7 36.21 24.71 -0.34
C ALA F 7 35.90 25.95 0.51
N GLY F 8 36.60 26.07 1.63
CA GLY F 8 36.32 27.08 2.64
C GLY F 8 37.61 27.81 2.96
N PHE F 9 38.14 27.61 4.17
CA PHE F 9 39.43 28.23 4.52
C PHE F 9 40.59 27.47 3.88
N ILE F 10 40.38 26.19 3.58
CA ILE F 10 41.25 25.47 2.67
C ILE F 10 40.58 25.55 1.31
N GLU F 11 41.12 26.39 0.45
CA GLU F 11 40.42 26.82 -0.76
C GLU F 11 40.24 25.69 -1.78
N GLY F 12 41.22 24.79 -1.89
CA GLY F 12 41.14 23.67 -2.83
C GLY F 12 41.76 22.38 -2.33
N GLY F 13 41.47 21.28 -3.03
CA GLY F 13 42.09 19.99 -2.74
C GLY F 13 43.39 19.80 -3.50
N TRP F 14 44.14 18.74 -3.15
CA TRP F 14 45.44 18.48 -3.73
C TRP F 14 45.47 17.27 -4.65
N GLN F 15 45.67 17.48 -5.96
CA GLN F 15 46.00 16.39 -6.90
C GLN F 15 47.19 15.57 -6.40
N GLY F 16 48.17 16.26 -5.82
CA GLY F 16 49.38 15.65 -5.30
C GLY F 16 49.20 14.52 -4.29
N MET F 17 48.10 14.55 -3.54
CA MET F 17 47.87 13.55 -2.51
C MET F 17 47.03 12.39 -3.01
N VAL F 18 47.68 11.44 -3.65
CA VAL F 18 47.02 10.26 -4.21
C VAL F 18 46.76 9.21 -3.12
N ASP F 19 47.42 9.38 -1.97
CA ASP F 19 47.58 8.31 -0.99
C ASP F 19 46.40 8.18 -0.03
N GLY F 20 45.56 9.20 0.05
CA GLY F 20 44.45 9.19 1.00
C GLY F 20 43.51 10.36 0.79
N TRP F 21 42.51 10.47 1.67
CA TRP F 21 41.49 11.50 1.55
C TRP F 21 41.89 12.82 2.22
N TYR F 22 42.52 12.72 3.39
CA TYR F 22 42.97 13.90 4.12
C TYR F 22 44.42 13.73 4.52
N GLY F 23 45.17 14.84 4.53
CA GLY F 23 46.58 14.78 4.95
C GLY F 23 47.32 16.12 5.02
N TYR F 24 48.64 16.05 4.84
CA TYR F 24 49.54 17.18 5.05
C TYR F 24 50.45 17.48 3.85
N HIS F 25 50.71 18.76 3.62
CA HIS F 25 51.84 19.22 2.80
C HIS F 25 52.82 19.90 3.74
N HIS F 26 54.11 19.56 3.63
CA HIS F 26 55.15 20.15 4.45
C HIS F 26 56.20 20.83 3.58
N SER F 27 56.98 21.73 4.19
CA SER F 27 58.11 22.37 3.51
C SER F 27 59.26 22.64 4.47
N ASN F 28 60.36 21.91 4.30
CA ASN F 28 61.59 22.18 5.04
C ASN F 28 62.82 22.16 4.12
N GLU F 29 63.96 22.59 4.64
CA GLU F 29 65.20 22.70 3.86
C GLU F 29 65.59 21.40 3.14
N GLN F 30 65.23 20.26 3.74
CA GLN F 30 65.42 18.94 3.13
C GLN F 30 64.62 18.80 1.84
N GLY F 31 63.29 18.84 1.96
CA GLY F 31 62.42 18.71 0.81
C GLY F 31 60.97 18.90 1.20
N SER F 32 60.10 19.00 0.20
CA SER F 32 58.67 19.18 0.43
C SER F 32 57.88 18.06 -0.24
N GLY F 33 56.82 17.61 0.42
CA GLY F 33 56.05 16.46 -0.06
C GLY F 33 54.63 16.42 0.46
N TYR F 34 53.96 15.32 0.11
CA TYR F 34 52.57 15.06 0.48
C TYR F 34 52.49 13.80 1.33
N ALA F 35 51.77 13.89 2.44
CA ALA F 35 51.57 12.75 3.35
C ALA F 35 50.11 12.66 3.80
N ALA F 36 49.43 11.58 3.42
CA ALA F 36 48.06 11.35 3.84
C ALA F 36 48.02 10.98 5.33
N ASP F 37 46.97 11.43 6.02
CA ASP F 37 46.73 11.01 7.40
C ASP F 37 45.98 9.68 7.40
N LYS F 38 46.63 8.62 7.90
CA LYS F 38 46.08 7.27 7.87
C LYS F 38 44.81 7.11 8.69
N GLU F 39 44.90 7.54 9.95
CA GLU F 39 43.85 7.28 10.93
C GLU F 39 42.51 7.88 10.52
N SER F 40 42.54 9.15 10.12
CA SER F 40 41.34 9.87 9.73
C SER F 40 40.82 9.38 8.37
N THR F 41 41.71 9.11 7.43
CA THR F 41 41.30 8.52 6.16
C THR F 41 40.60 7.17 6.38
N GLN F 42 41.13 6.34 7.28
CA GLN F 42 40.58 5.00 7.54
C GLN F 42 39.22 5.05 8.27
N LYS F 43 39.15 5.87 9.32
CA LYS F 43 37.88 6.14 9.98
C LYS F 43 36.80 6.47 8.93
N ALA F 44 37.16 7.33 7.99
CA ALA F 44 36.22 7.81 6.98
C ALA F 44 35.80 6.70 6.02
N ILE F 45 36.74 5.85 5.64
CA ILE F 45 36.44 4.72 4.77
C ILE F 45 35.49 3.74 5.46
N ASP F 46 35.72 3.49 6.75
CA ASP F 46 34.84 2.61 7.53
C ASP F 46 33.41 3.15 7.64
N GLY F 47 33.29 4.41 8.05
CA GLY F 47 31.98 5.05 8.16
C GLY F 47 31.24 5.10 6.84
N VAL F 48 31.96 5.44 5.77
CA VAL F 48 31.36 5.49 4.43
C VAL F 48 31.01 4.11 3.90
N THR F 49 31.87 3.12 4.14
CA THR F 49 31.55 1.75 3.72
C THR F 49 30.31 1.24 4.45
N ASN F 50 30.27 1.44 5.77
CA ASN F 50 29.09 1.08 6.56
C ASN F 50 27.82 1.78 6.10
N LYS F 51 27.90 3.08 5.88
CA LYS F 51 26.75 3.83 5.38
C LYS F 51 26.14 3.17 4.14
N VAL F 52 26.99 2.83 3.19
CA VAL F 52 26.54 2.22 1.95
C VAL F 52 25.87 0.89 2.25
N ASN F 53 26.53 0.06 3.05
CA ASN F 53 25.96 -1.23 3.43
C ASN F 53 24.62 -1.10 4.15
N SER F 54 24.52 -0.12 5.04
CA SER F 54 23.29 0.13 5.80
C SER F 54 22.13 0.52 4.88
N ILE F 55 22.40 1.36 3.91
CA ILE F 55 21.39 1.77 2.93
C ILE F 55 20.85 0.58 2.15
N ILE F 56 21.76 -0.26 1.66
CA ILE F 56 21.39 -1.47 0.92
C ILE F 56 20.55 -2.42 1.79
N ASP F 57 21.01 -2.70 3.01
CA ASP F 57 20.36 -3.67 3.89
C ASP F 57 18.96 -3.26 4.32
N LYS F 58 18.72 -1.96 4.48
CA LYS F 58 17.38 -1.47 4.79
C LYS F 58 16.39 -1.63 3.63
N MET F 59 16.91 -1.72 2.42
CA MET F 59 16.08 -1.88 1.22
C MET F 59 16.01 -3.32 0.74
N ASN F 60 16.75 -4.23 1.40
CA ASN F 60 16.75 -5.66 1.03
C ASN F 60 15.39 -6.33 1.24
N THR F 61 14.60 -5.78 2.17
CA THR F 61 13.20 -6.19 2.33
C THR F 61 12.35 -5.00 1.89
N GLN F 62 11.50 -5.25 0.90
CA GLN F 62 10.86 -4.19 0.12
C GLN F 62 9.86 -4.86 -0.84
N PHE F 63 8.95 -4.07 -1.41
CA PHE F 63 7.85 -4.64 -2.20
C PHE F 63 8.28 -5.35 -3.48
N GLU F 64 7.61 -6.47 -3.77
CA GLU F 64 7.80 -7.22 -5.01
C GLU F 64 6.47 -7.43 -5.74
N ALA F 65 6.36 -6.81 -6.91
CA ALA F 65 5.16 -6.94 -7.74
C ALA F 65 4.98 -8.38 -8.22
N VAL F 66 3.72 -8.76 -8.44
CA VAL F 66 3.34 -10.10 -8.88
C VAL F 66 2.27 -9.92 -9.96
N GLY F 67 2.44 -10.58 -11.08
CA GLY F 67 1.46 -10.54 -12.15
C GLY F 67 0.17 -11.24 -11.74
N ARG F 68 -0.94 -10.53 -11.86
CA ARG F 68 -2.27 -11.05 -11.57
C ARG F 68 -3.14 -10.73 -12.75
N GLU F 69 -4.05 -11.64 -13.10
CA GLU F 69 -4.94 -11.39 -14.21
C GLU F 69 -6.38 -11.35 -13.77
N PHE F 70 -7.17 -10.59 -14.51
CA PHE F 70 -8.56 -10.31 -14.19
C PHE F 70 -9.33 -10.30 -15.47
N ASN F 71 -10.60 -10.68 -15.40
CA ASN F 71 -11.42 -10.71 -16.59
C ASN F 71 -12.19 -9.42 -16.73
N ASN F 72 -12.90 -9.36 -17.84
CA ASN F 72 -13.65 -8.20 -18.26
C ASN F 72 -14.68 -7.65 -17.28
N LEU F 73 -15.15 -8.45 -16.33
CA LEU F 73 -16.07 -7.98 -15.28
C LEU F 73 -15.42 -7.94 -13.88
N GLU F 74 -14.10 -7.84 -13.87
CA GLU F 74 -13.33 -7.62 -12.66
C GLU F 74 -12.46 -6.36 -12.81
N ARG F 75 -12.96 -5.35 -13.50
CA ARG F 75 -12.18 -4.14 -13.74
C ARG F 75 -11.89 -3.36 -12.46
N ARG F 76 -12.80 -3.37 -11.51
CA ARG F 76 -12.62 -2.62 -10.29
C ARG F 76 -11.45 -3.17 -9.49
N ILE F 77 -11.40 -4.50 -9.34
CA ILE F 77 -10.32 -5.11 -8.57
C ILE F 77 -9.01 -5.08 -9.34
N GLU F 78 -9.09 -5.13 -10.66
CA GLU F 78 -7.90 -5.00 -11.48
C GLU F 78 -7.26 -3.63 -11.22
N ASN F 79 -8.09 -2.59 -11.31
CA ASN F 79 -7.69 -1.23 -11.01
C ASN F 79 -7.15 -1.11 -9.61
N LEU F 80 -7.86 -1.72 -8.66
CA LEU F 80 -7.41 -1.73 -7.28
C LEU F 80 -6.03 -2.37 -7.20
N ASN F 81 -5.86 -3.51 -7.85
CA ASN F 81 -4.56 -4.20 -7.88
C ASN F 81 -3.43 -3.34 -8.46
N LYS F 82 -3.71 -2.70 -9.59
CA LYS F 82 -2.77 -1.83 -10.25
C LYS F 82 -2.33 -0.66 -9.35
N LYS F 83 -3.30 0.11 -8.84
CA LYS F 83 -3.01 1.21 -7.94
C LYS F 83 -2.22 0.74 -6.71
N MET F 84 -2.53 -0.44 -6.20
CA MET F 84 -1.82 -0.92 -5.04
C MET F 84 -0.33 -1.17 -5.34
N GLU F 85 -0.05 -1.77 -6.50
CA GLU F 85 1.33 -2.12 -6.84
C GLU F 85 2.13 -0.89 -7.25
N ASP F 86 1.55 -0.05 -8.10
CA ASP F 86 2.10 1.27 -8.39
C ASP F 86 2.34 2.04 -7.10
N GLY F 87 1.37 2.00 -6.19
CA GLY F 87 1.48 2.68 -4.92
C GLY F 87 2.73 2.32 -4.15
N PHE F 88 3.02 1.03 -4.03
CA PHE F 88 4.22 0.61 -3.30
C PHE F 88 5.51 0.90 -4.05
N LEU F 89 5.47 0.82 -5.38
CA LEU F 89 6.63 1.13 -6.21
C LEU F 89 7.02 2.61 -6.00
N ASP F 90 6.05 3.50 -6.08
CA ASP F 90 6.26 4.93 -5.81
C ASP F 90 6.79 5.20 -4.40
N VAL F 91 6.21 4.58 -3.39
CA VAL F 91 6.71 4.71 -2.04
C VAL F 91 8.17 4.32 -1.94
N TRP F 92 8.52 3.17 -2.52
CA TRP F 92 9.90 2.68 -2.43
C TRP F 92 10.88 3.45 -3.30
N THR F 93 10.43 3.93 -4.46
CA THR F 93 11.26 4.75 -5.32
C THR F 93 11.63 6.03 -4.56
N TYR F 94 10.61 6.62 -3.92
CA TYR F 94 10.79 7.82 -3.09
C TYR F 94 11.78 7.54 -1.96
N ASN F 95 11.56 6.44 -1.24
CA ASN F 95 12.42 6.10 -0.11
C ASN F 95 13.88 6.01 -0.51
N ALA F 96 14.14 5.43 -1.69
CA ALA F 96 15.49 5.22 -2.17
C ALA F 96 16.13 6.54 -2.62
N GLU F 97 15.45 7.27 -3.49
CA GLU F 97 15.93 8.54 -3.99
C GLU F 97 16.20 9.53 -2.85
N LEU F 98 15.25 9.65 -1.94
CA LEU F 98 15.38 10.61 -0.85
C LEU F 98 16.52 10.24 0.10
N LEU F 99 16.65 8.96 0.43
CA LEU F 99 17.69 8.55 1.37
C LEU F 99 19.08 8.81 0.78
N VAL F 100 19.21 8.61 -0.51
CA VAL F 100 20.46 8.88 -1.20
C VAL F 100 20.78 10.37 -1.17
N LEU F 101 19.78 11.20 -1.46
CA LEU F 101 19.98 12.66 -1.43
C LEU F 101 20.39 13.08 -0.05
N MET F 102 19.66 12.62 0.95
CA MET F 102 19.96 13.01 2.32
C MET F 102 21.32 12.50 2.76
N GLU F 103 21.66 11.27 2.43
CA GLU F 103 22.93 10.71 2.90
C GLU F 103 24.14 11.25 2.13
N ASN F 104 23.93 11.61 0.86
CA ASN F 104 24.93 12.32 0.10
C ASN F 104 25.33 13.65 0.76
N GLU F 105 24.31 14.43 1.15
CA GLU F 105 24.54 15.67 1.85
C GLU F 105 25.39 15.39 3.08
N ARG F 106 24.98 14.42 3.86
CA ARG F 106 25.70 14.09 5.09
C ARG F 106 27.12 13.59 4.81
N THR F 107 27.33 12.89 3.70
CA THR F 107 28.64 12.35 3.37
C THR F 107 29.64 13.48 3.07
N LEU F 108 29.22 14.48 2.31
CA LEU F 108 30.09 15.60 2.00
C LEU F 108 30.43 16.37 3.26
N ASP F 109 29.44 16.59 4.13
CA ASP F 109 29.68 17.27 5.41
C ASP F 109 30.57 16.46 6.35
N PHE F 110 30.49 15.14 6.23
CA PHE F 110 31.28 14.27 7.08
C PHE F 110 32.75 14.44 6.72
N HIS F 111 33.03 14.45 5.42
CA HIS F 111 34.38 14.72 4.92
C HIS F 111 34.88 16.08 5.37
N ASP F 112 34.01 17.08 5.28
CA ASP F 112 34.34 18.46 5.66
C ASP F 112 34.69 18.53 7.14
N SER F 113 33.89 17.85 7.96
CA SER F 113 34.15 17.75 9.40
C SER F 113 35.50 17.11 9.68
N ASN F 114 35.77 16.00 9.00
CA ASN F 114 37.04 15.30 9.19
C ASN F 114 38.27 16.17 8.87
N VAL F 115 38.19 16.94 7.78
CA VAL F 115 39.29 17.84 7.41
C VAL F 115 39.52 18.85 8.54
N LYS F 116 38.43 19.47 8.99
CA LYS F 116 38.46 20.46 10.05
C LYS F 116 39.05 19.93 11.36
N ASN F 117 38.60 18.75 11.79
CA ASN F 117 39.13 18.14 13.02
C ASN F 117 40.64 17.88 12.89
N LEU F 118 41.07 17.51 11.69
CA LEU F 118 42.49 17.27 11.42
C LEU F 118 43.29 18.57 11.49
N TYR F 119 42.74 19.64 10.93
CA TYR F 119 43.33 20.97 11.03
C TYR F 119 43.47 21.38 12.49
N ASP F 120 42.42 21.10 13.28
CA ASP F 120 42.41 21.45 14.69
C ASP F 120 43.40 20.62 15.51
N LYS F 121 43.52 19.34 15.19
CA LYS F 121 44.45 18.44 15.89
C LYS F 121 45.88 18.98 15.81
N VAL F 122 46.24 19.46 14.63
CA VAL F 122 47.52 20.11 14.38
C VAL F 122 47.61 21.43 15.11
N ARG F 123 46.58 22.26 14.95
CA ARG F 123 46.56 23.58 15.57
C ARG F 123 46.83 23.52 17.06
N LEU F 124 46.08 22.65 17.75
CA LEU F 124 46.15 22.58 19.21
C LEU F 124 47.50 22.11 19.72
N GLN F 125 48.19 21.29 18.92
CA GLN F 125 49.54 20.85 19.27
C GLN F 125 50.58 21.97 19.19
N LEU F 126 50.43 22.85 18.21
CA LEU F 126 51.39 23.91 17.96
C LEU F 126 51.18 25.10 18.86
N ARG F 127 49.97 25.64 18.89
CA ARG F 127 49.65 26.86 19.66
C ARG F 127 50.57 28.04 19.28
N ASP F 128 51.49 28.39 20.18
CA ASP F 128 52.39 29.53 19.97
C ASP F 128 53.46 29.22 18.91
N ASN F 129 53.97 27.99 18.91
CA ASN F 129 55.15 27.63 18.12
C ASN F 129 54.99 27.73 16.59
N ALA F 130 53.76 27.99 16.13
CA ALA F 130 53.51 28.27 14.71
C ALA F 130 52.55 29.45 14.53
N LYS F 131 52.54 29.98 13.32
CA LYS F 131 51.69 31.11 12.94
C LYS F 131 50.49 30.59 12.14
N GLU F 132 49.28 31.07 12.48
CA GLU F 132 48.07 30.65 11.76
C GLU F 132 47.83 31.58 10.57
N LEU F 133 48.17 31.09 9.38
CA LEU F 133 48.06 31.88 8.14
C LEU F 133 46.62 32.14 7.68
N GLY F 134 45.73 31.18 7.93
CA GLY F 134 44.30 31.32 7.58
C GLY F 134 43.91 30.61 6.30
N ASN F 135 44.87 29.99 5.64
CA ASN F 135 44.64 29.31 4.37
C ASN F 135 44.71 27.78 4.48
N GLY F 136 44.99 27.28 5.68
CA GLY F 136 45.20 25.86 5.91
C GLY F 136 46.60 25.51 6.35
N CYS F 137 47.51 26.49 6.34
CA CYS F 137 48.92 26.27 6.65
C CYS F 137 49.36 26.92 7.96
N PHE F 138 50.40 26.35 8.56
CA PHE F 138 50.97 26.89 9.79
C PHE F 138 52.44 27.25 9.59
N GLU F 139 52.73 28.54 9.47
CA GLU F 139 54.11 29.02 9.31
C GLU F 139 54.87 28.89 10.63
N PHE F 140 55.94 28.11 10.60
CA PHE F 140 56.75 27.82 11.79
C PHE F 140 57.66 29.00 12.17
N TYR F 141 57.69 29.29 13.46
CA TYR F 141 58.70 30.19 14.01
C TYR F 141 60.07 29.52 13.98
N HIS F 142 60.13 28.28 14.49
CA HIS F 142 61.37 27.51 14.48
C HIS F 142 61.51 26.68 13.21
N ARG F 143 62.59 25.91 13.12
CA ARG F 143 62.84 25.01 11.99
C ARG F 143 62.35 23.62 12.35
N CYS F 144 61.41 23.10 11.58
CA CYS F 144 60.87 21.77 11.83
C CYS F 144 61.58 20.78 10.91
N ASP F 145 62.39 19.91 11.52
CA ASP F 145 63.08 18.85 10.78
C ASP F 145 62.11 17.80 10.22
N ASN F 146 62.63 16.92 9.37
CA ASN F 146 61.93 15.72 8.92
C ASN F 146 61.39 14.89 10.09
N GLU F 147 62.14 14.85 11.20
CA GLU F 147 61.70 14.15 12.42
C GLU F 147 60.56 14.94 13.07
N CYS F 148 60.79 16.23 13.26
CA CYS F 148 59.81 17.16 13.83
C CYS F 148 58.45 17.08 13.13
N MET F 149 58.46 17.03 11.79
CA MET F 149 57.24 16.97 10.99
C MET F 149 56.47 15.66 11.18
N GLU F 150 57.21 14.57 11.47
CA GLU F 150 56.59 13.25 11.63
C GLU F 150 55.92 13.07 12.99
N SER F 151 56.42 13.79 13.99
CA SER F 151 55.82 13.79 15.33
C SER F 151 54.44 14.45 15.28
N VAL F 152 54.28 15.41 14.37
CA VAL F 152 53.01 16.10 14.18
C VAL F 152 51.96 15.13 13.63
N ARG F 153 52.34 14.32 12.64
CA ARG F 153 51.41 13.34 12.06
C ARG F 153 51.10 12.23 13.07
N ASN F 154 52.10 11.82 13.84
CA ASN F 154 51.93 10.87 14.95
C ASN F 154 50.93 11.40 15.98
N GLY F 155 50.97 12.71 16.22
CA GLY F 155 50.27 13.32 17.33
C GLY F 155 51.14 13.30 18.56
N THR F 156 52.45 13.53 18.37
CA THR F 156 53.42 13.47 19.46
C THR F 156 54.35 14.67 19.44
N TYR F 157 53.81 15.83 19.08
CA TYR F 157 54.62 17.05 19.01
C TYR F 157 54.97 17.57 20.41
N ASP F 158 56.25 17.53 20.75
CA ASP F 158 56.73 17.99 22.05
C ASP F 158 56.79 19.53 22.05
N TYR F 159 55.71 20.16 22.51
CA TYR F 159 55.62 21.62 22.55
C TYR F 159 56.64 22.28 23.50
N PRO F 160 56.74 21.80 24.77
CA PRO F 160 57.65 22.42 25.75
C PRO F 160 59.10 22.60 25.27
N GLN F 161 59.54 21.72 24.38
CA GLN F 161 60.87 21.80 23.79
C GLN F 161 61.09 23.10 23.01
N TYR F 162 60.19 23.37 22.07
CA TYR F 162 60.39 24.44 21.07
C TYR F 162 60.07 25.87 21.55
N SER F 163 59.31 26.00 22.64
CA SER F 163 58.99 27.33 23.19
C SER F 163 60.05 27.78 24.21
C1 NAG G . -55.37 2.21 -11.01
C2 NAG G . -54.94 0.76 -11.27
C3 NAG G . -54.52 0.01 -10.00
C4 NAG G . -53.57 0.88 -9.16
C5 NAG G . -54.25 2.23 -8.91
C6 NAG G . -53.44 3.14 -7.99
C7 NAG G . -56.10 -0.77 -12.80
C8 NAG G . -57.43 -1.37 -13.17
N2 NAG G . -56.12 0.08 -11.77
O1 NAG G . -55.44 2.87 -12.26
O3 NAG G . -53.92 -1.23 -10.37
O4 NAG G . -53.25 0.24 -7.92
O5 NAG G . -54.44 2.88 -10.16
O6 NAG G . -52.20 3.47 -8.61
O7 NAG G . -55.07 -1.05 -13.40
C1 GAL G . -51.91 -0.30 -7.87
C2 GAL G . -51.54 -0.55 -6.40
C3 GAL G . -50.27 -1.38 -6.25
C4 GAL G . -50.26 -2.58 -7.21
C5 GAL G . -50.57 -2.12 -8.62
C6 GAL G . -50.53 -3.26 -9.65
O2 GAL G . -51.36 0.72 -5.76
O3 GAL G . -50.13 -1.83 -4.89
O4 GAL G . -51.23 -3.56 -6.80
O5 GAL G . -51.85 -1.50 -8.63
O6 GAL G . -51.12 -2.79 -10.87
C1 SIA G . -49.21 -1.51 -11.70
C2 SIA G . -50.25 -2.59 -11.99
C3 SIA G . -51.11 -2.18 -13.19
C4 SIA G . -50.27 -2.17 -14.46
C5 SIA G . -49.66 -3.55 -14.64
C6 SIA G . -48.80 -3.90 -13.44
C7 SIA G . -48.19 -5.28 -13.52
C8 SIA G . -47.57 -5.76 -12.20
C9 SIA G . -46.75 -7.02 -12.46
C10 SIA G . -48.64 -4.46 -16.64
C11 SIA G . -47.74 -4.21 -17.82
N5 SIA G . -48.82 -3.45 -15.81
O1A SIA G . -49.52 -0.32 -11.88
O1B SIA G . -48.06 -1.85 -11.31
O4 SIA G . -51.05 -1.81 -15.61
O6 SIA G . -49.64 -3.86 -12.27
O7 SIA G . -49.22 -6.20 -13.91
O8 SIA G . -46.74 -4.75 -11.61
O9 SIA G . -46.09 -7.49 -11.27
O10 SIA G . -49.15 -5.55 -16.45
C1 NAG H . -29.12 -47.18 11.03
C2 NAG H . -29.80 -46.58 9.79
C3 NAG H . -28.84 -46.31 8.63
C4 NAG H . -27.46 -45.80 9.09
C5 NAG H . -26.95 -46.54 10.34
C6 NAG H . -25.60 -45.97 10.80
C7 NAG H . -31.77 -47.36 8.50
C8 NAG H . -32.60 -48.55 8.12
N2 NAG H . -30.74 -47.61 9.32
O1 NAG H . -30.01 -47.12 12.14
O3 NAG H . -29.43 -45.34 7.76
O4 NAG H . -26.49 -45.99 8.04
O5 NAG H . -27.94 -46.44 11.35
O6 NAG H . -25.64 -45.58 12.19
O7 NAG H . -32.02 -46.24 8.08
C1 GAL H . -26.20 -44.78 7.33
C2 GAL H . -24.90 -44.93 6.52
C3 GAL H . -24.73 -43.82 5.49
C4 GAL H . -26.02 -43.51 4.73
C5 GAL H . -27.15 -43.32 5.74
C6 GAL H . -28.49 -42.94 5.11
O2 GAL H . -23.79 -44.89 7.41
O3 GAL H . -23.68 -44.19 4.59
O4 GAL H . -26.36 -44.56 3.80
O5 GAL H . -27.31 -44.53 6.47
O6 GAL H . -29.46 -42.91 6.16
C1 SIA H . -28.83 -40.78 7.24
C2 SIA H . -29.92 -41.62 6.57
C3 SIA H . -31.04 -41.91 7.58
C4 SIA H . -31.86 -40.65 7.85
C5 SIA H . -32.36 -40.07 6.53
C6 SIA H . -31.14 -39.75 5.66
C7 SIA H . -31.39 -39.11 4.30
C8 SIA H . -30.09 -38.91 3.50
C9 SIA H . -30.35 -37.97 2.33
C10 SIA H . -34.00 -38.28 6.22
C11 SIA H . -34.55 -37.03 6.85
N5 SIA H . -33.05 -38.86 6.93
O1A SIA H . -28.39 -41.12 8.38
O1B SIA H . -28.41 -39.76 6.65
O4 SIA H . -32.94 -40.97 8.73
O6 SIA H . -30.45 -40.96 5.41
O7 SIA H . -32.30 -39.92 3.53
O8 SIA H . -29.04 -38.36 4.30
O9 SIA H . -29.21 -37.91 1.45
O10 SIA H . -34.40 -38.70 5.15
C1 NAG I . -18.59 -29.61 -44.62
C2 NAG I . -18.48 -29.71 -43.11
C3 NAG I . -18.43 -28.32 -42.44
C4 NAG I . -17.72 -27.22 -43.25
C5 NAG I . -17.48 -27.51 -44.75
C6 NAG I . -16.15 -26.91 -45.23
C7 NAG I . -20.94 -30.32 -42.62
C8 NAG I . -21.56 -29.23 -43.44
N2 NAG I . -19.60 -30.47 -42.52
O1 NAG I . -18.64 -30.91 -45.21
O3 NAG I . -17.76 -28.44 -41.19
O4 NAG I . -18.49 -26.00 -43.14
O5 NAG I . -17.45 -28.91 -45.07
O6 NAG I . -15.90 -25.65 -44.60
O7 NAG I . -21.66 -31.10 -42.02
C1 GAL I . -18.59 -25.44 -41.81
C2 GAL I . -18.76 -23.92 -41.87
C3 GAL I . -18.95 -23.33 -40.48
C4 GAL I . -20.00 -24.09 -39.68
C5 GAL I . -19.73 -25.60 -39.73
C6 GAL I . -20.75 -26.46 -38.96
O2 GAL I . -17.61 -23.34 -42.50
O3 GAL I . -19.32 -21.93 -40.58
O4 GAL I . -21.30 -23.80 -40.20
O5 GAL I . -19.71 -25.98 -41.11
O6 GAL I . -20.51 -27.85 -39.16
C1 SIA I . -18.58 -27.91 -37.68
C2 SIA I . -19.89 -28.58 -38.09
C3 SIA I . -19.62 -29.99 -38.57
C4 SIA I . -19.13 -30.87 -37.43
C5 SIA I . -20.15 -30.84 -36.31
C6 SIA I . -20.36 -29.41 -35.86
C7 SIA I . -21.40 -29.25 -34.75
C8 SIA I . -21.63 -27.79 -34.43
C9 SIA I . -22.40 -27.64 -33.13
C10 SIA I . -20.36 -32.38 -34.42
C11 SIA I . -19.67 -33.18 -33.35
N5 SIA I . -19.59 -31.66 -35.23
O1A SIA I . -17.59 -28.04 -38.44
O1B SIA I . -18.52 -27.25 -36.62
O4 SIA I . -18.95 -32.23 -37.83
O6 SIA I . -20.79 -28.64 -36.98
O7 SIA I . -22.62 -29.85 -35.16
O8 SIA I . -20.39 -27.07 -34.27
O9 SIA I . -22.81 -26.27 -33.01
O10 SIA I . -21.57 -32.39 -34.51
C1 NAG J . 5.87 43.98 11.01
C2 NAG J . 4.47 44.32 11.50
C3 NAG J . 3.53 44.34 10.32
C4 NAG J . 4.02 45.41 9.34
C5 NAG J . 5.49 45.19 8.99
C6 NAG J . 6.06 46.38 8.23
C7 NAG J . 3.42 43.75 13.64
C8 NAG J . 3.20 45.19 13.95
N2 NAG J . 4.01 43.38 12.51
O3 NAG J . 2.25 44.65 10.78
O4 NAG J . 3.20 45.33 8.19
O5 NAG J . 6.30 45.02 10.14
O6 NAG J . 6.98 45.93 7.26
O7 NAG J . 3.03 42.93 14.47
C1 NAG K . 2.35 26.41 19.82
C2 NAG K . 0.93 26.73 19.30
C3 NAG K . -0.19 26.31 20.26
C4 NAG K . 0.02 24.91 20.83
C5 NAG K . 1.43 24.86 21.41
C6 NAG K . 1.71 23.51 22.06
C7 NAG K . 0.16 29.19 19.34
C8 NAG K . -0.38 29.22 20.75
N2 NAG K . 0.73 28.09 18.77
O3 NAG K . -1.46 26.45 19.66
O4 NAG K . -0.94 24.62 21.82
O5 NAG K . 2.32 25.09 20.36
O6 NAG K . 3.00 23.08 21.67
O7 NAG K . 0.09 30.25 18.70
C1 NAG L . -23.13 -6.68 -39.28
C2 NAG L . -22.69 -8.14 -39.37
C3 NAG L . -21.45 -8.30 -40.24
C4 NAG L . -21.63 -7.70 -41.64
C5 NAG L . -22.26 -6.30 -41.60
C6 NAG L . -22.92 -6.05 -42.95
C7 NAG L . -22.87 -9.82 -37.61
C8 NAG L . -22.39 -10.31 -36.27
N2 NAG L . -22.34 -8.70 -38.08
O3 NAG L . -21.23 -9.69 -40.33
O4 NAG L . -20.37 -7.64 -42.32
O5 NAG L . -23.23 -6.07 -40.56
O6 NAG L . -23.49 -4.76 -43.01
O7 NAG L . -23.74 -10.46 -38.20
P PO4 M . -43.44 -8.69 -33.10
O1 PO4 M . -43.59 -10.18 -33.22
O2 PO4 M . -43.97 -8.00 -34.34
O3 PO4 M . -41.98 -8.35 -32.95
O4 PO4 M . -44.24 -8.22 -31.90
P PO4 N . -29.15 -0.62 -8.27
O1 PO4 N . -30.36 -0.19 -7.48
O2 PO4 N . -27.94 -0.73 -7.37
O3 PO4 N . -28.89 0.42 -9.33
O4 PO4 N . -29.41 -1.98 -8.90
C1 NAG O . 27.38 -6.29 18.02
C2 NAG O . 26.54 -7.26 18.87
C3 NAG O . 26.49 -8.68 18.28
C4 NAG O . 26.56 -8.75 16.76
C5 NAG O . 27.60 -7.77 16.22
C6 NAG O . 27.68 -7.80 14.70
C7 NAG O . 26.94 -8.17 21.20
C8 NAG O . 27.49 -7.86 22.57
N2 NAG O . 27.01 -7.20 20.27
O3 NAG O . 25.31 -9.34 18.69
O4 NAG O . 26.89 -10.06 16.37
O5 NAG O . 27.18 -6.49 16.63
O6 NAG O . 27.74 -6.47 14.22
O7 NAG O . 26.47 -9.30 21.02
C1 NAG P . -44.36 -5.90 9.09
C2 NAG P . -44.81 -5.35 7.73
C3 NAG P . -45.11 -3.84 7.77
C4 NAG P . -46.03 -3.49 8.94
C5 NAG P . -45.31 -3.97 10.19
C6 NAG P . -46.07 -3.61 11.47
C7 NAG P . -44.02 -6.16 5.56
C8 NAG P . -42.86 -6.36 4.62
N2 NAG P . -43.77 -5.61 6.75
O3 NAG P . -45.66 -3.42 6.54
O4 NAG P . -46.33 -2.09 8.99
O5 NAG P . -45.20 -5.38 10.11
O6 NAG P . -47.28 -4.32 11.55
O7 NAG P . -45.14 -6.51 5.21
P PO4 Q . -47.71 -26.51 6.83
O1 PO4 Q . -47.70 -26.53 5.31
O2 PO4 Q . -46.89 -25.35 7.33
O3 PO4 Q . -47.13 -27.82 7.34
O4 PO4 Q . -49.13 -26.37 7.32
P PO4 R . -17.91 -24.33 5.65
O1 PO4 R . -16.92 -23.52 4.84
O2 PO4 R . -19.29 -23.89 5.25
O3 PO4 R . -17.67 -24.07 7.12
O4 PO4 R . -17.76 -25.80 5.35
C1 NAG S . 42.34 9.77 -14.35
C2 NAG S . 42.58 9.21 -15.76
C3 NAG S . 42.82 7.71 -15.71
C4 NAG S . 43.94 7.38 -14.74
C5 NAG S . 43.62 7.96 -13.38
C6 NAG S . 44.73 7.63 -12.39
C7 NAG S . 41.41 10.58 -17.43
C8 NAG S . 40.22 10.72 -18.33
N2 NAG S . 41.49 9.48 -16.68
O3 NAG S . 43.14 7.25 -17.00
O4 NAG S . 44.06 5.98 -14.64
O5 NAG S . 43.40 9.36 -13.48
O6 NAG S . 44.91 8.65 -11.42
O7 NAG S . 42.25 11.48 -17.41
C1 NAG T . 23.07 18.57 -14.37
C2 NAG T . 22.85 17.52 -15.46
C3 NAG T . 22.19 18.20 -16.66
C4 NAG T . 20.83 18.69 -16.20
C5 NAG T . 21.06 19.68 -15.05
C6 NAG T . 19.76 20.22 -14.49
C7 NAG T . 24.17 15.55 -16.20
C8 NAG T . 22.98 14.63 -16.04
N2 NAG T . 24.06 16.86 -15.91
O3 NAG T . 22.11 17.34 -17.79
O4 NAG T . 20.12 19.31 -17.25
O5 NAG T . 21.78 19.04 -14.01
O6 NAG T . 20.06 20.95 -13.32
O7 NAG T . 25.24 15.06 -16.58
C1 NAG U . -10.78 -44.45 -3.85
C2 NAG U . -11.80 -44.42 -2.70
C3 NAG U . -11.18 -44.72 -1.35
C4 NAG U . -10.35 -45.99 -1.37
C5 NAG U . -9.35 -45.84 -2.51
C6 NAG U . -8.40 -47.03 -2.59
C7 NAG U . -13.65 -42.86 -3.13
C8 NAG U . -14.22 -41.48 -2.92
N2 NAG U . -12.46 -43.13 -2.58
O3 NAG U . -12.21 -44.82 -0.39
O4 NAG U . -9.68 -46.17 -0.14
O5 NAG U . -10.04 -45.66 -3.74
O6 NAG U . -9.08 -48.22 -2.27
O7 NAG U . -14.29 -43.67 -3.78
C1 NAG V . 27.50 -11.72 -15.54
C2 NAG V . 27.77 -13.23 -15.62
C3 NAG V . 29.25 -13.59 -15.46
C4 NAG V . 30.08 -12.65 -16.33
C5 NAG V . 29.87 -11.25 -15.77
C6 NAG V . 30.82 -10.22 -16.37
C7 NAG V . 25.95 -14.71 -14.88
C8 NAG V . 25.24 -15.32 -13.71
N2 NAG V . 27.00 -13.91 -14.60
O3 NAG V . 29.44 -14.94 -15.84
O4 NAG V . 31.44 -13.03 -16.32
O5 NAG V . 28.54 -10.88 -16.03
O6 NAG V . 30.66 -10.20 -17.78
O7 NAG V . 25.56 -14.92 -16.03
P PO4 W . 24.60 -0.34 -15.41
O1 PO4 W . 24.77 -1.34 -16.54
O2 PO4 W . 23.16 0.06 -15.28
O3 PO4 W . 25.38 0.91 -15.74
O4 PO4 W . 25.11 -0.95 -14.12
#